data_2LQJ
#
_entry.id   2LQJ
#
_entity_poly.entity_id   1
_entity_poly.type   'polypeptide(L)'
_entity_poly.pdbx_seq_one_letter_code
;VEDEGLQPYQVRVICRPKAETYVRAHIVQRTSSNDITLRGIRTGPAGDDNITLTAHLLMVGHTPAKLERLVAELSLQPGV
YAVHWYAGEHAQAE
;
_entity_poly.pdbx_strand_id   A
#
# COMPACT_ATOMS: atom_id res chain seq x y z
N VAL A 1 -7.58 0.27 -22.48
CA VAL A 1 -8.20 -0.72 -21.61
C VAL A 1 -8.49 -0.13 -20.23
N GLU A 2 -9.71 -0.33 -19.75
CA GLU A 2 -10.10 0.15 -18.43
C GLU A 2 -9.86 -0.97 -17.43
N ASP A 3 -9.72 -0.61 -16.17
CA ASP A 3 -9.47 -1.60 -15.16
C ASP A 3 -10.62 -1.67 -14.18
N GLU A 4 -11.54 -2.57 -14.45
CA GLU A 4 -12.68 -2.83 -13.56
C GLU A 4 -12.66 -4.32 -13.23
N GLY A 5 -11.48 -4.79 -13.28
CA GLY A 5 -11.18 -6.16 -12.99
C GLY A 5 -10.00 -6.24 -12.07
N LEU A 6 -9.51 -5.09 -11.70
CA LEU A 6 -8.44 -4.93 -10.80
C LEU A 6 -8.90 -3.85 -9.90
N GLN A 7 -9.32 -4.21 -8.73
CA GLN A 7 -9.90 -3.26 -7.82
C GLN A 7 -8.85 -2.39 -7.19
N PRO A 8 -9.07 -1.07 -7.25
CA PRO A 8 -8.16 -0.12 -6.68
C PRO A 8 -8.21 -0.14 -5.17
N TYR A 9 -7.11 -0.42 -4.59
CA TYR A 9 -6.97 -0.37 -3.17
C TYR A 9 -5.82 0.51 -2.85
N GLN A 10 -5.97 1.33 -1.87
CA GLN A 10 -4.90 2.16 -1.46
C GLN A 10 -4.43 1.68 -0.12
N VAL A 11 -3.20 1.43 -0.02
CA VAL A 11 -2.64 0.99 1.21
C VAL A 11 -1.79 2.12 1.76
N ARG A 12 -2.19 2.68 2.87
CA ARG A 12 -1.44 3.75 3.44
C ARG A 12 -0.73 3.28 4.70
N VAL A 13 0.56 3.34 4.66
CA VAL A 13 1.39 2.95 5.76
C VAL A 13 2.20 4.15 6.24
N ILE A 14 2.11 4.43 7.50
CA ILE A 14 2.81 5.54 8.09
C ILE A 14 4.03 4.98 8.79
N CYS A 15 5.19 5.31 8.33
CA CYS A 15 6.39 4.78 8.93
C CYS A 15 7.51 5.78 8.91
N ARG A 16 8.57 5.45 9.61
CA ARG A 16 9.82 6.22 9.61
C ARG A 16 10.38 6.32 8.18
N PRO A 17 10.95 7.47 7.78
CA PRO A 17 11.56 7.64 6.43
C PRO A 17 12.66 6.62 6.15
N LYS A 18 13.32 6.16 7.19
CA LYS A 18 14.35 5.17 7.05
C LYS A 18 13.74 3.82 6.71
N ALA A 19 12.48 3.67 7.03
CA ALA A 19 11.78 2.45 6.79
C ALA A 19 11.18 2.50 5.43
N GLU A 20 10.68 3.70 5.09
CA GLU A 20 10.04 4.04 3.80
C GLU A 20 10.87 3.51 2.63
N THR A 21 12.18 3.61 2.79
CA THR A 21 13.13 3.20 1.80
C THR A 21 12.99 1.70 1.45
N TYR A 22 12.94 0.85 2.46
CA TYR A 22 12.80 -0.56 2.20
C TYR A 22 11.35 -0.97 2.09
N VAL A 23 10.46 -0.19 2.71
CA VAL A 23 9.04 -0.48 2.66
C VAL A 23 8.52 -0.28 1.25
N ARG A 24 8.95 0.77 0.57
CA ARG A 24 8.45 1.05 -0.75
C ARG A 24 8.94 -0.01 -1.74
N ALA A 25 10.16 -0.49 -1.53
CA ALA A 25 10.71 -1.56 -2.35
C ALA A 25 9.98 -2.87 -2.04
N HIS A 26 9.66 -3.06 -0.77
CA HIS A 26 8.95 -4.24 -0.32
C HIS A 26 7.54 -4.26 -0.92
N ILE A 27 6.92 -3.09 -1.01
CA ILE A 27 5.60 -2.99 -1.60
C ILE A 27 5.63 -3.41 -3.05
N VAL A 28 6.58 -2.89 -3.80
CA VAL A 28 6.62 -3.16 -5.23
C VAL A 28 6.95 -4.63 -5.52
N GLN A 29 7.77 -5.25 -4.69
CA GLN A 29 8.11 -6.63 -4.90
C GLN A 29 7.00 -7.57 -4.42
N ARG A 30 6.26 -7.14 -3.41
CA ARG A 30 5.15 -7.94 -2.95
C ARG A 30 4.02 -7.91 -3.93
N THR A 31 3.68 -6.74 -4.40
CA THR A 31 2.56 -6.58 -5.30
C THR A 31 2.77 -7.31 -6.62
N SER A 32 3.99 -7.22 -7.16
CA SER A 32 4.31 -7.84 -8.42
C SER A 32 4.28 -9.37 -8.34
N SER A 33 4.49 -9.90 -7.15
CA SER A 33 4.45 -11.32 -6.96
C SER A 33 3.04 -11.78 -6.48
N ASN A 34 2.23 -10.83 -6.02
CA ASN A 34 0.94 -11.15 -5.43
C ASN A 34 -0.22 -10.94 -6.44
N ASP A 35 0.13 -10.62 -7.70
CA ASP A 35 -0.84 -10.38 -8.80
C ASP A 35 -1.48 -9.01 -8.68
N ILE A 36 -0.82 -8.14 -7.97
CA ILE A 36 -1.30 -6.81 -7.75
C ILE A 36 -0.54 -5.85 -8.66
N THR A 37 -1.25 -5.03 -9.36
CA THR A 37 -0.66 -4.06 -10.25
C THR A 37 -0.59 -2.71 -9.52
N LEU A 38 0.45 -1.96 -9.73
CA LEU A 38 0.60 -0.69 -9.04
C LEU A 38 0.17 0.45 -9.94
N ARG A 39 -0.44 1.42 -9.34
CA ARG A 39 -0.77 2.66 -10.01
C ARG A 39 0.36 3.62 -9.76
N GLY A 40 0.68 3.75 -8.51
CA GLY A 40 1.75 4.60 -8.07
C GLY A 40 1.75 4.68 -6.59
N ILE A 41 2.81 5.16 -6.03
CA ILE A 41 2.90 5.28 -4.60
C ILE A 41 3.12 6.73 -4.24
N ARG A 42 2.24 7.27 -3.46
CA ARG A 42 2.34 8.63 -3.05
C ARG A 42 3.01 8.61 -1.69
N THR A 43 4.20 9.11 -1.63
CA THR A 43 4.96 9.10 -0.42
C THR A 43 5.08 10.55 0.09
N GLY A 44 4.63 10.81 1.29
CA GLY A 44 4.69 12.15 1.82
C GLY A 44 4.92 12.19 3.31
N PRO A 45 5.72 13.15 3.80
CA PRO A 45 5.96 13.31 5.24
C PRO A 45 4.69 13.76 5.95
N ALA A 46 4.27 13.02 6.93
CA ALA A 46 3.03 13.34 7.58
C ALA A 46 3.13 13.17 9.07
N GLY A 47 3.84 14.06 9.69
CA GLY A 47 3.94 14.06 11.09
C GLY A 47 5.20 14.73 11.54
N ASP A 48 6.07 13.96 12.07
CA ASP A 48 7.33 14.47 12.62
C ASP A 48 8.51 13.66 12.09
N ASP A 49 8.42 12.36 12.27
CA ASP A 49 9.42 11.40 11.84
C ASP A 49 8.76 10.35 11.04
N ASN A 50 7.69 10.74 10.44
CA ASN A 50 6.86 9.83 9.73
C ASN A 50 6.46 10.29 8.40
N ILE A 51 6.33 9.34 7.56
CA ILE A 51 5.97 9.51 6.19
C ILE A 51 4.87 8.50 5.91
N THR A 52 3.86 8.91 5.21
CA THR A 52 2.80 8.04 4.86
C THR A 52 2.94 7.64 3.40
N LEU A 53 3.11 6.37 3.18
CA LEU A 53 3.20 5.85 1.84
C LEU A 53 1.82 5.39 1.48
N THR A 54 1.22 6.04 0.54
CA THR A 54 -0.05 5.63 0.06
C THR A 54 0.16 4.93 -1.27
N ALA A 55 0.05 3.64 -1.26
CA ALA A 55 0.26 2.85 -2.43
C ALA A 55 -1.06 2.58 -3.08
N HIS A 56 -1.24 3.09 -4.27
CA HIS A 56 -2.45 2.88 -5.01
C HIS A 56 -2.24 1.63 -5.83
N LEU A 57 -2.97 0.62 -5.55
CA LEU A 57 -2.81 -0.65 -6.17
C LEU A 57 -4.10 -1.08 -6.82
N LEU A 58 -3.99 -1.90 -7.81
CA LEU A 58 -5.10 -2.51 -8.49
C LEU A 58 -4.91 -4.00 -8.33
N MET A 59 -5.81 -4.69 -7.70
CA MET A 59 -5.60 -6.11 -7.52
C MET A 59 -6.53 -6.91 -8.40
N VAL A 60 -5.93 -7.77 -9.20
CA VAL A 60 -6.64 -8.67 -10.06
C VAL A 60 -7.32 -9.71 -9.19
N GLY A 61 -8.61 -9.85 -9.33
CA GLY A 61 -9.32 -10.86 -8.55
C GLY A 61 -9.67 -10.42 -7.14
N HIS A 62 -8.64 -10.20 -6.34
CA HIS A 62 -8.72 -9.80 -4.94
C HIS A 62 -8.95 -10.99 -4.02
N THR A 63 -7.89 -11.39 -3.42
CA THR A 63 -7.86 -12.38 -2.41
C THR A 63 -7.46 -11.68 -1.12
N PRO A 64 -8.46 -11.30 -0.31
CA PRO A 64 -8.30 -10.58 0.96
C PRO A 64 -7.15 -11.07 1.83
N ALA A 65 -7.02 -12.37 1.93
CA ALA A 65 -5.98 -12.99 2.75
C ALA A 65 -4.58 -12.67 2.24
N LYS A 66 -4.46 -12.39 0.97
CA LYS A 66 -3.20 -12.01 0.41
C LYS A 66 -2.92 -10.57 0.72
N LEU A 67 -3.92 -9.74 0.51
CA LEU A 67 -3.77 -8.31 0.69
C LEU A 67 -3.49 -8.00 2.17
N GLU A 68 -4.22 -8.70 3.03
CA GLU A 68 -4.06 -8.56 4.48
C GLU A 68 -2.67 -8.97 4.91
N ARG A 69 -2.16 -10.02 4.30
CA ARG A 69 -0.85 -10.53 4.64
C ARG A 69 0.21 -9.50 4.27
N LEU A 70 0.04 -8.90 3.11
CA LEU A 70 0.96 -7.86 2.65
C LEU A 70 0.90 -6.64 3.54
N VAL A 71 -0.29 -6.28 3.95
CA VAL A 71 -0.48 -5.15 4.84
C VAL A 71 0.17 -5.43 6.21
N ALA A 72 0.01 -6.67 6.67
CA ALA A 72 0.62 -7.10 7.92
C ALA A 72 2.14 -7.07 7.81
N GLU A 73 2.66 -7.47 6.65
CA GLU A 73 4.09 -7.43 6.39
C GLU A 73 4.59 -6.02 6.30
N LEU A 74 3.82 -5.15 5.70
CA LEU A 74 4.21 -3.75 5.61
C LEU A 74 4.29 -3.17 6.99
N SER A 75 3.34 -3.54 7.83
CA SER A 75 3.32 -3.11 9.20
C SER A 75 4.46 -3.79 9.99
N LEU A 76 4.85 -4.99 9.54
CA LEU A 76 5.88 -5.80 10.17
C LEU A 76 7.26 -5.17 10.01
N GLN A 77 7.40 -4.28 9.05
CA GLN A 77 8.62 -3.52 8.92
C GLN A 77 8.85 -2.62 10.14
N PRO A 78 10.01 -2.76 10.80
CA PRO A 78 10.33 -2.00 12.00
C PRO A 78 10.44 -0.50 11.73
N GLY A 79 9.44 0.21 12.17
CA GLY A 79 9.41 1.64 11.97
C GLY A 79 8.04 2.14 11.61
N VAL A 80 7.13 1.22 11.34
CA VAL A 80 5.76 1.56 11.05
C VAL A 80 5.03 2.05 12.30
N TYR A 81 4.35 3.15 12.16
CA TYR A 81 3.52 3.69 13.20
C TYR A 81 2.14 3.09 13.08
N ALA A 82 1.65 3.04 11.86
CA ALA A 82 0.31 2.53 11.57
C ALA A 82 0.17 2.22 10.10
N VAL A 83 -0.79 1.40 9.76
CA VAL A 83 -1.09 1.05 8.39
C VAL A 83 -2.59 0.82 8.24
N HIS A 84 -3.13 1.13 7.08
CA HIS A 84 -4.53 0.90 6.81
C HIS A 84 -4.75 0.85 5.30
N TRP A 85 -5.59 -0.05 4.84
CA TRP A 85 -5.93 -0.07 3.43
C TRP A 85 -7.37 0.27 3.24
N TYR A 86 -7.64 0.85 2.12
CA TYR A 86 -8.98 1.30 1.82
C TYR A 86 -9.25 1.07 0.34
N ALA A 87 -10.48 0.71 0.00
CA ALA A 87 -10.86 0.46 -1.38
C ALA A 87 -11.10 1.78 -2.09
N GLY A 88 -10.68 1.87 -3.31
CA GLY A 88 -10.80 3.11 -4.01
C GLY A 88 -9.50 3.89 -3.94
N GLU A 89 -8.92 4.10 -5.08
CA GLU A 89 -7.66 4.81 -5.26
C GLU A 89 -7.78 6.27 -4.83
N HIS A 90 -8.88 6.85 -5.17
CA HIS A 90 -9.16 8.24 -4.90
C HIS A 90 -9.93 8.38 -3.58
N ALA A 91 -9.94 7.28 -2.81
CA ALA A 91 -10.68 7.16 -1.55
C ALA A 91 -12.14 7.40 -1.80
N GLN A 92 -12.72 6.48 -2.51
CA GLN A 92 -14.08 6.60 -2.91
C GLN A 92 -15.00 6.12 -1.80
N ALA A 93 -15.41 7.04 -0.99
CA ALA A 93 -16.36 6.75 0.03
C ALA A 93 -17.71 7.13 -0.52
N GLU A 94 -18.35 6.19 -1.15
CA GLU A 94 -19.60 6.43 -1.81
C GLU A 94 -20.78 5.96 -0.95
N VAL A 1 -13.13 7.68 -13.56
CA VAL A 1 -12.58 6.56 -12.85
C VAL A 1 -11.55 5.90 -13.74
N GLU A 2 -10.65 5.13 -13.17
CA GLU A 2 -9.61 4.52 -13.94
C GLU A 2 -9.34 3.11 -13.44
N ASP A 3 -9.02 2.23 -14.38
CA ASP A 3 -8.72 0.82 -14.15
C ASP A 3 -9.81 0.06 -13.48
N GLU A 4 -10.97 0.10 -14.07
CA GLU A 4 -12.10 -0.66 -13.58
C GLU A 4 -12.01 -2.09 -14.11
N GLY A 5 -11.07 -2.81 -13.62
CA GLY A 5 -10.88 -4.18 -13.98
C GLY A 5 -10.33 -4.91 -12.82
N LEU A 6 -9.33 -4.33 -12.27
CA LEU A 6 -8.68 -4.76 -11.08
C LEU A 6 -9.30 -4.00 -9.96
N GLN A 7 -9.24 -4.53 -8.79
CA GLN A 7 -9.81 -3.88 -7.63
C GLN A 7 -8.81 -2.89 -7.07
N PRO A 8 -9.12 -1.60 -7.14
CA PRO A 8 -8.25 -0.57 -6.64
C PRO A 8 -8.30 -0.44 -5.14
N TYR A 9 -7.18 -0.52 -4.54
CA TYR A 9 -7.02 -0.36 -3.11
C TYR A 9 -5.85 0.53 -2.84
N GLN A 10 -5.98 1.41 -1.93
CA GLN A 10 -4.87 2.26 -1.57
C GLN A 10 -4.42 1.84 -0.22
N VAL A 11 -3.22 1.45 -0.15
CA VAL A 11 -2.65 0.98 1.08
C VAL A 11 -1.63 2.00 1.53
N ARG A 12 -1.90 2.67 2.61
CA ARG A 12 -1.00 3.67 3.10
C ARG A 12 -0.29 3.20 4.36
N VAL A 13 0.99 3.08 4.27
CA VAL A 13 1.81 2.68 5.39
C VAL A 13 2.57 3.88 5.94
N ILE A 14 2.27 4.23 7.16
CA ILE A 14 2.88 5.36 7.82
C ILE A 14 4.09 4.83 8.56
N CYS A 15 5.26 5.31 8.24
CA CYS A 15 6.45 4.78 8.81
C CYS A 15 7.50 5.84 8.96
N ARG A 16 8.54 5.49 9.64
CA ARG A 16 9.73 6.33 9.72
C ARG A 16 10.39 6.38 8.33
N PRO A 17 10.87 7.55 7.89
CA PRO A 17 11.50 7.71 6.56
C PRO A 17 12.66 6.76 6.24
N LYS A 18 13.38 6.29 7.25
CA LYS A 18 14.45 5.34 6.99
C LYS A 18 13.87 4.00 6.56
N ALA A 19 12.65 3.75 6.98
CA ALA A 19 11.99 2.50 6.69
C ALA A 19 11.40 2.59 5.33
N GLU A 20 10.85 3.78 5.02
CA GLU A 20 10.20 4.12 3.75
C GLU A 20 10.99 3.61 2.57
N THR A 21 12.28 3.81 2.63
CA THR A 21 13.16 3.43 1.57
C THR A 21 13.12 1.92 1.29
N TYR A 22 13.22 1.12 2.33
CA TYR A 22 13.22 -0.30 2.12
C TYR A 22 11.81 -0.89 2.09
N VAL A 23 10.85 -0.16 2.66
CA VAL A 23 9.48 -0.62 2.64
C VAL A 23 8.91 -0.45 1.25
N ARG A 24 9.14 0.70 0.62
CA ARG A 24 8.60 0.99 -0.71
C ARG A 24 9.09 -0.02 -1.76
N ALA A 25 10.35 -0.38 -1.69
CA ALA A 25 10.92 -1.33 -2.63
C ALA A 25 10.40 -2.72 -2.36
N HIS A 26 10.06 -2.98 -1.15
CA HIS A 26 9.52 -4.26 -0.79
C HIS A 26 8.07 -4.33 -1.21
N ILE A 27 7.35 -3.21 -1.06
CA ILE A 27 5.95 -3.13 -1.43
C ILE A 27 5.77 -3.46 -2.88
N VAL A 28 6.55 -2.83 -3.73
CA VAL A 28 6.38 -3.01 -5.15
C VAL A 28 6.67 -4.45 -5.56
N GLN A 29 7.64 -5.05 -4.96
CA GLN A 29 7.97 -6.42 -5.30
C GLN A 29 6.96 -7.39 -4.70
N ARG A 30 6.55 -7.13 -3.47
CA ARG A 30 5.68 -8.01 -2.77
C ARG A 30 4.29 -7.98 -3.38
N THR A 31 3.85 -6.82 -3.81
CA THR A 31 2.55 -6.72 -4.40
C THR A 31 2.56 -7.31 -5.79
N SER A 32 3.67 -7.08 -6.51
CA SER A 32 3.84 -7.57 -7.86
C SER A 32 3.72 -9.10 -7.89
N SER A 33 4.24 -9.76 -6.87
CA SER A 33 4.20 -11.20 -6.78
C SER A 33 2.83 -11.73 -6.30
N ASN A 34 2.03 -10.89 -5.66
CA ASN A 34 0.78 -11.34 -5.07
C ASN A 34 -0.45 -11.03 -5.90
N ASP A 35 -0.26 -10.97 -7.23
CA ASP A 35 -1.36 -10.74 -8.24
C ASP A 35 -1.84 -9.31 -8.17
N ILE A 36 -1.03 -8.47 -7.60
CA ILE A 36 -1.37 -7.10 -7.46
C ILE A 36 -0.52 -6.30 -8.45
N THR A 37 -1.11 -5.37 -9.08
CA THR A 37 -0.41 -4.50 -9.98
C THR A 37 -0.48 -3.10 -9.35
N LEU A 38 0.55 -2.32 -9.48
CA LEU A 38 0.54 -1.04 -8.86
C LEU A 38 0.10 0.02 -9.80
N ARG A 39 -0.64 0.97 -9.29
CA ARG A 39 -1.08 2.07 -10.08
C ARG A 39 -0.09 3.20 -9.90
N GLY A 40 0.35 3.35 -8.68
CA GLY A 40 1.33 4.35 -8.34
C GLY A 40 1.65 4.30 -6.88
N ILE A 41 2.68 4.97 -6.48
CA ILE A 41 3.08 5.03 -5.09
C ILE A 41 3.27 6.48 -4.70
N ARG A 42 2.42 6.95 -3.85
CA ARG A 42 2.45 8.30 -3.42
C ARG A 42 3.07 8.41 -2.05
N THR A 43 4.21 9.02 -1.99
CA THR A 43 4.90 9.19 -0.75
C THR A 43 4.61 10.62 -0.22
N GLY A 44 4.20 10.71 1.02
CA GLY A 44 3.91 12.00 1.61
C GLY A 44 4.24 12.05 3.08
N PRO A 45 4.68 13.20 3.60
CA PRO A 45 5.00 13.34 5.04
C PRO A 45 3.74 13.12 5.91
N ALA A 46 3.91 12.55 7.10
CA ALA A 46 2.77 12.28 7.96
C ALA A 46 2.59 13.34 9.05
N GLY A 47 3.49 14.28 9.11
CA GLY A 47 3.32 15.38 10.00
C GLY A 47 4.44 15.57 10.98
N ASP A 48 4.71 14.55 11.76
CA ASP A 48 5.70 14.67 12.83
C ASP A 48 7.10 14.43 12.33
N ASP A 49 7.43 13.19 12.14
CA ASP A 49 8.79 12.78 11.79
C ASP A 49 8.68 11.39 11.19
N ASN A 50 7.71 11.30 10.34
CA ASN A 50 7.24 10.13 9.68
C ASN A 50 6.73 10.48 8.35
N ILE A 51 6.60 9.49 7.57
CA ILE A 51 6.20 9.64 6.20
C ILE A 51 5.26 8.50 5.87
N THR A 52 4.37 8.72 4.96
CA THR A 52 3.43 7.72 4.59
C THR A 52 3.58 7.36 3.13
N LEU A 53 3.63 6.09 2.89
CA LEU A 53 3.68 5.57 1.56
C LEU A 53 2.30 5.08 1.21
N THR A 54 1.63 5.78 0.36
CA THR A 54 0.34 5.39 -0.07
C THR A 54 0.48 4.71 -1.42
N ALA A 55 0.36 3.43 -1.42
CA ALA A 55 0.50 2.67 -2.61
C ALA A 55 -0.86 2.38 -3.17
N HIS A 56 -1.12 2.87 -4.34
CA HIS A 56 -2.38 2.65 -4.96
C HIS A 56 -2.23 1.37 -5.75
N LEU A 57 -2.85 0.36 -5.27
CA LEU A 57 -2.73 -0.94 -5.81
C LEU A 57 -3.98 -1.32 -6.55
N LEU A 58 -3.81 -2.15 -7.52
CA LEU A 58 -4.89 -2.67 -8.29
C LEU A 58 -4.76 -4.19 -8.18
N MET A 59 -5.74 -4.85 -7.67
CA MET A 59 -5.63 -6.27 -7.46
C MET A 59 -6.45 -7.03 -8.44
N VAL A 60 -5.82 -7.95 -9.14
CA VAL A 60 -6.50 -8.80 -10.07
C VAL A 60 -7.18 -9.87 -9.24
N GLY A 61 -8.47 -10.02 -9.38
CA GLY A 61 -9.16 -11.01 -8.62
C GLY A 61 -9.57 -10.51 -7.24
N HIS A 62 -8.56 -10.27 -6.39
CA HIS A 62 -8.71 -9.83 -5.00
C HIS A 62 -8.95 -10.99 -4.07
N THR A 63 -7.88 -11.44 -3.48
CA THR A 63 -7.88 -12.44 -2.51
C THR A 63 -7.44 -11.80 -1.17
N PRO A 64 -8.44 -11.39 -0.36
CA PRO A 64 -8.24 -10.71 0.95
C PRO A 64 -7.15 -11.31 1.81
N ALA A 65 -7.08 -12.63 1.84
CA ALA A 65 -6.09 -13.35 2.63
C ALA A 65 -4.66 -12.99 2.22
N LYS A 66 -4.46 -12.68 0.96
CA LYS A 66 -3.15 -12.31 0.50
C LYS A 66 -2.87 -10.88 0.87
N LEU A 67 -3.87 -10.03 0.74
CA LEU A 67 -3.73 -8.61 1.06
C LEU A 67 -3.50 -8.42 2.56
N GLU A 68 -4.22 -9.19 3.35
CA GLU A 68 -4.13 -9.15 4.81
C GLU A 68 -2.74 -9.61 5.26
N ARG A 69 -2.14 -10.46 4.48
CA ARG A 69 -0.79 -10.90 4.75
C ARG A 69 0.19 -9.78 4.45
N LEU A 70 0.02 -9.17 3.30
CA LEU A 70 0.91 -8.12 2.88
C LEU A 70 0.86 -6.92 3.80
N VAL A 71 -0.32 -6.55 4.23
CA VAL A 71 -0.45 -5.41 5.11
C VAL A 71 0.11 -5.71 6.48
N ALA A 72 0.13 -6.98 6.83
CA ALA A 72 0.66 -7.41 8.08
C ALA A 72 2.17 -7.35 8.05
N GLU A 73 2.76 -7.86 6.98
CA GLU A 73 4.21 -7.85 6.84
C GLU A 73 4.75 -6.46 6.68
N LEU A 74 4.04 -5.63 5.96
CA LEU A 74 4.47 -4.27 5.75
C LEU A 74 4.42 -3.48 7.03
N SER A 75 3.47 -3.77 7.88
CA SER A 75 3.39 -3.06 9.12
C SER A 75 4.27 -3.72 10.18
N LEU A 76 4.66 -4.96 9.92
CA LEU A 76 5.51 -5.73 10.79
C LEU A 76 6.94 -5.23 10.73
N GLN A 77 7.30 -4.63 9.60
CA GLN A 77 8.64 -4.11 9.40
C GLN A 77 8.95 -2.98 10.41
N PRO A 78 10.12 -3.06 11.08
CA PRO A 78 10.50 -2.13 12.15
C PRO A 78 10.60 -0.68 11.69
N GLY A 79 9.66 0.09 12.13
CA GLY A 79 9.64 1.50 11.82
C GLY A 79 8.29 1.97 11.40
N VAL A 80 7.40 1.05 11.14
CA VAL A 80 6.06 1.38 10.75
C VAL A 80 5.19 1.72 11.96
N TYR A 81 4.49 2.82 11.85
CA TYR A 81 3.55 3.23 12.88
C TYR A 81 2.29 2.42 12.71
N ALA A 82 1.77 2.45 11.50
CA ALA A 82 0.51 1.80 11.18
C ALA A 82 0.33 1.72 9.69
N VAL A 83 -0.56 0.85 9.26
CA VAL A 83 -0.91 0.73 7.87
C VAL A 83 -2.44 0.77 7.75
N HIS A 84 -2.92 1.54 6.84
CA HIS A 84 -4.35 1.67 6.62
C HIS A 84 -4.62 1.50 5.16
N TRP A 85 -5.59 0.71 4.82
CA TRP A 85 -5.92 0.58 3.43
C TRP A 85 -7.36 0.90 3.19
N TYR A 86 -7.62 1.43 2.04
CA TYR A 86 -8.96 1.85 1.69
C TYR A 86 -9.26 1.43 0.26
N ALA A 87 -10.47 0.97 0.03
CA ALA A 87 -10.90 0.52 -1.29
C ALA A 87 -11.28 1.69 -2.19
N GLY A 88 -10.93 1.59 -3.45
CA GLY A 88 -11.20 2.65 -4.38
C GLY A 88 -10.27 3.82 -4.17
N GLU A 89 -10.51 4.88 -4.86
CA GLU A 89 -9.69 6.03 -4.71
C GLU A 89 -10.37 6.94 -3.69
N HIS A 90 -10.41 6.43 -2.45
CA HIS A 90 -11.03 7.10 -1.29
C HIS A 90 -12.51 7.29 -1.50
N ALA A 91 -13.07 6.42 -2.35
CA ALA A 91 -14.47 6.40 -2.71
C ALA A 91 -14.89 7.74 -3.28
N GLN A 92 -14.18 8.15 -4.30
CA GLN A 92 -14.47 9.37 -4.99
C GLN A 92 -14.99 9.02 -6.36
N ALA A 93 -16.09 9.60 -6.71
CA ALA A 93 -16.73 9.28 -7.96
C ALA A 93 -16.44 10.32 -9.01
N GLU A 94 -15.61 9.95 -9.95
CA GLU A 94 -15.32 10.79 -11.07
C GLU A 94 -15.76 10.07 -12.31
N VAL A 1 -12.97 3.19 -18.72
CA VAL A 1 -12.76 4.35 -17.86
C VAL A 1 -13.09 3.93 -16.44
N GLU A 2 -12.18 4.24 -15.51
CA GLU A 2 -12.23 3.84 -14.10
C GLU A 2 -11.97 2.35 -13.96
N ASP A 3 -10.87 2.03 -13.30
CA ASP A 3 -10.39 0.66 -13.18
C ASP A 3 -11.25 -0.18 -12.28
N GLU A 4 -11.99 -1.07 -12.87
CA GLU A 4 -12.77 -2.02 -12.11
C GLU A 4 -12.56 -3.41 -12.63
N GLY A 5 -11.50 -3.51 -13.31
CA GLY A 5 -11.04 -4.74 -13.87
C GLY A 5 -10.27 -5.44 -12.81
N LEU A 6 -9.42 -4.69 -12.19
CA LEU A 6 -8.67 -5.06 -11.07
C LEU A 6 -9.13 -4.08 -10.04
N GLN A 7 -9.28 -4.49 -8.82
CA GLN A 7 -9.82 -3.57 -7.86
C GLN A 7 -8.70 -2.76 -7.21
N PRO A 8 -8.76 -1.42 -7.33
CA PRO A 8 -7.81 -0.54 -6.70
C PRO A 8 -8.00 -0.50 -5.20
N TYR A 9 -6.95 -0.75 -4.53
CA TYR A 9 -6.83 -0.63 -3.11
C TYR A 9 -5.68 0.28 -2.81
N GLN A 10 -5.83 1.14 -1.88
CA GLN A 10 -4.79 2.05 -1.51
C GLN A 10 -4.28 1.65 -0.17
N VAL A 11 -3.04 1.44 -0.09
CA VAL A 11 -2.46 1.10 1.18
C VAL A 11 -1.65 2.30 1.66
N ARG A 12 -2.09 2.87 2.74
CA ARG A 12 -1.42 4.00 3.33
C ARG A 12 -0.64 3.54 4.53
N VAL A 13 0.63 3.50 4.41
CA VAL A 13 1.47 3.12 5.51
C VAL A 13 2.23 4.32 6.00
N ILE A 14 2.08 4.62 7.26
CA ILE A 14 2.76 5.69 7.87
C ILE A 14 3.98 5.10 8.54
N CYS A 15 5.13 5.43 8.07
CA CYS A 15 6.32 4.86 8.58
C CYS A 15 7.37 5.92 8.64
N ARG A 16 8.44 5.62 9.27
CA ARG A 16 9.56 6.55 9.35
C ARG A 16 10.24 6.62 7.98
N PRO A 17 10.89 7.74 7.62
CA PRO A 17 11.57 7.87 6.32
C PRO A 17 12.64 6.78 6.05
N LYS A 18 13.28 6.27 7.09
CA LYS A 18 14.23 5.18 6.92
C LYS A 18 13.50 3.89 6.58
N ALA A 19 12.22 3.85 6.89
CA ALA A 19 11.43 2.67 6.67
C ALA A 19 10.96 2.65 5.25
N GLU A 20 10.65 3.83 4.74
CA GLU A 20 10.18 4.07 3.38
C GLU A 20 11.03 3.30 2.35
N THR A 21 12.31 3.21 2.64
CA THR A 21 13.26 2.52 1.79
C THR A 21 12.93 1.01 1.68
N TYR A 22 12.73 0.36 2.79
CA TYR A 22 12.44 -1.06 2.76
C TYR A 22 10.96 -1.33 2.58
N VAL A 23 10.16 -0.36 2.97
CA VAL A 23 8.73 -0.44 2.84
C VAL A 23 8.31 -0.42 1.39
N ARG A 24 8.84 0.52 0.60
CA ARG A 24 8.44 0.60 -0.79
C ARG A 24 8.92 -0.63 -1.53
N ALA A 25 10.12 -1.07 -1.18
CA ALA A 25 10.74 -2.24 -1.80
C ALA A 25 9.94 -3.49 -1.51
N HIS A 26 9.46 -3.61 -0.29
CA HIS A 26 8.66 -4.75 0.11
C HIS A 26 7.36 -4.77 -0.66
N ILE A 27 6.74 -3.63 -0.75
CA ILE A 27 5.47 -3.52 -1.43
C ILE A 27 5.62 -3.85 -2.89
N VAL A 28 6.66 -3.34 -3.52
CA VAL A 28 6.86 -3.55 -4.95
C VAL A 28 7.14 -5.02 -5.27
N GLN A 29 7.89 -5.68 -4.41
CA GLN A 29 8.21 -7.07 -4.65
C GLN A 29 7.01 -7.96 -4.41
N ARG A 30 6.24 -7.67 -3.39
CA ARG A 30 5.12 -8.52 -3.09
C ARG A 30 3.96 -8.26 -4.04
N THR A 31 3.85 -7.06 -4.54
CA THR A 31 2.81 -6.75 -5.49
C THR A 31 3.11 -7.40 -6.83
N SER A 32 4.37 -7.34 -7.25
CA SER A 32 4.78 -7.92 -8.51
C SER A 32 4.56 -9.43 -8.49
N SER A 33 4.89 -10.06 -7.39
CA SER A 33 4.73 -11.49 -7.27
C SER A 33 3.26 -11.91 -7.10
N ASN A 34 2.46 -11.07 -6.46
CA ASN A 34 1.09 -11.43 -6.15
C ASN A 34 0.06 -10.84 -7.10
N ASP A 35 0.51 -10.45 -8.29
CA ASP A 35 -0.37 -9.92 -9.37
C ASP A 35 -1.10 -8.67 -8.96
N ILE A 36 -0.41 -7.83 -8.27
CA ILE A 36 -0.93 -6.58 -7.86
C ILE A 36 -0.22 -5.51 -8.68
N THR A 37 -0.96 -4.82 -9.49
CA THR A 37 -0.42 -3.83 -10.37
C THR A 37 -0.44 -2.47 -9.66
N LEU A 38 0.68 -1.81 -9.62
CA LEU A 38 0.80 -0.56 -8.91
C LEU A 38 0.43 0.58 -9.84
N ARG A 39 -0.52 1.41 -9.44
CA ARG A 39 -0.88 2.57 -10.24
C ARG A 39 0.08 3.70 -9.93
N GLY A 40 0.41 3.82 -8.67
CA GLY A 40 1.33 4.82 -8.23
C GLY A 40 1.49 4.77 -6.74
N ILE A 41 2.49 5.45 -6.24
CA ILE A 41 2.77 5.51 -4.82
C ILE A 41 3.10 6.95 -4.44
N ARG A 42 2.20 7.56 -3.73
CA ARG A 42 2.39 8.92 -3.30
C ARG A 42 2.92 8.91 -1.88
N THR A 43 4.08 9.46 -1.71
CA THR A 43 4.70 9.49 -0.41
C THR A 43 4.71 10.93 0.12
N GLY A 44 4.16 11.14 1.28
CA GLY A 44 4.10 12.48 1.84
C GLY A 44 4.31 12.46 3.34
N PRO A 45 4.94 13.51 3.91
CA PRO A 45 5.22 13.61 5.37
C PRO A 45 3.95 13.41 6.20
N ALA A 46 4.04 12.63 7.23
CA ALA A 46 2.87 12.30 8.03
C ALA A 46 2.80 13.13 9.29
N GLY A 47 3.84 13.85 9.56
CA GLY A 47 3.88 14.61 10.74
C GLY A 47 5.23 15.14 11.01
N ASP A 48 6.10 14.31 11.48
CA ASP A 48 7.43 14.77 11.85
C ASP A 48 8.49 13.79 11.44
N ASP A 49 8.52 12.68 12.12
CA ASP A 49 9.53 11.66 11.90
C ASP A 49 8.87 10.47 11.23
N ASN A 50 7.81 10.78 10.57
CA ASN A 50 7.03 9.85 9.82
C ASN A 50 6.64 10.40 8.50
N ILE A 51 6.37 9.50 7.63
CA ILE A 51 6.01 9.79 6.28
C ILE A 51 5.03 8.69 5.81
N THR A 52 4.02 9.06 5.08
CA THR A 52 3.01 8.13 4.64
C THR A 52 3.20 7.78 3.19
N LEU A 53 3.26 6.52 2.92
CA LEU A 53 3.30 6.03 1.58
C LEU A 53 1.92 5.57 1.22
N THR A 54 1.31 6.19 0.26
CA THR A 54 0.01 5.80 -0.20
C THR A 54 0.18 5.09 -1.53
N ALA A 55 0.03 3.80 -1.51
CA ALA A 55 0.20 3.01 -2.69
C ALA A 55 -1.14 2.64 -3.28
N HIS A 56 -1.40 3.10 -4.48
CA HIS A 56 -2.62 2.77 -5.18
C HIS A 56 -2.35 1.52 -5.97
N LEU A 57 -2.88 0.44 -5.52
CA LEU A 57 -2.60 -0.85 -6.09
C LEU A 57 -3.88 -1.43 -6.69
N LEU A 58 -3.75 -2.15 -7.75
CA LEU A 58 -4.87 -2.82 -8.41
C LEU A 58 -4.63 -4.31 -8.35
N MET A 59 -5.53 -5.04 -7.75
CA MET A 59 -5.34 -6.48 -7.64
C MET A 59 -6.33 -7.23 -8.52
N VAL A 60 -5.82 -8.20 -9.25
CA VAL A 60 -6.65 -9.08 -10.04
C VAL A 60 -7.39 -10.00 -9.06
N GLY A 61 -8.67 -10.10 -9.20
CA GLY A 61 -9.44 -11.01 -8.35
C GLY A 61 -9.77 -10.45 -6.97
N HIS A 62 -8.72 -10.16 -6.19
CA HIS A 62 -8.77 -9.73 -4.81
C HIS A 62 -8.86 -10.90 -3.91
N THR A 63 -7.74 -11.22 -3.39
CA THR A 63 -7.56 -12.23 -2.47
C THR A 63 -7.21 -11.55 -1.14
N PRO A 64 -8.22 -11.34 -0.28
CA PRO A 64 -8.08 -10.70 1.04
C PRO A 64 -6.86 -11.18 1.80
N ALA A 65 -6.60 -12.46 1.71
CA ALA A 65 -5.47 -13.09 2.38
C ALA A 65 -4.15 -12.49 1.93
N LYS A 66 -3.97 -12.36 0.61
CA LYS A 66 -2.70 -11.84 0.08
C LYS A 66 -2.51 -10.40 0.46
N LEU A 67 -3.59 -9.66 0.46
CA LEU A 67 -3.54 -8.26 0.77
C LEU A 67 -3.25 -8.07 2.25
N GLU A 68 -3.91 -8.86 3.08
CA GLU A 68 -3.73 -8.75 4.50
C GLU A 68 -2.34 -9.19 4.92
N ARG A 69 -1.85 -10.24 4.30
CA ARG A 69 -0.51 -10.74 4.63
C ARG A 69 0.57 -9.76 4.18
N LEU A 70 0.26 -8.99 3.16
CA LEU A 70 1.15 -7.93 2.73
C LEU A 70 1.14 -6.82 3.74
N VAL A 71 -0.03 -6.39 4.10
CA VAL A 71 -0.19 -5.29 5.03
C VAL A 71 0.39 -5.67 6.38
N ALA A 72 0.12 -6.87 6.82
CA ALA A 72 0.57 -7.33 8.10
C ALA A 72 2.08 -7.42 8.17
N GLU A 73 2.71 -7.93 7.12
CA GLU A 73 4.15 -8.11 7.16
C GLU A 73 4.84 -6.79 6.95
N LEU A 74 4.21 -5.91 6.23
CA LEU A 74 4.77 -4.62 6.00
C LEU A 74 4.67 -3.81 7.28
N SER A 75 3.53 -3.90 7.96
CA SER A 75 3.34 -3.15 9.20
C SER A 75 4.20 -3.76 10.33
N LEU A 76 4.46 -5.06 10.20
CA LEU A 76 5.24 -5.83 11.17
C LEU A 76 6.69 -5.42 11.16
N GLN A 77 7.15 -4.87 10.06
CA GLN A 77 8.51 -4.41 9.97
C GLN A 77 8.70 -3.16 10.84
N PRO A 78 9.65 -3.23 11.82
CA PRO A 78 9.92 -2.13 12.73
C PRO A 78 10.27 -0.85 11.98
N GLY A 79 9.37 0.09 12.05
CA GLY A 79 9.54 1.35 11.37
C GLY A 79 8.21 1.95 11.01
N VAL A 80 7.22 1.08 10.89
CA VAL A 80 5.86 1.48 10.61
C VAL A 80 5.15 1.94 11.89
N TYR A 81 4.46 3.04 11.80
CA TYR A 81 3.72 3.59 12.92
C TYR A 81 2.29 3.13 12.85
N ALA A 82 1.70 3.26 11.68
CA ALA A 82 0.31 2.93 11.47
C ALA A 82 0.09 2.63 10.00
N VAL A 83 -1.00 1.98 9.69
CA VAL A 83 -1.31 1.62 8.33
C VAL A 83 -2.83 1.62 8.14
N HIS A 84 -3.27 2.07 7.01
CA HIS A 84 -4.69 2.07 6.67
C HIS A 84 -4.84 1.76 5.20
N TRP A 85 -5.63 0.78 4.87
CA TRP A 85 -5.88 0.55 3.48
C TRP A 85 -7.30 0.87 3.14
N TYR A 86 -7.47 1.45 2.01
CA TYR A 86 -8.74 1.97 1.59
C TYR A 86 -9.07 1.43 0.20
N ALA A 87 -10.19 0.75 0.11
CA ALA A 87 -10.67 0.20 -1.16
C ALA A 87 -11.18 1.31 -2.05
N GLY A 88 -10.94 1.18 -3.32
CA GLY A 88 -11.36 2.18 -4.26
C GLY A 88 -10.21 3.06 -4.62
N GLU A 89 -10.32 3.77 -5.70
CA GLU A 89 -9.26 4.62 -6.13
C GLU A 89 -9.44 6.02 -5.57
N HIS A 90 -9.10 6.13 -4.29
CA HIS A 90 -9.11 7.38 -3.51
C HIS A 90 -10.53 7.83 -3.12
N ALA A 91 -11.55 7.23 -3.74
CA ALA A 91 -12.94 7.70 -3.64
C ALA A 91 -12.96 9.08 -4.21
N GLN A 92 -12.29 9.17 -5.32
CA GLN A 92 -12.09 10.36 -6.06
C GLN A 92 -13.34 10.69 -6.81
N ALA A 93 -14.04 11.69 -6.34
CA ALA A 93 -15.23 12.14 -6.98
C ALA A 93 -14.85 12.99 -8.16
N GLU A 94 -14.81 12.37 -9.30
CA GLU A 94 -14.45 13.05 -10.50
C GLU A 94 -15.31 12.47 -11.60
N VAL A 1 -8.19 5.45 -19.11
CA VAL A 1 -8.39 4.18 -18.44
C VAL A 1 -8.89 4.36 -17.02
N GLU A 2 -9.95 3.68 -16.72
CA GLU A 2 -10.49 3.65 -15.39
C GLU A 2 -10.47 2.23 -14.94
N ASP A 3 -10.15 2.03 -13.70
CA ASP A 3 -9.86 0.70 -13.23
C ASP A 3 -11.07 -0.07 -12.82
N GLU A 4 -11.67 -0.70 -13.78
CA GLU A 4 -12.80 -1.58 -13.55
C GLU A 4 -12.45 -2.97 -13.98
N GLY A 5 -11.24 -3.27 -13.76
CA GLY A 5 -10.71 -4.55 -14.09
C GLY A 5 -10.05 -5.09 -12.90
N LEU A 6 -9.18 -4.30 -12.39
CA LEU A 6 -8.51 -4.56 -11.18
C LEU A 6 -8.91 -3.45 -10.29
N GLN A 7 -9.15 -3.74 -9.05
CA GLN A 7 -9.60 -2.74 -8.13
C GLN A 7 -8.44 -1.97 -7.58
N PRO A 8 -8.51 -0.65 -7.59
CA PRO A 8 -7.49 0.17 -7.02
C PRO A 8 -7.62 0.23 -5.50
N TYR A 9 -6.77 -0.47 -4.84
CA TYR A 9 -6.71 -0.44 -3.40
C TYR A 9 -5.62 0.51 -3.02
N GLN A 10 -5.85 1.31 -2.05
CA GLN A 10 -4.82 2.19 -1.62
C GLN A 10 -4.35 1.76 -0.26
N VAL A 11 -3.12 1.45 -0.18
CA VAL A 11 -2.53 1.00 1.05
C VAL A 11 -1.65 2.11 1.57
N ARG A 12 -2.06 2.70 2.64
CA ARG A 12 -1.36 3.82 3.20
C ARG A 12 -0.59 3.40 4.46
N VAL A 13 0.70 3.24 4.31
CA VAL A 13 1.56 2.89 5.42
C VAL A 13 2.32 4.10 5.92
N ILE A 14 2.15 4.41 7.17
CA ILE A 14 2.81 5.51 7.79
C ILE A 14 4.03 4.95 8.50
N CYS A 15 5.19 5.38 8.11
CA CYS A 15 6.39 4.85 8.65
C CYS A 15 7.41 5.95 8.76
N ARG A 16 8.47 5.65 9.45
CA ARG A 16 9.59 6.56 9.59
C ARG A 16 10.29 6.63 8.21
N PRO A 17 10.79 7.80 7.76
CA PRO A 17 11.42 7.94 6.41
C PRO A 17 12.61 7.02 6.20
N LYS A 18 13.21 6.59 7.29
CA LYS A 18 14.33 5.67 7.25
C LYS A 18 13.84 4.29 6.86
N ALA A 19 12.57 4.06 7.04
CA ALA A 19 11.98 2.80 6.77
C ALA A 19 11.32 2.81 5.43
N GLU A 20 10.77 3.99 5.01
CA GLU A 20 10.01 4.10 3.76
C GLU A 20 10.74 3.54 2.58
N THR A 21 12.05 3.72 2.56
CA THR A 21 12.87 3.26 1.49
C THR A 21 12.80 1.73 1.36
N TYR A 22 13.01 1.02 2.44
CA TYR A 22 12.98 -0.42 2.34
C TYR A 22 11.57 -0.98 2.33
N VAL A 23 10.62 -0.23 2.88
CA VAL A 23 9.22 -0.66 2.85
C VAL A 23 8.73 -0.58 1.40
N ARG A 24 9.13 0.48 0.73
CA ARG A 24 8.81 0.75 -0.66
C ARG A 24 9.37 -0.38 -1.54
N ALA A 25 10.61 -0.77 -1.25
CA ALA A 25 11.25 -1.88 -1.95
C ALA A 25 10.52 -3.18 -1.68
N HIS A 26 10.05 -3.35 -0.46
CA HIS A 26 9.31 -4.54 -0.10
C HIS A 26 7.97 -4.55 -0.81
N ILE A 27 7.35 -3.38 -0.90
CA ILE A 27 6.07 -3.21 -1.57
C ILE A 27 6.18 -3.63 -3.02
N VAL A 28 7.19 -3.15 -3.72
CA VAL A 28 7.32 -3.45 -5.14
C VAL A 28 7.59 -4.94 -5.40
N GLN A 29 8.29 -5.57 -4.49
CA GLN A 29 8.55 -6.98 -4.60
C GLN A 29 7.29 -7.77 -4.24
N ARG A 30 6.64 -7.38 -3.17
CA ARG A 30 5.50 -8.09 -2.65
C ARG A 30 4.33 -7.98 -3.60
N THR A 31 4.19 -6.85 -4.23
CA THR A 31 3.12 -6.63 -5.17
C THR A 31 3.32 -7.49 -6.41
N SER A 32 4.56 -7.58 -6.86
CA SER A 32 4.88 -8.38 -8.01
C SER A 32 4.63 -9.88 -7.67
N SER A 33 4.94 -10.25 -6.44
CA SER A 33 4.74 -11.60 -5.96
C SER A 33 3.24 -11.89 -5.76
N ASN A 34 2.46 -10.89 -5.36
CA ASN A 34 1.06 -11.08 -5.01
C ASN A 34 0.07 -10.76 -6.14
N ASP A 35 0.54 -10.70 -7.39
CA ASP A 35 -0.33 -10.48 -8.60
C ASP A 35 -0.87 -9.06 -8.65
N ILE A 36 -0.25 -8.18 -7.95
CA ILE A 36 -0.72 -6.83 -7.83
C ILE A 36 -0.02 -5.95 -8.86
N THR A 37 -0.79 -5.13 -9.51
CA THR A 37 -0.26 -4.16 -10.43
C THR A 37 -0.17 -2.83 -9.67
N LEU A 38 0.92 -2.12 -9.77
CA LEU A 38 1.01 -0.85 -9.06
C LEU A 38 0.46 0.25 -9.94
N ARG A 39 -0.37 1.06 -9.38
CA ARG A 39 -0.98 2.17 -10.07
C ARG A 39 -0.15 3.41 -9.82
N GLY A 40 0.41 3.48 -8.64
CA GLY A 40 1.28 4.56 -8.28
C GLY A 40 1.54 4.58 -6.81
N ILE A 41 2.51 5.31 -6.40
CA ILE A 41 2.88 5.44 -5.01
C ILE A 41 2.93 6.91 -4.67
N ARG A 42 2.05 7.33 -3.84
CA ARG A 42 1.94 8.71 -3.46
C ARG A 42 2.30 8.84 -2.00
N THR A 43 3.37 9.52 -1.73
CA THR A 43 3.83 9.68 -0.41
C THR A 43 3.47 11.05 0.11
N GLY A 44 3.24 11.13 1.38
CA GLY A 44 2.93 12.37 2.00
C GLY A 44 3.49 12.40 3.39
N PRO A 45 4.13 13.50 3.79
CA PRO A 45 4.60 13.69 5.18
C PRO A 45 3.47 13.41 6.17
N ALA A 46 3.72 12.60 7.18
CA ALA A 46 2.67 12.17 8.08
C ALA A 46 2.81 12.76 9.46
N GLY A 47 3.68 13.73 9.59
CA GLY A 47 3.86 14.34 10.85
C GLY A 47 5.18 15.03 10.97
N ASP A 48 6.17 14.31 11.43
CA ASP A 48 7.50 14.90 11.69
C ASP A 48 8.59 13.97 11.23
N ASP A 49 8.61 12.80 11.81
CA ASP A 49 9.61 11.82 11.51
C ASP A 49 8.90 10.61 10.96
N ASN A 50 7.89 10.91 10.19
CA ASN A 50 7.06 9.95 9.54
C ASN A 50 6.51 10.45 8.28
N ILE A 51 6.24 9.52 7.45
CA ILE A 51 5.75 9.74 6.13
C ILE A 51 4.80 8.61 5.76
N THR A 52 3.77 8.92 5.04
CA THR A 52 2.84 7.93 4.64
C THR A 52 3.06 7.61 3.19
N LEU A 53 3.05 6.37 2.90
CA LEU A 53 3.18 5.92 1.55
C LEU A 53 1.85 5.34 1.16
N THR A 54 1.15 6.01 0.31
CA THR A 54 -0.07 5.50 -0.18
C THR A 54 0.20 4.81 -1.50
N ALA A 55 0.18 3.52 -1.46
CA ALA A 55 0.42 2.74 -2.62
C ALA A 55 -0.90 2.38 -3.24
N HIS A 56 -1.11 2.86 -4.43
CA HIS A 56 -2.29 2.56 -5.17
C HIS A 56 -2.00 1.29 -5.91
N LEU A 57 -2.65 0.27 -5.52
CA LEU A 57 -2.40 -1.02 -6.05
C LEU A 57 -3.65 -1.52 -6.77
N LEU A 58 -3.46 -2.21 -7.81
CA LEU A 58 -4.53 -2.76 -8.59
C LEU A 58 -4.48 -4.25 -8.44
N MET A 59 -5.51 -4.82 -7.91
CA MET A 59 -5.53 -6.25 -7.72
C MET A 59 -6.71 -6.85 -8.41
N VAL A 60 -6.51 -8.03 -8.93
CA VAL A 60 -7.54 -8.79 -9.60
C VAL A 60 -8.51 -9.29 -8.56
N GLY A 61 -9.76 -8.92 -8.71
CA GLY A 61 -10.78 -9.32 -7.76
C GLY A 61 -10.48 -8.82 -6.37
N HIS A 62 -10.42 -9.75 -5.47
CA HIS A 62 -10.14 -9.49 -4.10
C HIS A 62 -9.96 -10.79 -3.36
N THR A 63 -8.74 -11.10 -3.10
CA THR A 63 -8.40 -12.21 -2.28
C THR A 63 -7.85 -11.66 -0.95
N PRO A 64 -8.75 -11.45 0.03
CA PRO A 64 -8.46 -10.88 1.36
C PRO A 64 -7.18 -11.40 2.00
N ALA A 65 -7.01 -12.69 1.97
CA ALA A 65 -5.89 -13.33 2.64
C ALA A 65 -4.54 -12.84 2.14
N LYS A 66 -4.37 -12.78 0.83
CA LYS A 66 -3.08 -12.39 0.27
C LYS A 66 -2.85 -10.88 0.41
N LEU A 67 -3.93 -10.13 0.52
CA LEU A 67 -3.83 -8.70 0.73
C LEU A 67 -3.51 -8.41 2.20
N GLU A 68 -4.21 -9.07 3.09
CA GLU A 68 -4.05 -8.85 4.50
C GLU A 68 -2.66 -9.30 4.94
N ARG A 69 -2.17 -10.38 4.35
CA ARG A 69 -0.86 -10.88 4.70
C ARG A 69 0.25 -9.90 4.27
N LEU A 70 0.09 -9.23 3.13
CA LEU A 70 1.10 -8.29 2.71
C LEU A 70 1.05 -7.05 3.60
N VAL A 71 -0.16 -6.67 4.00
CA VAL A 71 -0.36 -5.56 4.92
C VAL A 71 0.30 -5.89 6.25
N ALA A 72 0.20 -7.15 6.64
CA ALA A 72 0.82 -7.64 7.84
C ALA A 72 2.34 -7.49 7.75
N GLU A 73 2.93 -7.92 6.65
CA GLU A 73 4.39 -7.80 6.48
C GLU A 73 4.84 -6.37 6.49
N LEU A 74 4.06 -5.50 5.89
CA LEU A 74 4.37 -4.10 5.88
C LEU A 74 4.29 -3.54 7.28
N SER A 75 3.22 -3.88 8.00
CA SER A 75 3.04 -3.36 9.33
C SER A 75 4.12 -3.91 10.31
N LEU A 76 4.59 -5.13 10.03
CA LEU A 76 5.56 -5.81 10.88
C LEU A 76 6.99 -5.37 10.64
N GLN A 77 7.24 -4.64 9.56
CA GLN A 77 8.55 -4.07 9.40
C GLN A 77 8.75 -2.95 10.41
N PRO A 78 9.76 -3.08 11.29
CA PRO A 78 10.01 -2.12 12.35
C PRO A 78 10.37 -0.75 11.79
N GLY A 79 9.48 0.15 11.99
CA GLY A 79 9.64 1.50 11.49
C GLY A 79 8.30 2.04 11.08
N VAL A 80 7.40 1.12 10.81
CA VAL A 80 6.04 1.44 10.50
C VAL A 80 5.28 1.78 11.77
N TYR A 81 4.60 2.89 11.75
CA TYR A 81 3.79 3.32 12.86
C TYR A 81 2.43 2.67 12.72
N ALA A 82 1.86 2.75 11.53
CA ALA A 82 0.53 2.19 11.24
C ALA A 82 0.33 2.07 9.74
N VAL A 83 -0.53 1.19 9.33
CA VAL A 83 -0.85 1.00 7.93
C VAL A 83 -2.35 0.75 7.79
N HIS A 84 -2.96 1.36 6.82
CA HIS A 84 -4.39 1.21 6.59
C HIS A 84 -4.61 0.99 5.11
N TRP A 85 -5.51 0.11 4.76
CA TRP A 85 -5.85 -0.04 3.36
C TRP A 85 -7.25 0.38 3.14
N TYR A 86 -7.50 0.87 2.00
CA TYR A 86 -8.80 1.34 1.62
C TYR A 86 -9.07 0.92 0.20
N ALA A 87 -10.20 0.32 -0.01
CA ALA A 87 -10.59 -0.13 -1.32
C ALA A 87 -11.17 1.03 -2.09
N GLY A 88 -10.66 1.26 -3.25
CA GLY A 88 -11.08 2.35 -4.05
C GLY A 88 -10.07 3.46 -3.99
N GLU A 89 -9.77 4.04 -5.13
CA GLU A 89 -8.85 5.16 -5.18
C GLU A 89 -9.58 6.40 -4.69
N HIS A 90 -10.90 6.36 -4.84
CA HIS A 90 -11.76 7.42 -4.40
C HIS A 90 -11.76 7.47 -2.87
N ALA A 91 -10.96 8.34 -2.34
CA ALA A 91 -10.87 8.50 -0.92
C ALA A 91 -11.49 9.82 -0.55
N GLN A 92 -12.78 9.82 -0.48
CA GLN A 92 -13.51 10.98 -0.11
C GLN A 92 -14.62 10.51 0.79
N ALA A 93 -14.36 10.55 2.05
CA ALA A 93 -15.29 10.08 3.03
C ALA A 93 -15.22 11.01 4.22
N GLU A 94 -16.19 11.87 4.32
CA GLU A 94 -16.27 12.80 5.40
C GLU A 94 -17.58 12.55 6.10
N VAL A 1 -5.96 5.60 -19.31
CA VAL A 1 -5.89 4.57 -18.27
C VAL A 1 -7.17 3.76 -18.24
N GLU A 2 -7.04 2.49 -18.06
CA GLU A 2 -8.16 1.61 -17.88
C GLU A 2 -7.93 0.80 -16.64
N ASP A 3 -8.45 1.26 -15.53
CA ASP A 3 -8.21 0.55 -14.26
C ASP A 3 -9.44 -0.23 -13.90
N GLU A 4 -10.18 -0.42 -14.90
CA GLU A 4 -11.47 -1.06 -14.81
C GLU A 4 -11.35 -2.50 -15.25
N GLY A 5 -10.56 -3.17 -14.49
CA GLY A 5 -10.33 -4.55 -14.69
C GLY A 5 -10.08 -5.18 -13.37
N LEU A 6 -9.24 -4.52 -12.62
CA LEU A 6 -8.81 -4.94 -11.34
C LEU A 6 -9.51 -4.09 -10.31
N GLN A 7 -9.38 -4.46 -9.09
CA GLN A 7 -9.96 -3.72 -7.98
C GLN A 7 -8.89 -2.88 -7.36
N PRO A 8 -9.03 -1.55 -7.46
CA PRO A 8 -8.13 -0.63 -6.85
C PRO A 8 -8.17 -0.76 -5.36
N TYR A 9 -7.03 -0.78 -4.80
CA TYR A 9 -6.86 -0.78 -3.36
C TYR A 9 -5.86 0.27 -2.98
N GLN A 10 -5.77 0.60 -1.74
CA GLN A 10 -4.80 1.58 -1.31
C GLN A 10 -4.38 1.30 0.10
N VAL A 11 -3.11 1.25 0.30
CA VAL A 11 -2.54 1.02 1.60
C VAL A 11 -1.90 2.30 2.07
N ARG A 12 -2.40 2.86 3.14
CA ARG A 12 -1.83 4.07 3.67
C ARG A 12 -1.06 3.72 4.93
N VAL A 13 0.24 3.83 4.82
CA VAL A 13 1.14 3.45 5.90
C VAL A 13 2.00 4.65 6.31
N ILE A 14 2.08 4.88 7.59
CA ILE A 14 2.87 5.94 8.15
C ILE A 14 4.07 5.25 8.82
N CYS A 15 5.27 5.60 8.44
CA CYS A 15 6.42 4.94 8.95
C CYS A 15 7.57 5.90 9.05
N ARG A 16 8.67 5.41 9.56
CA ARG A 16 9.92 6.14 9.61
C ARG A 16 10.42 6.46 8.20
N PRO A 17 10.97 7.66 7.96
CA PRO A 17 11.45 8.05 6.64
C PRO A 17 12.59 7.18 6.12
N LYS A 18 13.46 6.76 7.02
CA LYS A 18 14.54 5.89 6.63
C LYS A 18 14.03 4.49 6.32
N ALA A 19 12.81 4.22 6.76
CA ALA A 19 12.21 2.95 6.54
C ALA A 19 11.52 2.96 5.20
N GLU A 20 10.87 4.09 4.87
CA GLU A 20 10.15 4.36 3.59
C GLU A 20 10.98 3.89 2.40
N THR A 21 12.28 4.07 2.51
CA THR A 21 13.20 3.72 1.46
C THR A 21 13.13 2.22 1.14
N TYR A 22 13.20 1.38 2.14
CA TYR A 22 13.12 -0.03 1.90
C TYR A 22 11.68 -0.51 1.88
N VAL A 23 10.81 0.23 2.57
CA VAL A 23 9.39 -0.10 2.62
C VAL A 23 8.75 0.01 1.25
N ARG A 24 9.06 1.07 0.51
CA ARG A 24 8.47 1.27 -0.80
C ARG A 24 8.92 0.20 -1.77
N ALA A 25 10.18 -0.19 -1.67
CA ALA A 25 10.72 -1.24 -2.51
C ALA A 25 10.14 -2.59 -2.11
N HIS A 26 9.87 -2.73 -0.83
CA HIS A 26 9.25 -3.92 -0.29
C HIS A 26 7.82 -4.04 -0.80
N ILE A 27 7.09 -2.92 -0.82
CA ILE A 27 5.72 -2.90 -1.32
C ILE A 27 5.67 -3.40 -2.74
N VAL A 28 6.54 -2.88 -3.57
CA VAL A 28 6.55 -3.24 -4.97
C VAL A 28 6.87 -4.71 -5.17
N GLN A 29 7.80 -5.21 -4.41
CA GLN A 29 8.20 -6.59 -4.53
C GLN A 29 7.19 -7.54 -3.92
N ARG A 30 6.53 -7.13 -2.89
CA ARG A 30 5.55 -7.98 -2.28
C ARG A 30 4.26 -7.98 -3.08
N THR A 31 3.93 -6.86 -3.70
CA THR A 31 2.72 -6.80 -4.50
C THR A 31 2.84 -7.63 -5.77
N SER A 32 4.01 -7.56 -6.41
CA SER A 32 4.26 -8.28 -7.64
C SER A 32 4.17 -9.81 -7.43
N SER A 33 4.62 -10.26 -6.27
CA SER A 33 4.54 -11.64 -5.92
C SER A 33 3.11 -12.05 -5.48
N ASN A 34 2.35 -11.09 -4.97
CA ASN A 34 1.00 -11.35 -4.44
C ASN A 34 -0.10 -11.11 -5.47
N ASP A 35 0.32 -10.94 -6.73
CA ASP A 35 -0.59 -10.74 -7.89
C ASP A 35 -1.24 -9.37 -7.89
N ILE A 36 -0.60 -8.43 -7.24
CA ILE A 36 -1.11 -7.09 -7.11
C ILE A 36 -0.28 -6.14 -7.98
N THR A 37 -0.95 -5.31 -8.72
CA THR A 37 -0.34 -4.32 -9.58
C THR A 37 -0.42 -2.95 -8.88
N LEU A 38 0.53 -2.08 -9.10
CA LEU A 38 0.48 -0.73 -8.54
C LEU A 38 -0.32 0.18 -9.46
N ARG A 39 -1.06 1.07 -8.87
CA ARG A 39 -1.77 2.08 -9.62
C ARG A 39 -0.97 3.38 -9.49
N GLY A 40 -0.25 3.48 -8.39
CA GLY A 40 0.64 4.58 -8.12
C GLY A 40 1.04 4.56 -6.67
N ILE A 41 2.07 5.29 -6.34
CA ILE A 41 2.55 5.38 -4.97
C ILE A 41 2.80 6.83 -4.62
N ARG A 42 2.09 7.33 -3.64
CA ARG A 42 2.22 8.70 -3.22
C ARG A 42 2.89 8.71 -1.87
N THR A 43 4.08 9.22 -1.79
CA THR A 43 4.82 9.26 -0.55
C THR A 43 4.96 10.72 -0.09
N GLY A 44 4.52 11.00 1.12
CA GLY A 44 4.57 12.34 1.63
C GLY A 44 4.82 12.37 3.11
N PRO A 45 5.68 13.29 3.60
CA PRO A 45 5.97 13.48 5.04
C PRO A 45 4.68 13.47 5.90
N ALA A 46 4.71 12.80 7.03
CA ALA A 46 3.51 12.65 7.84
C ALA A 46 3.35 13.77 8.84
N GLY A 47 4.41 14.45 9.15
CA GLY A 47 4.34 15.49 10.12
C GLY A 47 5.66 15.83 10.75
N ASP A 48 6.21 14.92 11.52
CA ASP A 48 7.43 15.24 12.26
C ASP A 48 8.63 14.50 11.79
N ASP A 49 8.61 13.23 12.02
CA ASP A 49 9.79 12.40 11.90
C ASP A 49 9.32 11.05 11.35
N ASN A 50 8.38 11.18 10.44
CA ASN A 50 7.65 10.13 9.82
C ASN A 50 7.16 10.54 8.49
N ILE A 51 6.76 9.58 7.73
CA ILE A 51 6.31 9.79 6.38
C ILE A 51 5.21 8.78 6.04
N THR A 52 4.25 9.20 5.28
CA THR A 52 3.13 8.38 4.91
C THR A 52 3.21 7.99 3.45
N LEU A 53 3.11 6.73 3.20
CA LEU A 53 3.09 6.20 1.87
C LEU A 53 1.69 5.75 1.56
N THR A 54 1.13 6.27 0.54
CA THR A 54 -0.13 5.81 0.08
C THR A 54 0.12 5.02 -1.19
N ALA A 55 0.03 3.74 -1.09
CA ALA A 55 0.26 2.88 -2.23
C ALA A 55 -1.06 2.49 -2.80
N HIS A 56 -1.31 2.92 -4.00
CA HIS A 56 -2.55 2.64 -4.64
C HIS A 56 -2.30 1.39 -5.47
N LEU A 57 -3.10 0.41 -5.25
CA LEU A 57 -2.93 -0.90 -5.81
C LEU A 57 -4.07 -1.23 -6.76
N LEU A 58 -3.88 -2.23 -7.55
CA LEU A 58 -4.87 -2.80 -8.42
C LEU A 58 -4.72 -4.32 -8.31
N MET A 59 -5.72 -4.99 -7.81
CA MET A 59 -5.62 -6.42 -7.66
C MET A 59 -6.64 -7.14 -8.51
N VAL A 60 -6.22 -8.26 -9.10
CA VAL A 60 -7.12 -9.09 -9.90
C VAL A 60 -8.09 -9.75 -8.94
N GLY A 61 -9.35 -9.52 -9.15
CA GLY A 61 -10.35 -10.01 -8.25
C GLY A 61 -10.19 -9.42 -6.89
N HIS A 62 -10.05 -10.29 -5.93
CA HIS A 62 -9.84 -9.97 -4.55
C HIS A 62 -9.72 -11.25 -3.81
N THR A 63 -8.54 -11.57 -3.45
CA THR A 63 -8.22 -12.69 -2.66
C THR A 63 -7.73 -12.15 -1.31
N PRO A 64 -8.67 -12.01 -0.36
CA PRO A 64 -8.44 -11.45 0.98
C PRO A 64 -7.11 -11.81 1.61
N ALA A 65 -6.82 -13.08 1.64
CA ALA A 65 -5.61 -13.60 2.28
C ALA A 65 -4.33 -13.06 1.63
N LYS A 66 -4.36 -12.86 0.33
CA LYS A 66 -3.20 -12.37 -0.39
C LYS A 66 -2.96 -10.91 -0.07
N LEU A 67 -4.03 -10.16 0.02
CA LEU A 67 -3.95 -8.75 0.32
C LEU A 67 -3.62 -8.57 1.79
N GLU A 68 -4.22 -9.40 2.61
CA GLU A 68 -4.02 -9.35 4.04
C GLU A 68 -2.61 -9.73 4.40
N ARG A 69 -2.06 -10.73 3.73
CA ARG A 69 -0.70 -11.17 4.01
C ARG A 69 0.30 -10.11 3.56
N LEU A 70 -0.09 -9.38 2.53
CA LEU A 70 0.68 -8.25 2.05
C LEU A 70 0.69 -7.16 3.12
N VAL A 71 -0.48 -6.82 3.61
CA VAL A 71 -0.61 -5.80 4.62
C VAL A 71 0.05 -6.24 5.92
N ALA A 72 -0.05 -7.52 6.24
CA ALA A 72 0.54 -8.09 7.45
C ALA A 72 2.07 -8.03 7.42
N GLU A 73 2.66 -8.17 6.25
CA GLU A 73 4.10 -8.10 6.17
C GLU A 73 4.54 -6.65 6.15
N LEU A 74 3.71 -5.82 5.58
CA LEU A 74 3.99 -4.43 5.48
C LEU A 74 3.80 -3.75 6.86
N SER A 75 2.79 -4.16 7.60
CA SER A 75 2.50 -3.58 8.89
C SER A 75 3.54 -3.99 9.93
N LEU A 76 4.01 -5.23 9.83
CA LEU A 76 4.96 -5.76 10.75
C LEU A 76 6.39 -5.43 10.34
N GLN A 77 6.53 -4.77 9.21
CA GLN A 77 7.80 -4.26 8.73
C GLN A 77 8.31 -3.23 9.74
N PRO A 78 9.44 -3.52 10.40
CA PRO A 78 10.05 -2.64 11.40
C PRO A 78 10.21 -1.20 10.94
N GLY A 79 9.46 -0.32 11.54
CA GLY A 79 9.57 1.09 11.25
C GLY A 79 8.22 1.75 11.04
N VAL A 80 7.20 0.94 10.90
CA VAL A 80 5.84 1.41 10.71
C VAL A 80 5.22 1.92 12.02
N TYR A 81 4.59 3.07 11.93
CA TYR A 81 3.83 3.64 13.04
C TYR A 81 2.43 3.13 12.96
N ALA A 82 1.80 3.37 11.84
CA ALA A 82 0.41 3.04 11.63
C ALA A 82 0.20 2.70 10.18
N VAL A 83 -0.79 1.89 9.90
CA VAL A 83 -1.07 1.46 8.54
C VAL A 83 -2.48 0.95 8.45
N HIS A 84 -3.16 1.29 7.40
CA HIS A 84 -4.51 0.83 7.19
C HIS A 84 -4.77 0.81 5.69
N TRP A 85 -5.51 -0.16 5.22
CA TRP A 85 -5.79 -0.22 3.82
C TRP A 85 -7.24 0.08 3.55
N TYR A 86 -7.48 0.51 2.38
CA TYR A 86 -8.81 0.86 1.92
C TYR A 86 -8.91 0.42 0.50
N ALA A 87 -10.10 0.45 -0.04
CA ALA A 87 -10.25 0.24 -1.45
C ALA A 87 -9.84 1.53 -2.14
N GLY A 88 -9.25 1.39 -3.29
CA GLY A 88 -8.61 2.51 -3.97
C GLY A 88 -9.59 3.51 -4.48
N GLU A 89 -9.47 4.74 -3.98
CA GLU A 89 -10.32 5.88 -4.35
C GLU A 89 -11.77 5.67 -3.83
N HIS A 90 -11.90 4.73 -2.92
CA HIS A 90 -13.15 4.43 -2.26
C HIS A 90 -13.10 4.97 -0.85
N ALA A 91 -12.12 4.47 -0.11
CA ALA A 91 -11.85 4.85 1.27
C ALA A 91 -13.02 4.57 2.21
N GLN A 92 -13.05 3.35 2.71
CA GLN A 92 -14.06 2.87 3.68
C GLN A 92 -15.43 2.74 3.04
N ALA A 93 -15.40 2.28 1.82
CA ALA A 93 -16.58 1.99 1.06
C ALA A 93 -16.43 0.60 0.50
N GLU A 94 -17.38 -0.25 0.75
CA GLU A 94 -17.32 -1.61 0.29
C GLU A 94 -18.73 -2.03 -0.09
N VAL A 1 -14.26 4.71 -15.51
CA VAL A 1 -13.73 3.51 -16.17
C VAL A 1 -12.21 3.56 -16.28
N GLU A 2 -11.58 2.76 -15.47
CA GLU A 2 -10.12 2.68 -15.34
C GLU A 2 -9.72 1.32 -14.87
N ASP A 3 -9.37 0.47 -15.82
CA ASP A 3 -8.94 -0.91 -15.57
C ASP A 3 -10.01 -1.68 -14.80
N GLU A 4 -11.15 -1.87 -15.46
CA GLU A 4 -12.34 -2.47 -14.86
C GLU A 4 -12.22 -3.99 -14.74
N GLY A 5 -11.21 -4.40 -14.08
CA GLY A 5 -10.95 -5.78 -13.86
C GLY A 5 -10.32 -6.00 -12.54
N LEU A 6 -9.44 -5.10 -12.20
CA LEU A 6 -8.74 -5.14 -10.99
C LEU A 6 -9.30 -4.03 -10.13
N GLN A 7 -9.37 -4.26 -8.86
CA GLN A 7 -9.93 -3.30 -7.96
C GLN A 7 -8.84 -2.40 -7.46
N PRO A 8 -8.98 -1.10 -7.67
CA PRO A 8 -8.07 -0.13 -7.14
C PRO A 8 -8.12 -0.12 -5.61
N TYR A 9 -7.01 -0.41 -5.02
CA TYR A 9 -6.83 -0.37 -3.57
C TYR A 9 -5.75 0.59 -3.24
N GLN A 10 -5.80 1.12 -2.07
CA GLN A 10 -4.78 2.03 -1.62
C GLN A 10 -4.31 1.55 -0.28
N VAL A 11 -3.07 1.28 -0.18
CA VAL A 11 -2.50 0.86 1.07
C VAL A 11 -1.67 1.99 1.59
N ARG A 12 -2.05 2.51 2.71
CA ARG A 12 -1.42 3.66 3.26
C ARG A 12 -0.72 3.30 4.56
N VAL A 13 0.56 3.47 4.59
CA VAL A 13 1.38 3.10 5.73
C VAL A 13 2.13 4.32 6.25
N ILE A 14 2.12 4.48 7.54
CA ILE A 14 2.84 5.54 8.17
C ILE A 14 4.06 4.91 8.83
N CYS A 15 5.23 5.29 8.40
CA CYS A 15 6.43 4.73 8.91
C CYS A 15 7.47 5.80 9.03
N ARG A 16 8.57 5.49 9.63
CA ARG A 16 9.67 6.44 9.75
C ARG A 16 10.37 6.60 8.37
N PRO A 17 10.96 7.78 8.08
CA PRO A 17 11.61 8.08 6.78
C PRO A 17 12.66 7.08 6.32
N LYS A 18 13.46 6.56 7.24
CA LYS A 18 14.46 5.55 6.88
C LYS A 18 13.81 4.26 6.44
N ALA A 19 12.56 4.09 6.83
CA ALA A 19 11.85 2.89 6.53
C ALA A 19 11.21 3.01 5.17
N GLU A 20 10.74 4.23 4.86
CA GLU A 20 10.06 4.58 3.59
C GLU A 20 10.79 4.01 2.41
N THR A 21 12.06 4.25 2.39
CA THR A 21 12.89 3.89 1.31
C THR A 21 12.93 2.35 1.07
N TYR A 22 12.98 1.55 2.12
CA TYR A 22 12.94 0.13 1.92
C TYR A 22 11.51 -0.40 1.88
N VAL A 23 10.57 0.31 2.50
CA VAL A 23 9.18 -0.09 2.49
C VAL A 23 8.63 0.01 1.07
N ARG A 24 9.00 1.08 0.39
CA ARG A 24 8.60 1.31 -0.99
C ARG A 24 9.12 0.19 -1.89
N ALA A 25 10.38 -0.18 -1.69
CA ALA A 25 11.01 -1.25 -2.44
C ALA A 25 10.36 -2.58 -2.12
N HIS A 26 10.00 -2.75 -0.88
CA HIS A 26 9.34 -3.95 -0.43
C HIS A 26 7.97 -4.04 -1.06
N ILE A 27 7.25 -2.92 -1.06
CA ILE A 27 5.91 -2.87 -1.64
C ILE A 27 5.95 -3.28 -3.09
N VAL A 28 6.86 -2.71 -3.85
CA VAL A 28 6.90 -2.95 -5.27
C VAL A 28 7.28 -4.41 -5.59
N GLN A 29 8.09 -5.02 -4.75
CA GLN A 29 8.44 -6.39 -4.95
C GLN A 29 7.32 -7.32 -4.50
N ARG A 30 6.73 -7.02 -3.36
CA ARG A 30 5.74 -7.89 -2.80
C ARG A 30 4.42 -7.79 -3.53
N THR A 31 4.14 -6.64 -4.12
CA THR A 31 2.94 -6.50 -4.91
C THR A 31 3.07 -7.29 -6.20
N SER A 32 4.26 -7.22 -6.82
CA SER A 32 4.50 -7.93 -8.05
C SER A 32 4.40 -9.45 -7.79
N SER A 33 4.89 -9.86 -6.63
CA SER A 33 4.86 -11.23 -6.22
C SER A 33 3.41 -11.69 -5.92
N ASN A 34 2.61 -10.80 -5.31
CA ASN A 34 1.24 -11.10 -4.90
C ASN A 34 0.23 -10.81 -6.04
N ASP A 35 0.75 -10.72 -7.27
CA ASP A 35 -0.01 -10.58 -8.54
C ASP A 35 -0.66 -9.20 -8.69
N ILE A 36 -0.31 -8.29 -7.82
CA ILE A 36 -0.94 -6.97 -7.77
C ILE A 36 -0.27 -6.03 -8.78
N THR A 37 -1.08 -5.24 -9.44
CA THR A 37 -0.61 -4.26 -10.40
C THR A 37 -0.57 -2.89 -9.71
N LEU A 38 0.34 -2.03 -10.09
CA LEU A 38 0.54 -0.77 -9.38
C LEU A 38 0.12 0.43 -10.20
N ARG A 39 -0.44 1.42 -9.52
CA ARG A 39 -0.65 2.72 -10.11
C ARG A 39 0.58 3.53 -9.84
N GLY A 40 0.89 3.63 -8.58
CA GLY A 40 2.02 4.38 -8.10
C GLY A 40 1.99 4.45 -6.60
N ILE A 41 2.99 5.05 -6.02
CA ILE A 41 3.10 5.18 -4.59
C ILE A 41 3.32 6.65 -4.25
N ARG A 42 2.43 7.20 -3.47
CA ARG A 42 2.53 8.59 -3.06
C ARG A 42 3.14 8.63 -1.66
N THR A 43 4.16 9.42 -1.50
CA THR A 43 4.88 9.51 -0.25
C THR A 43 4.86 10.97 0.27
N GLY A 44 4.37 11.16 1.47
CA GLY A 44 4.29 12.49 2.06
C GLY A 44 4.49 12.45 3.56
N PRO A 45 5.17 13.45 4.16
CA PRO A 45 5.46 13.50 5.62
C PRO A 45 4.18 13.41 6.46
N ALA A 46 4.22 12.61 7.52
CA ALA A 46 3.03 12.37 8.33
C ALA A 46 2.91 13.33 9.49
N GLY A 47 4.01 13.93 9.85
CA GLY A 47 4.01 14.77 10.97
C GLY A 47 5.37 15.11 11.46
N ASP A 48 5.93 14.27 12.28
CA ASP A 48 7.20 14.60 12.90
C ASP A 48 8.32 13.74 12.40
N ASP A 49 8.30 12.50 12.80
CA ASP A 49 9.39 11.58 12.54
C ASP A 49 8.83 10.37 11.83
N ASN A 50 7.85 10.67 11.04
CA ASN A 50 7.13 9.73 10.24
C ASN A 50 6.77 10.31 8.92
N ILE A 51 6.45 9.44 8.05
CA ILE A 51 6.09 9.74 6.70
C ILE A 51 5.06 8.70 6.24
N THR A 52 4.16 9.10 5.41
CA THR A 52 3.14 8.23 4.95
C THR A 52 3.37 7.84 3.50
N LEU A 53 3.31 6.58 3.24
CA LEU A 53 3.41 6.07 1.89
C LEU A 53 2.10 5.44 1.55
N THR A 54 1.55 5.79 0.45
CA THR A 54 0.35 5.17 0.03
C THR A 54 0.55 4.58 -1.35
N ALA A 55 0.44 3.30 -1.40
CA ALA A 55 0.58 2.58 -2.62
C ALA A 55 -0.78 2.34 -3.20
N HIS A 56 -1.00 2.85 -4.36
CA HIS A 56 -2.25 2.67 -5.02
C HIS A 56 -2.11 1.51 -5.97
N LEU A 57 -2.87 0.49 -5.72
CA LEU A 57 -2.72 -0.79 -6.36
C LEU A 57 -3.99 -1.15 -7.13
N LEU A 58 -3.87 -2.16 -7.94
CA LEU A 58 -4.97 -2.80 -8.63
C LEU A 58 -4.81 -4.28 -8.43
N MET A 59 -5.74 -4.89 -7.76
CA MET A 59 -5.67 -6.31 -7.48
C MET A 59 -6.90 -7.01 -8.02
N VAL A 60 -6.72 -8.23 -8.49
CA VAL A 60 -7.80 -9.02 -9.04
C VAL A 60 -8.77 -9.44 -7.95
N GLY A 61 -10.03 -9.13 -8.20
CA GLY A 61 -11.10 -9.37 -7.28
C GLY A 61 -10.82 -8.77 -5.94
N HIS A 62 -10.71 -9.63 -5.00
CA HIS A 62 -10.38 -9.33 -3.65
C HIS A 62 -10.13 -10.63 -2.96
N THR A 63 -8.90 -10.92 -2.75
CA THR A 63 -8.50 -12.07 -2.04
C THR A 63 -7.99 -11.62 -0.66
N PRO A 64 -8.93 -11.52 0.32
CA PRO A 64 -8.67 -11.04 1.68
C PRO A 64 -7.40 -11.56 2.29
N ALA A 65 -7.23 -12.85 2.27
CA ALA A 65 -6.08 -13.51 2.91
C ALA A 65 -4.75 -13.02 2.36
N LYS A 66 -4.68 -12.83 1.05
CA LYS A 66 -3.44 -12.41 0.43
C LYS A 66 -3.15 -10.95 0.72
N LEU A 67 -4.20 -10.16 0.74
CA LEU A 67 -4.06 -8.74 0.98
C LEU A 67 -3.73 -8.51 2.45
N GLU A 68 -4.43 -9.22 3.31
CA GLU A 68 -4.27 -9.05 4.74
C GLU A 68 -2.96 -9.58 5.24
N ARG A 69 -2.46 -10.63 4.61
CA ARG A 69 -1.18 -11.17 5.01
C ARG A 69 -0.09 -10.21 4.52
N LEU A 70 -0.33 -9.57 3.38
CA LEU A 70 0.61 -8.63 2.82
C LEU A 70 0.72 -7.40 3.70
N VAL A 71 -0.41 -6.87 4.15
CA VAL A 71 -0.38 -5.66 4.97
C VAL A 71 0.19 -5.94 6.36
N ALA A 72 0.09 -7.19 6.81
CA ALA A 72 0.68 -7.59 8.07
C ALA A 72 2.19 -7.54 7.95
N GLU A 73 2.69 -8.07 6.85
CA GLU A 73 4.11 -8.06 6.54
C GLU A 73 4.60 -6.64 6.29
N LEU A 74 3.77 -5.88 5.64
CA LEU A 74 4.08 -4.50 5.35
C LEU A 74 4.14 -3.69 6.65
N SER A 75 3.30 -4.00 7.61
CA SER A 75 3.37 -3.31 8.87
C SER A 75 4.46 -3.90 9.79
N LEU A 76 4.90 -5.14 9.49
CA LEU A 76 5.98 -5.80 10.21
C LEU A 76 7.30 -5.15 9.88
N GLN A 77 7.36 -4.47 8.74
CA GLN A 77 8.52 -3.66 8.35
C GLN A 77 8.92 -2.74 9.53
N PRO A 78 10.15 -2.93 10.06
CA PRO A 78 10.62 -2.24 11.26
C PRO A 78 10.65 -0.72 11.14
N GLY A 79 9.66 -0.10 11.68
CA GLY A 79 9.59 1.33 11.62
C GLY A 79 8.22 1.83 11.25
N VAL A 80 7.34 0.91 10.90
CA VAL A 80 5.96 1.24 10.65
C VAL A 80 5.25 1.57 11.96
N TYR A 81 4.58 2.69 11.97
CA TYR A 81 3.81 3.10 13.12
C TYR A 81 2.41 2.55 12.99
N ALA A 82 1.87 2.65 11.79
CA ALA A 82 0.50 2.22 11.51
C ALA A 82 0.30 2.04 10.01
N VAL A 83 -0.76 1.34 9.65
CA VAL A 83 -1.10 1.10 8.27
C VAL A 83 -2.63 0.98 8.13
N HIS A 84 -3.17 1.43 7.04
CA HIS A 84 -4.58 1.34 6.76
C HIS A 84 -4.77 1.19 5.25
N TRP A 85 -5.70 0.39 4.84
CA TRP A 85 -5.95 0.24 3.42
C TRP A 85 -7.34 0.70 3.07
N TYR A 86 -7.48 1.18 1.90
CA TYR A 86 -8.71 1.74 1.42
C TYR A 86 -9.03 1.15 0.05
N ALA A 87 -10.27 0.88 -0.22
CA ALA A 87 -10.70 0.36 -1.50
C ALA A 87 -11.30 1.49 -2.32
N GLY A 88 -10.86 1.63 -3.53
CA GLY A 88 -11.33 2.70 -4.35
C GLY A 88 -10.20 3.46 -5.00
N GLU A 89 -10.50 4.15 -6.07
CA GLU A 89 -9.49 4.89 -6.82
C GLU A 89 -9.58 6.36 -6.51
N HIS A 90 -10.75 6.86 -6.57
CA HIS A 90 -11.01 8.26 -6.34
C HIS A 90 -11.15 8.48 -4.86
N ALA A 91 -12.18 7.90 -4.32
CA ALA A 91 -12.59 8.02 -2.92
C ALA A 91 -13.90 7.32 -2.77
N GLN A 92 -13.93 6.13 -3.28
CA GLN A 92 -15.13 5.35 -3.32
C GLN A 92 -15.59 4.89 -1.95
N ALA A 93 -16.71 5.40 -1.57
CA ALA A 93 -17.43 4.93 -0.44
C ALA A 93 -18.79 4.60 -0.97
N GLU A 94 -18.90 3.41 -1.47
CA GLU A 94 -20.06 2.99 -2.19
C GLU A 94 -20.88 2.06 -1.32
N VAL A 1 -10.60 6.80 -18.43
CA VAL A 1 -9.31 6.23 -18.02
C VAL A 1 -9.36 5.90 -16.54
N GLU A 2 -9.46 4.63 -16.26
CA GLU A 2 -9.69 4.14 -14.94
C GLU A 2 -9.20 2.72 -14.85
N ASP A 3 -9.01 2.24 -13.66
CA ASP A 3 -8.42 0.93 -13.44
C ASP A 3 -9.47 -0.05 -13.07
N GLU A 4 -10.56 0.05 -13.74
CA GLU A 4 -11.69 -0.80 -13.48
C GLU A 4 -11.59 -2.10 -14.26
N GLY A 5 -10.65 -2.86 -13.84
CA GLY A 5 -10.34 -4.15 -14.36
C GLY A 5 -9.85 -4.99 -13.24
N LEU A 6 -9.07 -4.37 -12.41
CA LEU A 6 -8.63 -4.92 -11.18
C LEU A 6 -9.37 -4.12 -10.14
N GLN A 7 -9.06 -4.29 -8.93
CA GLN A 7 -9.67 -3.55 -7.90
C GLN A 7 -8.64 -2.68 -7.24
N PRO A 8 -8.83 -1.37 -7.29
CA PRO A 8 -7.94 -0.45 -6.66
C PRO A 8 -8.09 -0.44 -5.16
N TYR A 9 -7.02 -0.57 -4.49
CA TYR A 9 -6.97 -0.45 -3.05
C TYR A 9 -5.95 0.61 -2.73
N GLN A 10 -6.25 1.44 -1.79
CA GLN A 10 -5.33 2.51 -1.45
C GLN A 10 -4.80 2.23 -0.08
N VAL A 11 -3.56 1.98 0.00
CA VAL A 11 -2.93 1.61 1.23
C VAL A 11 -2.07 2.75 1.74
N ARG A 12 -2.46 3.34 2.84
CA ARG A 12 -1.64 4.37 3.42
C ARG A 12 -0.79 3.74 4.52
N VAL A 13 0.48 3.75 4.33
CA VAL A 13 1.38 3.26 5.32
C VAL A 13 2.19 4.40 5.88
N ILE A 14 2.10 4.56 7.15
CA ILE A 14 2.79 5.60 7.83
C ILE A 14 4.04 4.97 8.41
N CYS A 15 5.18 5.43 8.02
CA CYS A 15 6.40 4.88 8.53
C CYS A 15 7.43 5.96 8.64
N ARG A 16 8.46 5.67 9.37
CA ARG A 16 9.59 6.59 9.49
C ARG A 16 10.34 6.66 8.14
N PRO A 17 10.95 7.81 7.79
CA PRO A 17 11.67 7.98 6.50
C PRO A 17 12.77 6.94 6.25
N LYS A 18 13.37 6.46 7.31
CA LYS A 18 14.37 5.41 7.22
C LYS A 18 13.73 4.11 6.78
N ALA A 19 12.45 3.98 7.07
CA ALA A 19 11.74 2.77 6.80
C ALA A 19 11.19 2.80 5.42
N GLU A 20 10.77 3.99 5.01
CA GLU A 20 10.15 4.27 3.70
C GLU A 20 10.92 3.62 2.54
N THR A 21 12.23 3.61 2.69
CA THR A 21 13.11 3.04 1.69
C THR A 21 12.86 1.53 1.50
N TYR A 22 12.84 0.79 2.58
CA TYR A 22 12.64 -0.64 2.49
C TYR A 22 11.18 -0.99 2.41
N VAL A 23 10.35 -0.10 2.91
CA VAL A 23 8.92 -0.29 2.86
C VAL A 23 8.45 -0.23 1.41
N ARG A 24 8.85 0.81 0.68
CA ARG A 24 8.37 0.95 -0.69
C ARG A 24 8.96 -0.13 -1.58
N ALA A 25 10.19 -0.54 -1.27
CA ALA A 25 10.85 -1.60 -1.99
C ALA A 25 10.11 -2.91 -1.79
N HIS A 26 9.77 -3.18 -0.53
CA HIS A 26 9.09 -4.40 -0.16
C HIS A 26 7.71 -4.43 -0.82
N ILE A 27 7.06 -3.28 -0.90
CA ILE A 27 5.77 -3.17 -1.57
C ILE A 27 5.90 -3.59 -3.03
N VAL A 28 6.91 -3.09 -3.71
CA VAL A 28 7.12 -3.39 -5.11
C VAL A 28 7.40 -4.89 -5.31
N GLN A 29 8.21 -5.42 -4.44
CA GLN A 29 8.58 -6.82 -4.51
C GLN A 29 7.39 -7.68 -4.21
N ARG A 30 6.65 -7.33 -3.19
CA ARG A 30 5.51 -8.12 -2.83
C ARG A 30 4.41 -7.99 -3.82
N THR A 31 4.20 -6.83 -4.39
CA THR A 31 3.15 -6.68 -5.36
C THR A 31 3.42 -7.52 -6.61
N SER A 32 4.70 -7.56 -7.02
CA SER A 32 5.09 -8.33 -8.16
C SER A 32 4.77 -9.83 -7.94
N SER A 33 5.11 -10.32 -6.75
CA SER A 33 4.89 -11.72 -6.44
C SER A 33 3.43 -12.05 -6.04
N ASN A 34 2.77 -11.10 -5.40
CA ASN A 34 1.46 -11.32 -4.77
C ASN A 34 0.27 -10.95 -5.69
N ASP A 35 0.55 -10.80 -6.99
CA ASP A 35 -0.50 -10.54 -8.03
C ASP A 35 -1.11 -9.16 -7.91
N ILE A 36 -0.36 -8.23 -7.40
CA ILE A 36 -0.87 -6.90 -7.23
C ILE A 36 -0.09 -5.95 -8.13
N THR A 37 -0.78 -5.14 -8.87
CA THR A 37 -0.13 -4.17 -9.70
C THR A 37 -0.15 -2.84 -8.96
N LEU A 38 0.92 -2.12 -8.96
CA LEU A 38 0.92 -0.80 -8.38
C LEU A 38 0.32 0.17 -9.38
N ARG A 39 -0.49 1.07 -8.91
CA ARG A 39 -1.02 2.10 -9.75
C ARG A 39 -0.11 3.31 -9.63
N GLY A 40 0.31 3.54 -8.43
CA GLY A 40 1.20 4.61 -8.10
C GLY A 40 1.34 4.71 -6.62
N ILE A 41 2.35 5.37 -6.17
CA ILE A 41 2.61 5.49 -4.74
C ILE A 41 2.96 6.94 -4.41
N ARG A 42 2.16 7.57 -3.60
CA ARG A 42 2.45 8.90 -3.16
C ARG A 42 3.12 8.82 -1.81
N THR A 43 4.36 9.17 -1.76
CA THR A 43 5.14 9.05 -0.56
C THR A 43 5.66 10.43 -0.14
N GLY A 44 5.12 10.94 0.95
CA GLY A 44 5.51 12.23 1.41
C GLY A 44 5.50 12.35 2.92
N PRO A 45 6.25 13.31 3.49
CA PRO A 45 6.32 13.57 4.94
C PRO A 45 4.93 13.76 5.54
N ALA A 46 4.70 13.17 6.69
CA ALA A 46 3.39 13.20 7.28
C ALA A 46 3.32 13.98 8.58
N GLY A 47 4.40 14.59 8.99
CA GLY A 47 4.34 15.32 10.20
C GLY A 47 5.63 15.49 10.94
N ASP A 48 5.95 14.51 11.73
CA ASP A 48 7.09 14.66 12.62
C ASP A 48 8.27 13.89 12.14
N ASP A 49 8.17 12.60 12.28
CA ASP A 49 9.27 11.72 11.92
C ASP A 49 8.70 10.61 11.07
N ASN A 50 7.65 10.94 10.42
CA ASN A 50 6.93 10.04 9.59
C ASN A 50 6.70 10.54 8.23
N ILE A 51 6.43 9.59 7.41
CA ILE A 51 6.11 9.75 6.04
C ILE A 51 4.95 8.80 5.78
N THR A 52 4.00 9.20 5.00
CA THR A 52 2.92 8.33 4.68
C THR A 52 2.91 8.04 3.21
N LEU A 53 3.04 6.79 2.91
CA LEU A 53 3.03 6.34 1.54
C LEU A 53 1.65 5.88 1.23
N THR A 54 1.00 6.56 0.36
CA THR A 54 -0.28 6.14 -0.07
C THR A 54 -0.06 5.36 -1.36
N ALA A 55 -0.16 4.07 -1.26
CA ALA A 55 0.08 3.20 -2.35
C ALA A 55 -1.22 2.74 -2.94
N HIS A 56 -1.43 3.09 -4.17
CA HIS A 56 -2.59 2.67 -4.87
C HIS A 56 -2.26 1.36 -5.52
N LEU A 57 -2.86 0.32 -5.06
CA LEU A 57 -2.60 -0.99 -5.54
C LEU A 57 -3.80 -1.42 -6.38
N LEU A 58 -3.57 -2.28 -7.30
CA LEU A 58 -4.62 -2.83 -8.13
C LEU A 58 -4.51 -4.35 -8.01
N MET A 59 -5.54 -4.98 -7.50
CA MET A 59 -5.50 -6.42 -7.31
C MET A 59 -6.71 -7.06 -7.99
N VAL A 60 -6.51 -8.21 -8.62
CA VAL A 60 -7.57 -8.89 -9.39
C VAL A 60 -8.61 -9.49 -8.46
N GLY A 61 -9.83 -9.04 -8.57
CA GLY A 61 -10.88 -9.46 -7.69
C GLY A 61 -10.58 -9.04 -6.27
N HIS A 62 -10.43 -10.02 -5.43
CA HIS A 62 -10.10 -9.82 -4.05
C HIS A 62 -9.83 -11.16 -3.41
N THR A 63 -8.58 -11.44 -3.22
CA THR A 63 -8.16 -12.58 -2.49
C THR A 63 -7.57 -12.08 -1.16
N PRO A 64 -8.43 -11.92 -0.13
CA PRO A 64 -8.07 -11.41 1.20
C PRO A 64 -6.80 -11.99 1.78
N ALA A 65 -6.60 -13.27 1.56
CA ALA A 65 -5.44 -13.97 2.12
C ALA A 65 -4.14 -13.35 1.65
N LYS A 66 -4.00 -13.18 0.35
CA LYS A 66 -2.80 -12.62 -0.21
C LYS A 66 -2.68 -11.14 0.09
N LEU A 67 -3.82 -10.46 0.20
CA LEU A 67 -3.80 -9.05 0.53
C LEU A 67 -3.36 -8.88 1.98
N GLU A 68 -3.85 -9.75 2.85
CA GLU A 68 -3.55 -9.73 4.26
C GLU A 68 -2.08 -10.05 4.47
N ARG A 69 -1.54 -10.93 3.63
CA ARG A 69 -0.11 -11.28 3.68
C ARG A 69 0.73 -10.05 3.49
N LEU A 70 0.40 -9.29 2.46
CA LEU A 70 1.12 -8.08 2.16
C LEU A 70 0.95 -7.06 3.26
N VAL A 71 -0.26 -6.93 3.74
CA VAL A 71 -0.54 -5.95 4.76
C VAL A 71 0.13 -6.31 6.07
N ALA A 72 0.16 -7.59 6.40
CA ALA A 72 0.77 -8.02 7.64
C ALA A 72 2.26 -7.80 7.65
N GLU A 73 2.93 -8.09 6.54
CA GLU A 73 4.37 -7.91 6.54
C GLU A 73 4.75 -6.47 6.47
N LEU A 74 3.98 -5.73 5.73
CA LEU A 74 4.27 -4.35 5.52
C LEU A 74 3.96 -3.55 6.79
N SER A 75 2.92 -3.94 7.50
CA SER A 75 2.56 -3.24 8.71
C SER A 75 3.53 -3.62 9.86
N LEU A 76 4.00 -4.86 9.83
CA LEU A 76 4.83 -5.37 10.90
C LEU A 76 6.31 -5.01 10.70
N GLN A 77 6.66 -4.45 9.53
CA GLN A 77 8.05 -4.00 9.31
C GLN A 77 8.46 -2.97 10.36
N PRO A 78 9.59 -3.18 11.02
CA PRO A 78 10.09 -2.29 12.06
C PRO A 78 10.37 -0.90 11.51
N GLY A 79 9.52 0.01 11.87
CA GLY A 79 9.66 1.39 11.44
C GLY A 79 8.34 1.96 11.01
N VAL A 80 7.42 1.07 10.74
CA VAL A 80 6.07 1.43 10.38
C VAL A 80 5.25 1.76 11.63
N TYR A 81 4.48 2.81 11.56
CA TYR A 81 3.60 3.20 12.64
C TYR A 81 2.33 2.42 12.50
N ALA A 82 1.75 2.52 11.33
CA ALA A 82 0.46 1.92 11.05
C ALA A 82 0.19 1.87 9.57
N VAL A 83 -0.69 0.99 9.18
CA VAL A 83 -1.10 0.82 7.80
C VAL A 83 -2.62 0.78 7.76
N HIS A 84 -3.21 1.57 6.92
CA HIS A 84 -4.65 1.61 6.76
C HIS A 84 -4.97 1.58 5.28
N TRP A 85 -5.82 0.67 4.87
CA TRP A 85 -6.14 0.60 3.47
C TRP A 85 -7.60 0.89 3.19
N TYR A 86 -7.80 1.47 2.07
CA TYR A 86 -9.10 1.85 1.57
C TYR A 86 -9.37 0.98 0.36
N ALA A 87 -10.59 0.70 0.10
CA ALA A 87 -10.94 -0.09 -1.05
C ALA A 87 -11.63 0.80 -2.05
N GLY A 88 -11.23 0.67 -3.27
CA GLY A 88 -11.83 1.41 -4.32
C GLY A 88 -11.17 2.74 -4.52
N GLU A 89 -11.91 3.63 -5.08
CA GLU A 89 -11.44 4.96 -5.29
C GLU A 89 -12.11 5.93 -4.32
N HIS A 90 -12.81 5.35 -3.36
CA HIS A 90 -13.45 6.11 -2.31
C HIS A 90 -12.46 6.27 -1.18
N ALA A 91 -11.87 7.42 -1.07
CA ALA A 91 -10.93 7.68 0.00
C ALA A 91 -11.68 8.17 1.23
N GLN A 92 -12.37 7.25 1.84
CA GLN A 92 -13.24 7.54 2.95
C GLN A 92 -12.53 7.21 4.26
N ALA A 93 -12.24 8.23 5.04
CA ALA A 93 -11.56 8.07 6.30
C ALA A 93 -12.22 8.90 7.39
N GLU A 94 -12.74 8.22 8.38
CA GLU A 94 -13.33 8.82 9.56
C GLU A 94 -13.59 7.72 10.56
N VAL A 1 -10.32 4.26 -18.97
CA VAL A 1 -10.71 2.89 -18.69
C VAL A 1 -11.17 2.74 -17.25
N GLU A 2 -11.94 1.72 -16.96
CA GLU A 2 -12.44 1.50 -15.61
C GLU A 2 -11.45 0.60 -14.90
N ASP A 3 -11.05 0.96 -13.72
CA ASP A 3 -10.18 0.08 -12.97
C ASP A 3 -10.98 -0.86 -12.11
N GLU A 4 -11.63 -1.81 -12.76
CA GLU A 4 -12.42 -2.83 -12.06
C GLU A 4 -12.12 -4.20 -12.59
N GLY A 5 -10.97 -4.27 -13.13
CA GLY A 5 -10.43 -5.50 -13.59
C GLY A 5 -9.53 -6.00 -12.51
N LEU A 6 -8.83 -5.05 -11.98
CA LEU A 6 -8.02 -5.17 -10.84
C LEU A 6 -8.47 -4.02 -9.99
N GLN A 7 -8.79 -4.26 -8.75
CA GLN A 7 -9.34 -3.25 -7.91
C GLN A 7 -8.22 -2.37 -7.37
N PRO A 8 -8.31 -1.04 -7.56
CA PRO A 8 -7.33 -0.13 -7.06
C PRO A 8 -7.47 0.11 -5.57
N TYR A 9 -6.66 -0.54 -4.82
CA TYR A 9 -6.62 -0.38 -3.41
C TYR A 9 -5.63 0.67 -3.05
N GLN A 10 -5.88 1.36 -2.00
CA GLN A 10 -5.02 2.38 -1.54
C GLN A 10 -4.56 2.02 -0.14
N VAL A 11 -3.29 1.79 -0.02
CA VAL A 11 -2.70 1.37 1.22
C VAL A 11 -1.90 2.52 1.79
N ARG A 12 -2.35 3.02 2.90
CA ARG A 12 -1.73 4.14 3.57
C ARG A 12 -0.83 3.61 4.70
N VAL A 13 0.45 3.60 4.49
CA VAL A 13 1.37 3.14 5.52
C VAL A 13 2.18 4.31 6.07
N ILE A 14 2.09 4.48 7.35
CA ILE A 14 2.77 5.53 8.04
C ILE A 14 3.99 4.91 8.67
N CYS A 15 5.15 5.34 8.28
CA CYS A 15 6.36 4.76 8.77
C CYS A 15 7.40 5.83 8.93
N ARG A 16 8.52 5.48 9.48
CA ARG A 16 9.68 6.39 9.58
C ARG A 16 10.19 6.75 8.16
N PRO A 17 10.69 7.99 7.94
CA PRO A 17 11.28 8.40 6.65
C PRO A 17 12.41 7.50 6.16
N LYS A 18 13.17 6.94 7.08
CA LYS A 18 14.22 6.00 6.74
C LYS A 18 13.67 4.61 6.52
N ALA A 19 12.40 4.44 6.78
CA ALA A 19 11.76 3.19 6.60
C ALA A 19 11.16 3.11 5.22
N GLU A 20 10.67 4.26 4.76
CA GLU A 20 10.05 4.44 3.44
C GLU A 20 10.88 3.82 2.33
N THR A 21 12.18 3.94 2.46
CA THR A 21 13.11 3.42 1.49
C THR A 21 13.00 1.89 1.33
N TYR A 22 13.00 1.16 2.43
CA TYR A 22 12.90 -0.27 2.34
C TYR A 22 11.45 -0.72 2.25
N VAL A 23 10.56 0.09 2.78
CA VAL A 23 9.13 -0.22 2.74
C VAL A 23 8.63 -0.17 1.31
N ARG A 24 8.96 0.89 0.59
CA ARG A 24 8.52 1.05 -0.77
C ARG A 24 9.08 -0.05 -1.67
N ALA A 25 10.33 -0.38 -1.45
CA ALA A 25 10.98 -1.43 -2.22
C ALA A 25 10.37 -2.79 -1.91
N HIS A 26 10.06 -3.00 -0.64
CA HIS A 26 9.45 -4.24 -0.20
C HIS A 26 8.04 -4.36 -0.77
N ILE A 27 7.32 -3.23 -0.86
CA ILE A 27 5.99 -3.20 -1.47
C ILE A 27 6.08 -3.68 -2.90
N VAL A 28 7.04 -3.14 -3.64
CA VAL A 28 7.23 -3.51 -5.03
C VAL A 28 7.55 -5.00 -5.17
N GLN A 29 8.38 -5.50 -4.28
CA GLN A 29 8.74 -6.91 -4.29
C GLN A 29 7.55 -7.79 -3.98
N ARG A 30 6.77 -7.39 -3.00
CA ARG A 30 5.62 -8.16 -2.59
C ARG A 30 4.56 -8.17 -3.66
N THR A 31 4.35 -7.05 -4.27
CA THR A 31 3.34 -6.96 -5.27
C THR A 31 3.73 -7.72 -6.54
N SER A 32 5.01 -7.62 -6.91
CA SER A 32 5.50 -8.26 -8.11
C SER A 32 5.49 -9.79 -7.99
N SER A 33 5.55 -10.30 -6.77
CA SER A 33 5.48 -11.72 -6.60
C SER A 33 4.06 -12.20 -6.24
N ASN A 34 3.34 -11.42 -5.45
CA ASN A 34 2.09 -11.88 -4.86
C ASN A 34 0.83 -11.43 -5.59
N ASP A 35 0.94 -11.23 -6.90
CA ASP A 35 -0.22 -11.03 -7.83
C ASP A 35 -0.86 -9.65 -7.76
N ILE A 36 -0.13 -8.67 -7.32
CA ILE A 36 -0.67 -7.32 -7.27
C ILE A 36 0.13 -6.38 -8.19
N THR A 37 -0.55 -5.57 -8.94
CA THR A 37 0.07 -4.62 -9.84
C THR A 37 0.06 -3.24 -9.17
N LEU A 38 1.03 -2.40 -9.43
CA LEU A 38 1.07 -1.09 -8.79
C LEU A 38 0.43 -0.06 -9.71
N ARG A 39 -0.39 0.80 -9.15
CA ARG A 39 -1.02 1.87 -9.92
C ARG A 39 -0.15 3.11 -9.76
N GLY A 40 0.38 3.26 -8.56
CA GLY A 40 1.26 4.33 -8.23
C GLY A 40 1.51 4.37 -6.75
N ILE A 41 2.51 5.11 -6.36
CA ILE A 41 2.86 5.24 -4.97
C ILE A 41 3.09 6.71 -4.65
N ARG A 42 2.31 7.21 -3.76
CA ARG A 42 2.41 8.56 -3.32
C ARG A 42 3.03 8.55 -1.93
N THR A 43 3.91 9.44 -1.65
CA THR A 43 4.51 9.50 -0.36
C THR A 43 4.57 10.94 0.12
N GLY A 44 4.21 11.16 1.36
CA GLY A 44 4.21 12.48 1.91
C GLY A 44 4.58 12.48 3.37
N PRO A 45 5.35 13.49 3.83
CA PRO A 45 5.75 13.62 5.24
C PRO A 45 4.52 13.74 6.15
N ALA A 46 4.51 13.00 7.22
CA ALA A 46 3.37 12.96 8.13
C ALA A 46 3.58 13.87 9.33
N GLY A 47 4.59 14.68 9.25
CA GLY A 47 4.81 15.64 10.25
C GLY A 47 6.13 15.49 10.89
N ASP A 48 6.10 15.06 12.13
CA ASP A 48 7.26 14.93 13.00
C ASP A 48 8.40 14.15 12.38
N ASP A 49 8.33 12.88 12.41
CA ASP A 49 9.34 12.06 11.84
C ASP A 49 8.72 10.79 11.36
N ASN A 50 7.54 10.94 10.82
CA ASN A 50 6.88 9.86 10.14
C ASN A 50 6.57 10.32 8.74
N ILE A 51 6.37 9.41 7.85
CA ILE A 51 6.03 9.69 6.49
C ILE A 51 4.95 8.68 6.08
N THR A 52 4.00 9.09 5.30
CA THR A 52 2.95 8.20 4.91
C THR A 52 3.00 7.91 3.44
N LEU A 53 3.03 6.66 3.11
CA LEU A 53 3.01 6.22 1.74
C LEU A 53 1.62 5.76 1.42
N THR A 54 1.10 6.23 0.34
CA THR A 54 -0.14 5.77 -0.14
C THR A 54 0.18 4.95 -1.37
N ALA A 55 0.09 3.68 -1.25
CA ALA A 55 0.37 2.80 -2.33
C ALA A 55 -0.93 2.40 -2.98
N HIS A 56 -1.08 2.75 -4.21
CA HIS A 56 -2.26 2.42 -4.94
C HIS A 56 -1.94 1.18 -5.70
N LEU A 57 -2.57 0.12 -5.33
CA LEU A 57 -2.28 -1.17 -5.88
C LEU A 57 -3.49 -1.71 -6.60
N LEU A 58 -3.26 -2.51 -7.57
CA LEU A 58 -4.32 -3.12 -8.35
C LEU A 58 -4.22 -4.63 -8.17
N MET A 59 -5.22 -5.21 -7.58
CA MET A 59 -5.23 -6.65 -7.38
C MET A 59 -6.37 -7.27 -8.18
N VAL A 60 -6.11 -8.43 -8.75
CA VAL A 60 -7.04 -9.09 -9.68
C VAL A 60 -8.29 -9.58 -8.96
N GLY A 61 -9.43 -9.14 -9.45
CA GLY A 61 -10.69 -9.51 -8.89
C GLY A 61 -10.90 -8.93 -7.52
N HIS A 62 -10.96 -9.81 -6.55
CA HIS A 62 -11.13 -9.46 -5.17
C HIS A 62 -10.77 -10.65 -4.31
N THR A 63 -9.55 -10.70 -3.89
CA THR A 63 -9.08 -11.69 -3.00
C THR A 63 -8.37 -10.98 -1.84
N PRO A 64 -9.16 -10.50 -0.85
CA PRO A 64 -8.65 -9.65 0.22
C PRO A 64 -7.57 -10.31 1.07
N ALA A 65 -7.56 -11.62 1.07
CA ALA A 65 -6.60 -12.39 1.82
C ALA A 65 -5.17 -12.09 1.38
N LYS A 66 -4.96 -11.92 0.08
CA LYS A 66 -3.63 -11.61 -0.44
C LYS A 66 -3.19 -10.25 0.03
N LEU A 67 -4.09 -9.31 -0.06
CA LEU A 67 -3.79 -7.96 0.29
C LEU A 67 -3.52 -7.86 1.77
N GLU A 68 -4.34 -8.54 2.55
CA GLU A 68 -4.23 -8.52 3.98
C GLU A 68 -2.90 -9.13 4.43
N ARG A 69 -2.48 -10.22 3.76
CA ARG A 69 -1.20 -10.83 4.11
C ARG A 69 -0.05 -9.89 3.83
N LEU A 70 -0.12 -9.20 2.71
CA LEU A 70 0.90 -8.23 2.37
C LEU A 70 0.88 -7.05 3.32
N VAL A 71 -0.30 -6.59 3.68
CA VAL A 71 -0.45 -5.47 4.59
C VAL A 71 0.11 -5.82 5.97
N ALA A 72 -0.17 -7.03 6.44
CA ALA A 72 0.32 -7.50 7.73
C ALA A 72 1.84 -7.55 7.76
N GLU A 73 2.41 -8.05 6.69
CA GLU A 73 3.86 -8.17 6.54
C GLU A 73 4.48 -6.79 6.42
N LEU A 74 3.81 -5.93 5.70
CA LEU A 74 4.29 -4.59 5.49
C LEU A 74 4.24 -3.83 6.82
N SER A 75 3.18 -4.05 7.57
CA SER A 75 3.01 -3.45 8.87
C SER A 75 4.11 -3.97 9.84
N LEU A 76 4.46 -5.25 9.67
CA LEU A 76 5.39 -5.95 10.52
C LEU A 76 6.83 -5.49 10.30
N GLN A 77 7.08 -4.93 9.13
CA GLN A 77 8.40 -4.38 8.82
C GLN A 77 8.77 -3.30 9.84
N PRO A 78 9.90 -3.48 10.56
CA PRO A 78 10.32 -2.59 11.64
C PRO A 78 10.55 -1.17 11.14
N GLY A 79 9.63 -0.32 11.49
CA GLY A 79 9.71 1.07 11.10
C GLY A 79 8.34 1.64 10.81
N VAL A 80 7.40 0.75 10.56
CA VAL A 80 6.03 1.12 10.31
C VAL A 80 5.30 1.40 11.63
N TYR A 81 4.62 2.52 11.68
CA TYR A 81 3.80 2.91 12.81
C TYR A 81 2.45 2.27 12.69
N ALA A 82 1.84 2.49 11.55
CA ALA A 82 0.50 2.01 11.29
C ALA A 82 0.27 1.95 9.80
N VAL A 83 -0.68 1.14 9.39
CA VAL A 83 -1.03 1.04 7.99
C VAL A 83 -2.53 0.81 7.84
N HIS A 84 -3.15 1.61 7.00
CA HIS A 84 -4.57 1.52 6.75
C HIS A 84 -4.75 1.12 5.31
N TRP A 85 -5.60 0.20 5.04
CA TRP A 85 -5.90 -0.07 3.67
C TRP A 85 -7.31 0.27 3.41
N TYR A 86 -7.54 0.71 2.26
CA TYR A 86 -8.82 1.17 1.87
C TYR A 86 -8.98 0.87 0.40
N ALA A 87 -10.16 0.57 -0.02
CA ALA A 87 -10.40 0.33 -1.42
C ALA A 87 -10.48 1.65 -2.16
N GLY A 88 -10.49 1.58 -3.46
CA GLY A 88 -10.59 2.75 -4.28
C GLY A 88 -11.86 3.48 -4.03
N GLU A 89 -11.74 4.65 -3.48
CA GLU A 89 -12.88 5.46 -3.18
C GLU A 89 -13.45 5.94 -4.51
N HIS A 90 -12.67 6.76 -5.14
CA HIS A 90 -12.92 7.20 -6.49
C HIS A 90 -11.67 6.94 -7.26
N ALA A 91 -10.56 7.40 -6.66
CA ALA A 91 -9.20 7.27 -7.20
C ALA A 91 -9.16 7.79 -8.63
N GLN A 92 -9.87 8.86 -8.78
CA GLN A 92 -10.11 9.43 -10.06
C GLN A 92 -9.16 10.56 -10.30
N ALA A 93 -8.51 10.52 -11.44
CA ALA A 93 -7.60 11.54 -11.80
C ALA A 93 -8.35 12.72 -12.41
N GLU A 94 -8.81 13.59 -11.57
CA GLU A 94 -9.47 14.78 -11.97
C GLU A 94 -8.48 15.92 -11.85
N VAL A 1 -13.54 3.06 -18.07
CA VAL A 1 -13.07 2.17 -17.00
C VAL A 1 -11.56 2.12 -16.98
N GLU A 2 -11.00 2.72 -15.97
CA GLU A 2 -9.58 2.89 -15.89
C GLU A 2 -8.98 1.73 -15.12
N ASP A 3 -8.82 0.61 -15.83
CA ASP A 3 -8.31 -0.66 -15.28
C ASP A 3 -9.21 -1.17 -14.20
N GLU A 4 -10.45 -0.84 -14.38
CA GLU A 4 -11.49 -1.15 -13.45
C GLU A 4 -12.05 -2.52 -13.73
N GLY A 5 -11.24 -3.44 -13.40
CA GLY A 5 -11.50 -4.85 -13.50
C GLY A 5 -10.79 -5.52 -12.37
N LEU A 6 -9.62 -4.99 -12.09
CA LEU A 6 -8.86 -5.34 -10.96
C LEU A 6 -9.47 -4.55 -9.82
N GLN A 7 -9.40 -5.07 -8.64
CA GLN A 7 -10.00 -4.43 -7.47
C GLN A 7 -9.11 -3.31 -7.00
N PRO A 8 -9.58 -2.07 -7.16
CA PRO A 8 -8.82 -0.92 -6.77
C PRO A 8 -8.78 -0.74 -5.28
N TYR A 9 -7.61 -0.53 -4.79
CA TYR A 9 -7.36 -0.30 -3.39
C TYR A 9 -6.29 0.75 -3.22
N GLN A 10 -6.19 1.25 -2.03
CA GLN A 10 -5.13 2.16 -1.63
C GLN A 10 -4.66 1.71 -0.29
N VAL A 11 -3.40 1.59 -0.15
CA VAL A 11 -2.82 1.19 1.10
C VAL A 11 -1.83 2.25 1.52
N ARG A 12 -2.01 2.83 2.67
CA ARG A 12 -1.08 3.81 3.15
C ARG A 12 -0.42 3.33 4.42
N VAL A 13 0.86 3.44 4.46
CA VAL A 13 1.63 3.03 5.60
C VAL A 13 2.47 4.20 6.11
N ILE A 14 2.38 4.46 7.38
CA ILE A 14 3.11 5.54 8.01
C ILE A 14 4.29 4.92 8.73
N CYS A 15 5.47 5.24 8.31
CA CYS A 15 6.64 4.63 8.86
C CYS A 15 7.77 5.63 8.98
N ARG A 16 8.86 5.18 9.58
CA ARG A 16 10.11 5.94 9.67
C ARG A 16 10.62 6.27 8.26
N PRO A 17 11.20 7.45 8.04
CA PRO A 17 11.77 7.83 6.73
C PRO A 17 12.82 6.85 6.20
N LYS A 18 13.62 6.28 7.09
CA LYS A 18 14.60 5.28 6.68
C LYS A 18 13.91 3.96 6.32
N ALA A 19 12.67 3.81 6.74
CA ALA A 19 11.94 2.60 6.49
C ALA A 19 11.30 2.66 5.14
N GLU A 20 10.87 3.88 4.78
CA GLU A 20 10.22 4.21 3.50
C GLU A 20 10.95 3.57 2.35
N THR A 21 12.25 3.74 2.36
CA THR A 21 13.08 3.33 1.29
C THR A 21 13.00 1.82 1.05
N TYR A 22 12.97 1.03 2.10
CA TYR A 22 12.85 -0.37 1.89
C TYR A 22 11.39 -0.78 1.78
N VAL A 23 10.52 -0.05 2.47
CA VAL A 23 9.08 -0.32 2.48
C VAL A 23 8.48 -0.19 1.10
N ARG A 24 8.78 0.91 0.43
CA ARG A 24 8.24 1.18 -0.90
C ARG A 24 8.70 0.12 -1.90
N ALA A 25 9.95 -0.27 -1.78
CA ALA A 25 10.52 -1.27 -2.65
C ALA A 25 9.93 -2.65 -2.33
N HIS A 26 9.71 -2.89 -1.05
CA HIS A 26 9.15 -4.14 -0.58
C HIS A 26 7.70 -4.25 -1.04
N ILE A 27 6.98 -3.13 -1.02
CA ILE A 27 5.61 -3.08 -1.52
C ILE A 27 5.57 -3.47 -2.98
N VAL A 28 6.50 -2.93 -3.76
CA VAL A 28 6.58 -3.25 -5.18
C VAL A 28 6.87 -4.75 -5.39
N GLN A 29 7.74 -5.30 -4.58
CA GLN A 29 8.05 -6.71 -4.67
C GLN A 29 6.88 -7.57 -4.25
N ARG A 30 6.20 -7.16 -3.20
CA ARG A 30 5.07 -7.89 -2.74
C ARG A 30 3.95 -7.84 -3.73
N THR A 31 3.67 -6.68 -4.25
CA THR A 31 2.57 -6.51 -5.17
C THR A 31 2.77 -7.33 -6.45
N SER A 32 3.99 -7.32 -6.97
CA SER A 32 4.30 -8.04 -8.18
C SER A 32 4.18 -9.55 -7.98
N SER A 33 4.40 -10.00 -6.77
CA SER A 33 4.29 -11.39 -6.43
C SER A 33 2.84 -11.76 -5.97
N ASN A 34 2.17 -10.84 -5.31
CA ASN A 34 0.87 -11.08 -4.69
C ASN A 34 -0.31 -10.80 -5.62
N ASP A 35 -0.05 -10.71 -6.94
CA ASP A 35 -1.12 -10.50 -7.98
C ASP A 35 -1.68 -9.08 -7.93
N ILE A 36 -0.88 -8.14 -7.48
CA ILE A 36 -1.33 -6.78 -7.33
C ILE A 36 -0.58 -5.85 -8.28
N THR A 37 -1.30 -5.07 -9.01
CA THR A 37 -0.77 -4.10 -9.93
C THR A 37 -0.86 -2.72 -9.24
N LEU A 38 0.06 -1.85 -9.52
CA LEU A 38 0.09 -0.56 -8.86
C LEU A 38 -0.47 0.53 -9.75
N ARG A 39 -1.19 1.45 -9.17
CA ARG A 39 -1.75 2.60 -9.87
C ARG A 39 -0.98 3.87 -9.55
N GLY A 40 -0.08 3.78 -8.61
CA GLY A 40 0.76 4.90 -8.28
C GLY A 40 1.20 4.83 -6.88
N ILE A 41 2.21 5.57 -6.56
CA ILE A 41 2.76 5.61 -5.22
C ILE A 41 3.02 7.05 -4.85
N ARG A 42 2.39 7.49 -3.81
CA ARG A 42 2.56 8.84 -3.34
C ARG A 42 3.08 8.76 -1.92
N THR A 43 3.87 9.70 -1.51
CA THR A 43 4.38 9.66 -0.18
C THR A 43 4.57 11.09 0.34
N GLY A 44 4.26 11.29 1.58
CA GLY A 44 4.39 12.57 2.18
C GLY A 44 4.77 12.48 3.63
N PRO A 45 5.60 13.39 4.13
CA PRO A 45 5.93 13.49 5.57
C PRO A 45 4.65 13.49 6.41
N ALA A 46 4.57 12.60 7.37
CA ALA A 46 3.32 12.38 8.09
C ALA A 46 3.24 13.09 9.43
N GLY A 47 4.27 13.81 9.79
CA GLY A 47 4.28 14.47 11.04
C GLY A 47 5.62 15.02 11.39
N ASP A 48 6.46 14.19 11.91
CA ASP A 48 7.78 14.63 12.35
C ASP A 48 8.85 13.73 11.82
N ASP A 49 8.89 12.53 12.33
CA ASP A 49 9.89 11.56 11.93
C ASP A 49 9.16 10.35 11.40
N ASN A 50 8.22 10.65 10.58
CA ASN A 50 7.42 9.71 9.88
C ASN A 50 7.04 10.22 8.56
N ILE A 51 6.71 9.32 7.74
CA ILE A 51 6.31 9.59 6.40
C ILE A 51 5.26 8.57 5.99
N THR A 52 4.25 9.01 5.31
CA THR A 52 3.20 8.15 4.90
C THR A 52 3.37 7.82 3.44
N LEU A 53 3.29 6.57 3.13
CA LEU A 53 3.39 6.13 1.78
C LEU A 53 2.04 5.59 1.38
N THR A 54 1.45 6.16 0.38
CA THR A 54 0.18 5.75 -0.09
C THR A 54 0.33 5.10 -1.45
N ALA A 55 0.14 3.81 -1.51
CA ALA A 55 0.24 3.10 -2.74
C ALA A 55 -1.15 2.80 -3.24
N HIS A 56 -1.41 3.17 -4.46
CA HIS A 56 -2.67 2.91 -5.09
C HIS A 56 -2.51 1.59 -5.78
N LEU A 57 -3.37 0.67 -5.50
CA LEU A 57 -3.21 -0.68 -5.98
C LEU A 57 -4.45 -1.17 -6.70
N LEU A 58 -4.24 -2.10 -7.57
CA LEU A 58 -5.28 -2.78 -8.30
C LEU A 58 -4.98 -4.26 -8.17
N MET A 59 -5.86 -5.03 -7.62
CA MET A 59 -5.54 -6.43 -7.44
C MET A 59 -6.32 -7.29 -8.39
N VAL A 60 -5.60 -8.16 -9.08
CA VAL A 60 -6.19 -9.08 -10.01
C VAL A 60 -6.84 -10.19 -9.21
N GLY A 61 -8.10 -10.42 -9.42
CA GLY A 61 -8.78 -11.48 -8.67
C GLY A 61 -9.26 -11.03 -7.28
N HIS A 62 -8.33 -10.54 -6.45
CA HIS A 62 -8.57 -10.11 -5.09
C HIS A 62 -8.68 -11.31 -4.19
N THR A 63 -7.57 -11.60 -3.62
CA THR A 63 -7.41 -12.65 -2.72
C THR A 63 -7.04 -12.05 -1.38
N PRO A 64 -8.05 -11.84 -0.53
CA PRO A 64 -7.92 -11.25 0.80
C PRO A 64 -6.71 -11.72 1.58
N ALA A 65 -6.43 -13.00 1.49
CA ALA A 65 -5.30 -13.61 2.20
C ALA A 65 -3.97 -12.97 1.81
N LYS A 66 -3.78 -12.72 0.54
CA LYS A 66 -2.55 -12.12 0.05
C LYS A 66 -2.51 -10.66 0.44
N LEU A 67 -3.65 -10.01 0.32
CA LEU A 67 -3.76 -8.59 0.60
C LEU A 67 -3.56 -8.33 2.09
N GLU A 68 -4.12 -9.21 2.90
CA GLU A 68 -4.05 -9.08 4.32
C GLU A 68 -2.63 -9.41 4.79
N ARG A 69 -1.98 -10.31 4.07
CA ARG A 69 -0.58 -10.65 4.33
C ARG A 69 0.29 -9.44 4.06
N LEU A 70 0.02 -8.79 2.94
CA LEU A 70 0.71 -7.56 2.52
C LEU A 70 0.57 -6.49 3.60
N VAL A 71 -0.65 -6.28 4.05
CA VAL A 71 -0.93 -5.27 5.04
C VAL A 71 -0.23 -5.61 6.35
N ALA A 72 -0.23 -6.88 6.70
CA ALA A 72 0.40 -7.33 7.92
C ALA A 72 1.90 -7.17 7.84
N GLU A 73 2.46 -7.47 6.70
CA GLU A 73 3.88 -7.36 6.45
C GLU A 73 4.34 -5.93 6.62
N LEU A 74 3.65 -5.02 5.99
CA LEU A 74 4.07 -3.65 6.03
C LEU A 74 3.74 -2.96 7.32
N SER A 75 2.86 -3.54 8.10
CA SER A 75 2.61 -3.01 9.41
C SER A 75 3.61 -3.59 10.44
N LEU A 76 3.94 -4.87 10.28
CA LEU A 76 4.75 -5.60 11.24
C LEU A 76 6.26 -5.35 11.07
N GLN A 77 6.65 -4.68 10.00
CA GLN A 77 8.05 -4.34 9.81
C GLN A 77 8.50 -3.25 10.79
N PRO A 78 9.76 -3.35 11.27
CA PRO A 78 10.31 -2.43 12.28
C PRO A 78 10.40 -0.99 11.80
N GLY A 79 9.60 -0.16 12.39
CA GLY A 79 9.67 1.26 12.13
C GLY A 79 8.38 1.82 11.63
N VAL A 80 7.39 0.98 11.51
CA VAL A 80 6.11 1.39 11.07
C VAL A 80 5.29 1.88 12.25
N TYR A 81 4.68 3.03 12.10
CA TYR A 81 3.83 3.59 13.11
C TYR A 81 2.47 2.95 13.00
N ALA A 82 1.94 2.94 11.79
CA ALA A 82 0.60 2.40 11.54
C ALA A 82 0.35 2.26 10.06
N VAL A 83 -0.64 1.48 9.70
CA VAL A 83 -1.04 1.29 8.32
C VAL A 83 -2.57 1.50 8.24
N HIS A 84 -3.06 1.86 7.08
CA HIS A 84 -4.49 2.03 6.84
C HIS A 84 -4.74 1.80 5.37
N TRP A 85 -5.73 1.01 5.03
CA TRP A 85 -6.03 0.79 3.63
C TRP A 85 -7.48 1.01 3.36
N TYR A 86 -7.80 1.29 2.13
CA TYR A 86 -9.16 1.62 1.74
C TYR A 86 -9.41 1.21 0.28
N ALA A 87 -10.62 0.77 -0.02
CA ALA A 87 -11.03 0.37 -1.35
C ALA A 87 -11.24 1.56 -2.30
N GLY A 88 -11.00 1.35 -3.57
CA GLY A 88 -11.14 2.40 -4.54
C GLY A 88 -9.79 2.99 -4.87
N GLU A 89 -9.59 3.38 -6.12
CA GLU A 89 -8.28 3.88 -6.53
C GLU A 89 -8.09 5.33 -6.13
N HIS A 90 -9.19 6.04 -5.97
CA HIS A 90 -9.13 7.45 -5.61
C HIS A 90 -9.96 7.71 -4.34
N ALA A 91 -10.47 6.62 -3.76
CA ALA A 91 -11.31 6.64 -2.53
C ALA A 91 -12.67 7.25 -2.79
N GLN A 92 -13.32 6.71 -3.73
CA GLN A 92 -14.66 7.07 -4.08
C GLN A 92 -15.54 6.03 -3.40
N ALA A 93 -16.26 6.44 -2.39
CA ALA A 93 -17.09 5.53 -1.65
C ALA A 93 -18.45 5.42 -2.29
N GLU A 94 -18.64 4.37 -3.04
CA GLU A 94 -19.90 4.11 -3.68
C GLU A 94 -20.72 3.26 -2.72
N VAL A 1 -6.42 3.89 -17.28
CA VAL A 1 -7.62 3.10 -17.54
C VAL A 1 -8.61 3.36 -16.46
N GLU A 2 -9.84 2.97 -16.64
CA GLU A 2 -10.78 3.03 -15.57
C GLU A 2 -10.44 1.87 -14.67
N ASP A 3 -9.88 2.17 -13.51
CA ASP A 3 -9.39 1.14 -12.61
C ASP A 3 -10.53 0.40 -11.92
N GLU A 4 -11.25 -0.33 -12.73
CA GLU A 4 -12.32 -1.22 -12.32
C GLU A 4 -12.23 -2.46 -13.17
N GLY A 5 -11.01 -2.74 -13.47
CA GLY A 5 -10.62 -3.91 -14.17
C GLY A 5 -9.98 -4.82 -13.17
N LEU A 6 -9.13 -4.22 -12.40
CA LEU A 6 -8.50 -4.77 -11.25
C LEU A 6 -9.11 -4.00 -10.10
N GLN A 7 -8.99 -4.48 -8.92
CA GLN A 7 -9.53 -3.79 -7.78
C GLN A 7 -8.49 -2.90 -7.19
N PRO A 8 -8.74 -1.59 -7.20
CA PRO A 8 -7.83 -0.62 -6.65
C PRO A 8 -7.90 -0.60 -5.14
N TYR A 9 -6.80 -0.78 -4.54
CA TYR A 9 -6.68 -0.68 -3.12
C TYR A 9 -5.60 0.30 -2.82
N GLN A 10 -5.82 1.13 -1.87
CA GLN A 10 -4.81 2.05 -1.48
C GLN A 10 -4.33 1.66 -0.14
N VAL A 11 -3.08 1.41 -0.06
CA VAL A 11 -2.48 0.99 1.17
C VAL A 11 -1.66 2.14 1.70
N ARG A 12 -2.19 2.77 2.69
CA ARG A 12 -1.59 3.92 3.29
C ARG A 12 -0.81 3.53 4.52
N VAL A 13 0.49 3.59 4.40
CA VAL A 13 1.36 3.19 5.47
C VAL A 13 2.15 4.38 6.00
N ILE A 14 2.03 4.61 7.26
CA ILE A 14 2.73 5.67 7.92
C ILE A 14 3.95 5.03 8.57
N CYS A 15 5.10 5.40 8.14
CA CYS A 15 6.32 4.85 8.66
C CYS A 15 7.31 5.95 8.81
N ARG A 16 8.40 5.68 9.47
CA ARG A 16 9.45 6.68 9.60
C ARG A 16 10.13 6.89 8.22
N PRO A 17 10.71 8.08 7.95
CA PRO A 17 11.27 8.43 6.63
C PRO A 17 12.26 7.43 6.06
N LYS A 18 13.11 6.89 6.89
CA LYS A 18 14.10 5.94 6.41
C LYS A 18 13.48 4.57 6.17
N ALA A 19 12.24 4.41 6.61
CA ALA A 19 11.56 3.15 6.46
C ALA A 19 10.95 3.06 5.10
N GLU A 20 10.55 4.23 4.58
CA GLU A 20 9.93 4.41 3.28
C GLU A 20 10.63 3.61 2.21
N THR A 21 11.92 3.69 2.21
CA THR A 21 12.72 3.08 1.20
C THR A 21 12.64 1.53 1.23
N TYR A 22 12.63 0.92 2.40
CA TYR A 22 12.48 -0.52 2.44
C TYR A 22 11.02 -0.97 2.46
N VAL A 23 10.11 -0.09 2.87
CA VAL A 23 8.70 -0.41 2.85
C VAL A 23 8.23 -0.44 1.40
N ARG A 24 8.59 0.58 0.67
CA ARG A 24 8.28 0.73 -0.75
C ARG A 24 8.87 -0.43 -1.56
N ALA A 25 10.10 -0.81 -1.22
CA ALA A 25 10.77 -1.92 -1.89
C ALA A 25 10.06 -3.23 -1.59
N HIS A 26 9.60 -3.39 -0.37
CA HIS A 26 8.88 -4.57 0.04
C HIS A 26 7.54 -4.63 -0.69
N ILE A 27 6.89 -3.48 -0.80
CA ILE A 27 5.64 -3.38 -1.53
C ILE A 27 5.82 -3.83 -2.96
N VAL A 28 6.83 -3.30 -3.65
CA VAL A 28 7.02 -3.62 -5.05
C VAL A 28 7.39 -5.10 -5.25
N GLN A 29 8.10 -5.68 -4.29
CA GLN A 29 8.47 -7.08 -4.37
C GLN A 29 7.31 -8.01 -4.07
N ARG A 30 6.39 -7.61 -3.22
CA ARG A 30 5.27 -8.46 -2.91
C ARG A 30 4.15 -8.29 -3.92
N THR A 31 4.04 -7.12 -4.46
CA THR A 31 3.04 -6.88 -5.46
C THR A 31 3.41 -7.57 -6.77
N SER A 32 4.71 -7.55 -7.10
CA SER A 32 5.18 -8.13 -8.33
C SER A 32 4.95 -9.64 -8.31
N SER A 33 5.15 -10.27 -7.16
CA SER A 33 4.92 -11.68 -7.03
C SER A 33 3.41 -12.01 -6.95
N ASN A 34 2.67 -11.23 -6.16
CA ASN A 34 1.22 -11.49 -5.92
C ASN A 34 0.32 -11.00 -7.04
N ASP A 35 0.92 -10.49 -8.11
CA ASP A 35 0.19 -9.98 -9.30
C ASP A 35 -0.64 -8.77 -8.99
N ILE A 36 -0.11 -7.95 -8.13
CA ILE A 36 -0.73 -6.73 -7.76
C ILE A 36 0.03 -5.62 -8.49
N THR A 37 -0.65 -4.88 -9.29
CA THR A 37 -0.04 -3.84 -10.07
C THR A 37 -0.04 -2.53 -9.26
N LEU A 38 1.01 -1.75 -9.38
CA LEU A 38 1.01 -0.45 -8.73
C LEU A 38 0.41 0.57 -9.67
N ARG A 39 -0.52 1.31 -9.16
CA ARG A 39 -1.15 2.39 -9.88
C ARG A 39 -0.26 3.61 -9.64
N GLY A 40 0.35 3.63 -8.49
CA GLY A 40 1.29 4.66 -8.14
C GLY A 40 1.46 4.71 -6.65
N ILE A 41 2.34 5.53 -6.19
CA ILE A 41 2.58 5.68 -4.77
C ILE A 41 2.64 7.15 -4.43
N ARG A 42 1.73 7.60 -3.61
CA ARG A 42 1.73 8.95 -3.15
C ARG A 42 2.37 8.94 -1.80
N THR A 43 3.53 9.50 -1.69
CA THR A 43 4.22 9.50 -0.44
C THR A 43 4.39 10.94 0.06
N GLY A 44 3.91 11.18 1.25
CA GLY A 44 3.98 12.49 1.80
C GLY A 44 4.21 12.43 3.29
N PRO A 45 5.08 13.30 3.81
CA PRO A 45 5.38 13.40 5.25
C PRO A 45 4.12 13.39 6.13
N ALA A 46 4.21 12.75 7.27
CA ALA A 46 3.10 12.66 8.19
C ALA A 46 3.40 13.44 9.43
N GLY A 47 4.41 14.25 9.35
CA GLY A 47 4.79 15.07 10.41
C GLY A 47 6.23 15.41 10.29
N ASP A 48 7.01 14.71 11.04
CA ASP A 48 8.45 14.95 11.08
C ASP A 48 9.21 13.67 10.87
N ASP A 49 9.05 12.76 11.82
CA ASP A 49 9.79 11.51 11.82
C ASP A 49 8.90 10.38 11.30
N ASN A 50 7.94 10.78 10.50
CA ASN A 50 7.06 9.85 9.84
C ASN A 50 6.57 10.41 8.56
N ILE A 51 6.36 9.52 7.66
CA ILE A 51 5.96 9.80 6.31
C ILE A 51 4.93 8.75 5.90
N THR A 52 3.97 9.13 5.13
CA THR A 52 2.93 8.25 4.74
C THR A 52 3.03 7.90 3.26
N LEU A 53 3.14 6.65 3.01
CA LEU A 53 3.17 6.13 1.67
C LEU A 53 1.82 5.57 1.36
N THR A 54 1.09 6.19 0.51
CA THR A 54 -0.12 5.64 0.08
C THR A 54 0.14 4.95 -1.25
N ALA A 55 0.18 3.66 -1.20
CA ALA A 55 0.45 2.88 -2.37
C ALA A 55 -0.84 2.48 -3.00
N HIS A 56 -1.04 2.95 -4.19
CA HIS A 56 -2.24 2.67 -4.92
C HIS A 56 -1.97 1.41 -5.69
N LEU A 57 -2.61 0.37 -5.29
CA LEU A 57 -2.38 -0.92 -5.87
C LEU A 57 -3.62 -1.38 -6.60
N LEU A 58 -3.44 -2.14 -7.62
CA LEU A 58 -4.50 -2.70 -8.39
C LEU A 58 -4.37 -4.20 -8.35
N MET A 59 -5.29 -4.88 -7.77
CA MET A 59 -5.18 -6.32 -7.67
C MET A 59 -6.22 -7.01 -8.51
N VAL A 60 -5.78 -8.01 -9.24
CA VAL A 60 -6.67 -8.81 -10.06
C VAL A 60 -7.52 -9.65 -9.12
N GLY A 61 -8.81 -9.56 -9.26
CA GLY A 61 -9.66 -10.29 -8.41
C GLY A 61 -9.72 -9.66 -7.05
N HIS A 62 -9.45 -10.47 -6.07
CA HIS A 62 -9.48 -10.09 -4.68
C HIS A 62 -9.13 -11.32 -3.87
N THR A 63 -7.93 -11.35 -3.40
CA THR A 63 -7.47 -12.39 -2.55
C THR A 63 -7.21 -11.83 -1.13
N PRO A 64 -8.29 -11.72 -0.30
CA PRO A 64 -8.22 -11.18 1.07
C PRO A 64 -7.13 -11.82 1.90
N ALA A 65 -6.92 -13.09 1.69
CA ALA A 65 -5.93 -13.84 2.45
C ALA A 65 -4.52 -13.34 2.21
N LYS A 66 -4.23 -12.98 0.98
CA LYS A 66 -2.96 -12.42 0.65
C LYS A 66 -2.90 -10.98 1.09
N LEU A 67 -3.97 -10.28 0.88
CA LEU A 67 -4.03 -8.86 1.19
C LEU A 67 -3.89 -8.61 2.69
N GLU A 68 -4.54 -9.45 3.49
CA GLU A 68 -4.48 -9.35 4.94
C GLU A 68 -3.10 -9.63 5.46
N ARG A 69 -2.44 -10.63 4.91
CA ARG A 69 -1.14 -10.96 5.37
C ARG A 69 -0.10 -10.01 4.80
N LEU A 70 -0.41 -9.44 3.67
CA LEU A 70 0.42 -8.42 3.06
C LEU A 70 0.45 -7.20 3.94
N VAL A 71 -0.71 -6.68 4.33
CA VAL A 71 -0.74 -5.47 5.14
C VAL A 71 -0.24 -5.74 6.56
N ALA A 72 -0.36 -6.99 6.99
CA ALA A 72 0.13 -7.40 8.28
C ALA A 72 1.65 -7.48 8.28
N GLU A 73 2.22 -8.01 7.22
CA GLU A 73 3.67 -8.07 7.09
C GLU A 73 4.25 -6.72 6.77
N LEU A 74 3.48 -5.91 6.09
CA LEU A 74 3.88 -4.58 5.74
C LEU A 74 3.94 -3.72 7.00
N SER A 75 2.94 -3.82 7.86
CA SER A 75 2.95 -3.05 9.07
C SER A 75 3.97 -3.58 10.08
N LEU A 76 4.29 -4.86 9.95
CA LEU A 76 5.24 -5.50 10.85
C LEU A 76 6.67 -5.10 10.50
N GLN A 77 6.88 -4.60 9.27
CA GLN A 77 8.18 -4.07 8.85
C GLN A 77 8.65 -3.04 9.87
N PRO A 78 9.82 -3.27 10.52
CA PRO A 78 10.34 -2.37 11.56
C PRO A 78 10.54 -0.97 11.03
N GLY A 79 9.64 -0.11 11.39
CA GLY A 79 9.69 1.26 10.93
C GLY A 79 8.30 1.80 10.67
N VAL A 80 7.36 0.90 10.49
CA VAL A 80 5.97 1.26 10.26
C VAL A 80 5.25 1.56 11.57
N TYR A 81 4.52 2.63 11.59
CA TYR A 81 3.75 3.06 12.73
C TYR A 81 2.32 2.60 12.61
N ALA A 82 1.73 2.85 11.45
CA ALA A 82 0.33 2.50 11.21
C ALA A 82 0.08 2.26 9.75
N VAL A 83 -0.94 1.49 9.44
CA VAL A 83 -1.29 1.20 8.07
C VAL A 83 -2.82 1.19 7.93
N HIS A 84 -3.28 1.83 6.91
CA HIS A 84 -4.70 1.91 6.58
C HIS A 84 -4.86 1.52 5.15
N TRP A 85 -5.63 0.53 4.87
CA TRP A 85 -5.89 0.23 3.49
C TRP A 85 -7.30 0.48 3.20
N TYR A 86 -7.54 0.93 2.04
CA TYR A 86 -8.87 1.27 1.65
C TYR A 86 -9.11 0.84 0.22
N ALA A 87 -10.28 0.31 -0.04
CA ALA A 87 -10.66 -0.10 -1.36
C ALA A 87 -11.14 1.08 -2.15
N GLY A 88 -10.64 1.23 -3.33
CA GLY A 88 -10.98 2.35 -4.15
C GLY A 88 -9.93 3.42 -4.10
N GLU A 89 -9.64 4.01 -5.21
CA GLU A 89 -8.63 5.03 -5.29
C GLU A 89 -9.21 6.41 -4.99
N HIS A 90 -10.34 6.68 -5.57
CA HIS A 90 -11.01 7.98 -5.44
C HIS A 90 -12.01 7.91 -4.27
N ALA A 91 -11.71 6.98 -3.35
CA ALA A 91 -12.51 6.70 -2.16
C ALA A 91 -13.91 6.26 -2.54
N GLN A 92 -13.96 5.19 -3.34
CA GLN A 92 -15.20 4.59 -3.86
C GLN A 92 -15.89 5.57 -4.82
N ALA A 93 -15.55 5.47 -6.10
CA ALA A 93 -16.10 6.35 -7.09
C ALA A 93 -17.48 5.86 -7.50
N GLU A 94 -18.45 6.31 -6.78
CA GLU A 94 -19.81 5.94 -6.98
C GLU A 94 -20.48 7.05 -7.78
N VAL A 1 -7.11 5.47 -19.63
CA VAL A 1 -6.72 4.54 -18.57
C VAL A 1 -7.63 4.67 -17.35
N GLU A 2 -8.60 3.82 -17.27
CA GLU A 2 -9.51 3.79 -16.17
C GLU A 2 -9.51 2.38 -15.62
N ASP A 3 -8.78 2.17 -14.57
CA ASP A 3 -8.56 0.84 -14.08
C ASP A 3 -9.62 0.37 -13.14
N GLU A 4 -10.40 -0.58 -13.62
CA GLU A 4 -11.44 -1.21 -12.83
C GLU A 4 -11.61 -2.64 -13.25
N GLY A 5 -10.53 -3.17 -13.66
CA GLY A 5 -10.44 -4.53 -14.03
C GLY A 5 -9.86 -5.25 -12.87
N LEU A 6 -8.78 -4.68 -12.42
CA LEU A 6 -8.14 -5.07 -11.23
C LEU A 6 -8.66 -4.12 -10.20
N GLN A 7 -8.92 -4.60 -9.03
CA GLN A 7 -9.52 -3.78 -8.00
C GLN A 7 -8.52 -2.85 -7.39
N PRO A 8 -8.75 -1.54 -7.51
CA PRO A 8 -7.90 -0.55 -6.91
C PRO A 8 -8.07 -0.52 -5.41
N TYR A 9 -6.97 -0.62 -4.75
CA TYR A 9 -6.90 -0.50 -3.33
C TYR A 9 -5.74 0.37 -2.98
N GLN A 10 -5.89 1.14 -1.98
CA GLN A 10 -4.88 2.03 -1.54
C GLN A 10 -4.37 1.50 -0.28
N VAL A 11 -3.13 1.28 -0.22
CA VAL A 11 -2.54 0.82 0.97
C VAL A 11 -1.77 1.98 1.54
N ARG A 12 -2.33 2.54 2.55
CA ARG A 12 -1.78 3.69 3.20
C ARG A 12 -0.97 3.25 4.40
N VAL A 13 0.32 3.29 4.25
CA VAL A 13 1.25 2.86 5.26
C VAL A 13 2.05 4.03 5.80
N ILE A 14 2.11 4.12 7.09
CA ILE A 14 2.84 5.16 7.76
C ILE A 14 4.12 4.54 8.29
N CYS A 15 5.24 5.04 7.84
CA CYS A 15 6.50 4.50 8.22
C CYS A 15 7.46 5.63 8.44
N ARG A 16 8.60 5.31 8.96
CA ARG A 16 9.63 6.29 9.19
C ARG A 16 10.21 6.70 7.81
N PRO A 17 10.65 7.95 7.59
CA PRO A 17 11.14 8.41 6.28
C PRO A 17 12.31 7.61 5.76
N LYS A 18 13.16 7.15 6.64
CA LYS A 18 14.28 6.35 6.24
C LYS A 18 13.86 4.90 6.02
N ALA A 19 12.63 4.60 6.38
CA ALA A 19 12.09 3.28 6.21
C ALA A 19 11.45 3.19 4.86
N GLU A 20 10.84 4.31 4.46
CA GLU A 20 10.15 4.50 3.18
C GLU A 20 10.93 3.91 2.04
N THR A 21 12.19 4.21 2.03
CA THR A 21 13.04 3.82 0.96
C THR A 21 13.14 2.28 0.81
N TYR A 22 13.24 1.56 1.91
CA TYR A 22 13.30 0.11 1.80
C TYR A 22 11.90 -0.50 1.77
N VAL A 23 10.93 0.19 2.37
CA VAL A 23 9.57 -0.27 2.38
C VAL A 23 9.01 -0.24 0.97
N ARG A 24 9.33 0.81 0.26
CA ARG A 24 8.91 1.05 -1.12
C ARG A 24 9.39 -0.09 -2.02
N ALA A 25 10.65 -0.47 -1.85
CA ALA A 25 11.25 -1.53 -2.63
C ALA A 25 10.68 -2.88 -2.25
N HIS A 26 10.30 -3.02 -1.01
CA HIS A 26 9.67 -4.23 -0.58
C HIS A 26 8.26 -4.28 -1.12
N ILE A 27 7.56 -3.16 -1.08
CA ILE A 27 6.19 -3.06 -1.57
C ILE A 27 6.10 -3.51 -3.00
N VAL A 28 6.95 -2.96 -3.85
CA VAL A 28 6.86 -3.27 -5.26
C VAL A 28 7.17 -4.75 -5.55
N GLN A 29 8.11 -5.31 -4.83
CA GLN A 29 8.47 -6.68 -5.05
C GLN A 29 7.54 -7.66 -4.37
N ARG A 30 6.90 -7.21 -3.33
CA ARG A 30 6.02 -8.04 -2.58
C ARG A 30 4.64 -8.04 -3.23
N THR A 31 4.24 -6.91 -3.78
CA THR A 31 2.95 -6.81 -4.42
C THR A 31 2.92 -7.57 -5.73
N SER A 32 4.02 -7.48 -6.49
CA SER A 32 4.09 -8.13 -7.77
C SER A 32 4.04 -9.66 -7.60
N SER A 33 4.63 -10.13 -6.52
CA SER A 33 4.62 -11.54 -6.20
C SER A 33 3.26 -11.97 -5.61
N ASN A 34 2.49 -10.99 -5.13
CA ASN A 34 1.25 -11.27 -4.44
C ASN A 34 0.02 -11.08 -5.36
N ASP A 35 0.29 -10.97 -6.68
CA ASP A 35 -0.76 -10.79 -7.73
C ASP A 35 -1.38 -9.40 -7.69
N ILE A 36 -0.61 -8.46 -7.22
CA ILE A 36 -1.04 -7.09 -7.11
C ILE A 36 -0.16 -6.22 -8.03
N THR A 37 -0.76 -5.32 -8.74
CA THR A 37 -0.06 -4.42 -9.64
C THR A 37 -0.13 -2.99 -9.06
N LEU A 38 0.88 -2.18 -9.29
CA LEU A 38 0.89 -0.82 -8.74
C LEU A 38 0.36 0.16 -9.77
N ARG A 39 -0.42 1.12 -9.33
CA ARG A 39 -0.91 2.13 -10.23
C ARG A 39 -0.14 3.42 -9.99
N GLY A 40 0.17 3.66 -8.75
CA GLY A 40 0.94 4.82 -8.36
C GLY A 40 1.16 4.83 -6.88
N ILE A 41 2.03 5.68 -6.42
CA ILE A 41 2.33 5.83 -5.01
C ILE A 41 2.36 7.30 -4.65
N ARG A 42 1.61 7.68 -3.65
CA ARG A 42 1.55 9.04 -3.19
C ARG A 42 2.16 9.11 -1.80
N THR A 43 3.25 9.77 -1.67
CA THR A 43 3.94 9.90 -0.43
C THR A 43 3.66 11.26 0.23
N GLY A 44 3.29 11.24 1.48
CA GLY A 44 3.04 12.49 2.19
C GLY A 44 3.46 12.36 3.64
N PRO A 45 4.00 13.42 4.26
CA PRO A 45 4.44 13.41 5.68
C PRO A 45 3.30 13.02 6.64
N ALA A 46 3.65 12.43 7.77
CA ALA A 46 2.66 11.99 8.71
C ALA A 46 2.83 12.59 10.09
N GLY A 47 3.77 13.48 10.24
CA GLY A 47 3.95 14.08 11.52
C GLY A 47 5.34 14.54 11.79
N ASP A 48 6.05 13.71 12.49
CA ASP A 48 7.41 14.05 12.93
C ASP A 48 8.41 13.40 12.06
N ASP A 49 8.57 12.14 12.29
CA ASP A 49 9.55 11.37 11.64
C ASP A 49 8.83 10.17 11.10
N ASN A 50 7.79 10.48 10.40
CA ASN A 50 6.95 9.55 9.71
C ASN A 50 6.40 10.12 8.48
N ILE A 51 6.17 9.26 7.58
CA ILE A 51 5.70 9.57 6.27
C ILE A 51 4.72 8.49 5.84
N THR A 52 3.71 8.88 5.16
CA THR A 52 2.71 7.99 4.70
C THR A 52 2.91 7.71 3.23
N LEU A 53 3.01 6.47 2.91
CA LEU A 53 3.08 6.04 1.55
C LEU A 53 1.73 5.50 1.20
N THR A 54 1.04 6.16 0.34
CA THR A 54 -0.21 5.66 -0.10
C THR A 54 0.03 4.97 -1.42
N ALA A 55 -0.01 3.68 -1.41
CA ALA A 55 0.23 2.92 -2.59
C ALA A 55 -1.09 2.58 -3.22
N HIS A 56 -1.29 3.09 -4.40
CA HIS A 56 -2.51 2.85 -5.12
C HIS A 56 -2.25 1.60 -5.93
N LEU A 57 -2.80 0.53 -5.47
CA LEU A 57 -2.56 -0.75 -6.04
C LEU A 57 -3.79 -1.25 -6.75
N LEU A 58 -3.58 -2.21 -7.60
CA LEU A 58 -4.62 -2.84 -8.35
C LEU A 58 -4.47 -4.35 -8.13
N MET A 59 -5.47 -4.99 -7.65
CA MET A 59 -5.36 -6.42 -7.38
C MET A 59 -6.17 -7.18 -8.38
N VAL A 60 -5.59 -8.23 -8.91
CA VAL A 60 -6.30 -9.11 -9.83
C VAL A 60 -7.30 -9.90 -9.00
N GLY A 61 -8.55 -9.78 -9.33
CA GLY A 61 -9.58 -10.40 -8.55
C GLY A 61 -9.77 -9.61 -7.29
N HIS A 62 -9.51 -10.28 -6.19
CA HIS A 62 -9.56 -9.74 -4.83
C HIS A 62 -9.50 -10.90 -3.86
N THR A 63 -8.37 -11.10 -3.28
CA THR A 63 -8.18 -12.06 -2.25
C THR A 63 -7.85 -11.33 -0.93
N PRO A 64 -8.89 -11.01 -0.15
CA PRO A 64 -8.77 -10.30 1.14
C PRO A 64 -7.72 -10.89 2.08
N ALA A 65 -7.61 -12.20 2.10
CA ALA A 65 -6.71 -12.90 3.00
C ALA A 65 -5.26 -12.51 2.77
N LYS A 66 -4.83 -12.53 1.52
CA LYS A 66 -3.46 -12.18 1.22
C LYS A 66 -3.23 -10.71 1.38
N LEU A 67 -4.27 -9.92 1.20
CA LEU A 67 -4.17 -8.49 1.35
C LEU A 67 -4.02 -8.11 2.82
N GLU A 68 -4.84 -8.72 3.67
CA GLU A 68 -4.81 -8.46 5.10
C GLU A 68 -3.52 -8.92 5.72
N ARG A 69 -3.01 -10.04 5.25
CA ARG A 69 -1.77 -10.57 5.73
C ARG A 69 -0.59 -9.75 5.19
N LEU A 70 -0.72 -9.29 3.96
CA LEU A 70 0.30 -8.46 3.35
C LEU A 70 0.45 -7.17 4.10
N VAL A 71 -0.66 -6.51 4.39
CA VAL A 71 -0.58 -5.23 5.05
C VAL A 71 -0.07 -5.38 6.47
N ALA A 72 -0.43 -6.50 7.11
CA ALA A 72 0.04 -6.80 8.44
C ALA A 72 1.57 -6.93 8.41
N GLU A 73 2.07 -7.73 7.49
CA GLU A 73 3.50 -7.95 7.35
C GLU A 73 4.21 -6.66 6.94
N LEU A 74 3.52 -5.87 6.16
CA LEU A 74 4.03 -4.61 5.70
C LEU A 74 4.16 -3.65 6.90
N SER A 75 3.18 -3.63 7.79
CA SER A 75 3.26 -2.79 8.96
C SER A 75 4.24 -3.35 10.00
N LEU A 76 4.41 -4.67 9.98
CA LEU A 76 5.28 -5.36 10.91
C LEU A 76 6.75 -5.23 10.53
N GLN A 77 7.02 -4.72 9.33
CA GLN A 77 8.41 -4.41 8.96
C GLN A 77 9.00 -3.41 9.96
N PRO A 78 10.25 -3.63 10.40
CA PRO A 78 10.90 -2.72 11.32
C PRO A 78 11.11 -1.33 10.71
N GLY A 79 10.31 -0.41 11.17
CA GLY A 79 10.38 0.96 10.68
C GLY A 79 9.02 1.50 10.30
N VAL A 80 8.03 0.63 10.28
CA VAL A 80 6.68 1.01 9.95
C VAL A 80 5.86 1.20 11.22
N TYR A 81 5.07 2.24 11.25
CA TYR A 81 4.25 2.54 12.39
C TYR A 81 2.92 1.82 12.28
N ALA A 82 2.28 1.94 11.12
CA ALA A 82 0.93 1.38 10.92
C ALA A 82 0.56 1.37 9.45
N VAL A 83 -0.56 0.74 9.13
CA VAL A 83 -1.04 0.64 7.76
C VAL A 83 -2.58 0.49 7.74
N HIS A 84 -3.21 1.11 6.77
CA HIS A 84 -4.65 0.98 6.56
C HIS A 84 -4.89 0.91 5.07
N TRP A 85 -5.73 0.02 4.62
CA TRP A 85 -6.02 -0.03 3.22
C TRP A 85 -7.42 0.42 2.94
N TYR A 86 -7.57 1.09 1.85
CA TYR A 86 -8.84 1.70 1.48
C TYR A 86 -9.12 1.37 0.01
N ALA A 87 -10.35 1.06 -0.32
CA ALA A 87 -10.73 0.71 -1.69
C ALA A 87 -10.75 1.95 -2.60
N GLY A 88 -10.51 1.72 -3.88
CA GLY A 88 -10.50 2.80 -4.84
C GLY A 88 -9.17 3.48 -4.84
N GLU A 89 -9.11 4.71 -5.31
CA GLU A 89 -7.88 5.46 -5.21
C GLU A 89 -8.11 6.88 -4.74
N HIS A 90 -9.26 7.09 -4.12
CA HIS A 90 -9.58 8.36 -3.53
C HIS A 90 -9.24 8.31 -2.06
N ALA A 91 -8.13 8.92 -1.70
CA ALA A 91 -7.68 8.96 -0.33
C ALA A 91 -8.54 9.92 0.48
N GLN A 92 -9.39 9.37 1.30
CA GLN A 92 -10.27 10.18 2.10
C GLN A 92 -9.77 10.20 3.53
N ALA A 93 -9.33 11.36 3.97
CA ALA A 93 -8.88 11.51 5.33
C ALA A 93 -10.04 11.93 6.22
N GLU A 94 -10.78 10.95 6.66
CA GLU A 94 -11.93 11.18 7.50
C GLU A 94 -11.53 10.95 8.95
N VAL A 1 -11.79 4.53 -19.78
CA VAL A 1 -11.58 3.12 -19.45
C VAL A 1 -10.79 3.01 -18.17
N GLU A 2 -11.38 2.39 -17.21
CA GLU A 2 -10.77 2.27 -15.93
C GLU A 2 -10.57 0.81 -15.62
N ASP A 3 -9.58 0.51 -14.81
CA ASP A 3 -9.29 -0.86 -14.42
C ASP A 3 -10.25 -1.31 -13.36
N GLU A 4 -11.35 -1.90 -13.77
CA GLU A 4 -12.31 -2.40 -12.80
C GLU A 4 -12.41 -3.89 -12.87
N GLY A 5 -11.36 -4.42 -13.35
CA GLY A 5 -11.15 -5.82 -13.43
C GLY A 5 -10.25 -6.24 -12.31
N LEU A 6 -9.46 -5.30 -11.88
CA LEU A 6 -8.60 -5.47 -10.79
C LEU A 6 -9.21 -4.65 -9.69
N GLN A 7 -8.96 -4.99 -8.48
CA GLN A 7 -9.51 -4.21 -7.40
C GLN A 7 -8.54 -3.13 -7.03
N PRO A 8 -8.95 -1.87 -7.12
CA PRO A 8 -8.12 -0.76 -6.73
C PRO A 8 -8.04 -0.68 -5.22
N TYR A 9 -6.86 -0.79 -4.74
CA TYR A 9 -6.62 -0.72 -3.34
C TYR A 9 -5.70 0.42 -3.05
N GLN A 10 -5.91 1.06 -1.96
CA GLN A 10 -5.00 2.04 -1.51
C GLN A 10 -4.53 1.66 -0.13
N VAL A 11 -3.28 1.44 -0.03
CA VAL A 11 -2.69 1.01 1.21
C VAL A 11 -1.88 2.15 1.77
N ARG A 12 -2.30 2.64 2.91
CA ARG A 12 -1.68 3.76 3.52
C ARG A 12 -0.92 3.31 4.76
N VAL A 13 0.37 3.32 4.65
CA VAL A 13 1.22 2.96 5.75
C VAL A 13 2.00 4.19 6.21
N ILE A 14 2.11 4.38 7.49
CA ILE A 14 2.86 5.48 8.04
C ILE A 14 4.10 4.89 8.70
N CYS A 15 5.25 5.21 8.18
CA CYS A 15 6.49 4.65 8.69
C CYS A 15 7.56 5.69 8.73
N ARG A 16 8.65 5.39 9.41
CA ARG A 16 9.84 6.27 9.44
C ARG A 16 10.27 6.56 7.99
N PRO A 17 10.89 7.73 7.70
CA PRO A 17 11.40 8.01 6.33
C PRO A 17 12.59 7.11 6.07
N LYS A 18 13.19 6.72 7.16
CA LYS A 18 14.29 5.81 7.20
C LYS A 18 13.79 4.41 6.81
N ALA A 19 12.52 4.18 7.02
CA ALA A 19 11.91 2.92 6.72
C ALA A 19 11.39 2.95 5.31
N GLU A 20 10.91 4.12 4.90
CA GLU A 20 10.34 4.38 3.57
C GLU A 20 11.24 3.86 2.47
N THR A 21 12.53 3.96 2.68
CA THR A 21 13.50 3.50 1.73
C THR A 21 13.35 1.99 1.44
N TYR A 22 13.33 1.19 2.48
CA TYR A 22 13.23 -0.24 2.28
C TYR A 22 11.79 -0.70 2.17
N VAL A 23 10.88 0.10 2.68
CA VAL A 23 9.46 -0.21 2.60
C VAL A 23 8.94 0.01 1.20
N ARG A 24 9.39 1.06 0.54
CA ARG A 24 8.94 1.38 -0.81
C ARG A 24 9.35 0.26 -1.77
N ALA A 25 10.58 -0.21 -1.60
CA ALA A 25 11.10 -1.31 -2.40
C ALA A 25 10.41 -2.61 -2.02
N HIS A 26 10.01 -2.73 -0.78
CA HIS A 26 9.33 -3.89 -0.33
C HIS A 26 7.92 -3.92 -0.89
N ILE A 27 7.27 -2.77 -0.89
CA ILE A 27 5.92 -2.64 -1.43
C ILE A 27 5.90 -3.04 -2.89
N VAL A 28 6.83 -2.53 -3.67
CA VAL A 28 6.84 -2.80 -5.10
C VAL A 28 7.17 -4.27 -5.41
N GLN A 29 7.92 -4.90 -4.53
CA GLN A 29 8.25 -6.29 -4.69
C GLN A 29 7.11 -7.18 -4.20
N ARG A 30 6.51 -6.78 -3.10
CA ARG A 30 5.42 -7.50 -2.49
C ARG A 30 4.23 -7.53 -3.43
N THR A 31 3.92 -6.38 -3.99
CA THR A 31 2.78 -6.27 -4.86
C THR A 31 2.99 -7.06 -6.14
N SER A 32 4.21 -6.99 -6.66
CA SER A 32 4.58 -7.68 -7.86
C SER A 32 4.42 -9.19 -7.69
N SER A 33 4.72 -9.67 -6.50
CA SER A 33 4.65 -11.08 -6.20
C SER A 33 3.20 -11.55 -5.95
N ASN A 34 2.41 -10.72 -5.30
CA ASN A 34 1.11 -11.12 -4.82
C ASN A 34 -0.04 -10.66 -5.71
N ASP A 35 0.16 -10.75 -7.01
CA ASP A 35 -0.91 -10.50 -8.05
C ASP A 35 -1.35 -9.05 -8.12
N ILE A 36 -0.47 -8.17 -7.78
CA ILE A 36 -0.82 -6.79 -7.76
C ILE A 36 -0.05 -5.98 -8.81
N THR A 37 -0.75 -5.12 -9.47
CA THR A 37 -0.20 -4.19 -10.40
C THR A 37 -0.26 -2.81 -9.73
N LEU A 38 0.77 -2.03 -9.84
CA LEU A 38 0.81 -0.75 -9.16
C LEU A 38 0.38 0.38 -10.06
N ARG A 39 -0.40 1.28 -9.51
CA ARG A 39 -0.75 2.52 -10.18
C ARG A 39 0.32 3.53 -9.88
N GLY A 40 0.57 3.69 -8.62
CA GLY A 40 1.58 4.60 -8.15
C GLY A 40 1.59 4.63 -6.65
N ILE A 41 2.59 5.27 -6.09
CA ILE A 41 2.72 5.39 -4.66
C ILE A 41 2.72 6.87 -4.28
N ARG A 42 1.73 7.26 -3.54
CA ARG A 42 1.61 8.62 -3.08
C ARG A 42 2.23 8.68 -1.71
N THR A 43 3.30 9.36 -1.60
CA THR A 43 4.06 9.39 -0.39
C THR A 43 4.25 10.82 0.08
N GLY A 44 4.02 11.04 1.34
CA GLY A 44 4.15 12.36 1.90
C GLY A 44 4.64 12.31 3.33
N PRO A 45 5.41 13.31 3.78
CA PRO A 45 5.87 13.38 5.16
C PRO A 45 4.68 13.59 6.12
N ALA A 46 4.70 12.93 7.24
CA ALA A 46 3.59 13.03 8.18
C ALA A 46 3.93 13.95 9.35
N GLY A 47 5.09 14.55 9.31
CA GLY A 47 5.45 15.50 10.31
C GLY A 47 6.68 15.15 11.09
N ASP A 48 6.49 14.42 12.17
CA ASP A 48 7.54 14.07 13.15
C ASP A 48 8.79 13.48 12.51
N ASP A 49 8.74 12.22 12.23
CA ASP A 49 9.83 11.51 11.57
C ASP A 49 9.21 10.31 10.96
N ASN A 50 8.34 10.60 10.06
CA ASN A 50 7.56 9.63 9.36
C ASN A 50 7.04 10.14 8.09
N ILE A 51 6.83 9.25 7.24
CA ILE A 51 6.34 9.47 5.93
C ILE A 51 5.23 8.45 5.69
N THR A 52 4.18 8.87 5.08
CA THR A 52 3.12 7.99 4.79
C THR A 52 3.16 7.63 3.33
N LEU A 53 3.12 6.37 3.07
CA LEU A 53 3.08 5.89 1.73
C LEU A 53 1.71 5.35 1.50
N THR A 54 1.00 5.97 0.63
CA THR A 54 -0.27 5.49 0.25
C THR A 54 -0.11 4.95 -1.15
N ALA A 55 -0.09 3.69 -1.26
CA ALA A 55 0.12 3.07 -2.52
C ALA A 55 -1.21 2.72 -3.13
N HIS A 56 -1.36 3.04 -4.37
CA HIS A 56 -2.55 2.71 -5.09
C HIS A 56 -2.23 1.49 -5.94
N LEU A 57 -2.86 0.42 -5.61
CA LEU A 57 -2.62 -0.84 -6.23
C LEU A 57 -3.87 -1.33 -6.93
N LEU A 58 -3.67 -2.26 -7.80
CA LEU A 58 -4.72 -2.94 -8.49
C LEU A 58 -4.42 -4.42 -8.35
N MET A 59 -5.30 -5.18 -7.78
CA MET A 59 -5.05 -6.62 -7.63
C MET A 59 -5.89 -7.37 -8.60
N VAL A 60 -5.31 -8.34 -9.26
CA VAL A 60 -6.01 -9.12 -10.25
C VAL A 60 -7.05 -9.97 -9.55
N GLY A 61 -8.28 -9.79 -9.93
CA GLY A 61 -9.34 -10.51 -9.33
C GLY A 61 -9.85 -9.76 -8.15
N HIS A 62 -9.65 -10.35 -7.00
CA HIS A 62 -10.09 -9.82 -5.71
C HIS A 62 -9.76 -10.85 -4.65
N THR A 63 -8.63 -10.71 -4.02
CA THR A 63 -8.26 -11.58 -2.96
C THR A 63 -7.90 -10.75 -1.71
N PRO A 64 -8.92 -10.36 -0.93
CA PRO A 64 -8.77 -9.52 0.26
C PRO A 64 -7.77 -10.06 1.28
N ALA A 65 -7.77 -11.35 1.45
CA ALA A 65 -6.90 -12.00 2.42
C ALA A 65 -5.45 -11.98 1.99
N LYS A 66 -5.23 -12.03 0.69
CA LYS A 66 -3.88 -11.97 0.14
C LYS A 66 -3.30 -10.61 0.45
N LEU A 67 -4.12 -9.59 0.28
CA LEU A 67 -3.70 -8.25 0.59
C LEU A 67 -3.53 -8.11 2.10
N GLU A 68 -4.45 -8.71 2.83
CA GLU A 68 -4.49 -8.65 4.29
C GLU A 68 -3.22 -9.28 4.91
N ARG A 69 -2.75 -10.36 4.32
CA ARG A 69 -1.53 -10.99 4.79
C ARG A 69 -0.32 -10.15 4.43
N LEU A 70 -0.32 -9.57 3.24
CA LEU A 70 0.82 -8.80 2.81
C LEU A 70 0.87 -7.44 3.52
N VAL A 71 -0.30 -6.86 3.82
CA VAL A 71 -0.33 -5.58 4.49
C VAL A 71 0.08 -5.78 5.95
N ALA A 72 -0.18 -6.98 6.47
CA ALA A 72 0.27 -7.36 7.79
C ALA A 72 1.77 -7.31 7.80
N GLU A 73 2.37 -7.94 6.81
CA GLU A 73 3.82 -7.97 6.63
C GLU A 73 4.38 -6.55 6.51
N LEU A 74 3.69 -5.72 5.76
CA LEU A 74 4.08 -4.32 5.61
C LEU A 74 4.05 -3.60 6.94
N SER A 75 3.04 -3.84 7.72
CA SER A 75 2.92 -3.20 9.01
C SER A 75 3.86 -3.84 10.06
N LEU A 76 4.27 -5.08 9.83
CA LEU A 76 5.17 -5.79 10.70
C LEU A 76 6.60 -5.46 10.38
N GLN A 77 6.81 -4.80 9.26
CA GLN A 77 8.11 -4.32 8.86
C GLN A 77 8.56 -3.25 9.88
N PRO A 78 9.66 -3.52 10.62
CA PRO A 78 10.13 -2.63 11.68
C PRO A 78 10.42 -1.21 11.19
N GLY A 79 9.59 -0.30 11.63
CA GLY A 79 9.70 1.09 11.25
C GLY A 79 8.34 1.74 11.04
N VAL A 80 7.32 0.91 10.90
CA VAL A 80 5.95 1.36 10.72
C VAL A 80 5.36 1.84 12.05
N TYR A 81 4.66 2.96 12.00
CA TYR A 81 3.94 3.50 13.13
C TYR A 81 2.52 2.97 13.09
N ALA A 82 1.87 3.23 11.97
CA ALA A 82 0.45 2.92 11.80
C ALA A 82 0.18 2.50 10.37
N VAL A 83 -0.98 1.90 10.13
CA VAL A 83 -1.34 1.43 8.81
C VAL A 83 -2.88 1.32 8.66
N HIS A 84 -3.37 1.55 7.45
CA HIS A 84 -4.78 1.37 7.13
C HIS A 84 -4.89 1.22 5.60
N TRP A 85 -5.69 0.31 5.14
CA TRP A 85 -5.90 0.19 3.72
C TRP A 85 -7.34 0.40 3.40
N TYR A 86 -7.61 0.70 2.19
CA TYR A 86 -8.93 0.97 1.75
C TYR A 86 -9.12 0.44 0.36
N ALA A 87 -10.23 -0.22 0.13
CA ALA A 87 -10.56 -0.71 -1.18
C ALA A 87 -11.32 0.37 -1.88
N GLY A 88 -10.88 0.69 -3.05
CA GLY A 88 -11.43 1.78 -3.76
C GLY A 88 -10.42 2.88 -3.85
N GLU A 89 -10.35 3.55 -4.96
CA GLU A 89 -9.38 4.60 -5.11
C GLU A 89 -9.92 6.00 -4.82
N HIS A 90 -11.04 6.29 -5.38
CA HIS A 90 -11.69 7.55 -5.14
C HIS A 90 -12.34 7.50 -3.76
N ALA A 91 -13.37 6.71 -3.68
CA ALA A 91 -14.17 6.48 -2.49
C ALA A 91 -15.23 5.46 -2.84
N GLN A 92 -14.80 4.24 -3.02
CA GLN A 92 -15.67 3.20 -3.49
C GLN A 92 -16.24 2.40 -2.33
N ALA A 93 -17.28 2.94 -1.79
CA ALA A 93 -18.01 2.39 -0.68
C ALA A 93 -19.35 3.04 -0.71
N GLU A 94 -20.37 2.36 -0.25
CA GLU A 94 -21.69 2.90 -0.25
C GLU A 94 -21.98 3.41 1.14
N VAL A 1 -9.04 4.12 -21.11
CA VAL A 1 -8.50 3.06 -20.27
C VAL A 1 -8.16 3.63 -18.92
N GLU A 2 -8.82 3.11 -17.92
CA GLU A 2 -8.67 3.59 -16.59
C GLU A 2 -8.31 2.42 -15.72
N ASP A 3 -7.86 2.70 -14.53
CA ASP A 3 -7.59 1.67 -13.57
C ASP A 3 -8.86 1.25 -12.86
N GLU A 4 -9.69 0.58 -13.61
CA GLU A 4 -10.95 0.09 -13.15
C GLU A 4 -11.21 -1.20 -13.91
N GLY A 5 -10.23 -2.02 -13.83
CA GLY A 5 -10.26 -3.35 -14.35
C GLY A 5 -9.72 -4.19 -13.26
N LEU A 6 -8.62 -3.75 -12.77
CA LEU A 6 -8.04 -4.26 -11.58
C LEU A 6 -8.52 -3.30 -10.52
N GLN A 7 -8.92 -3.80 -9.39
CA GLN A 7 -9.51 -2.94 -8.39
C GLN A 7 -8.44 -2.25 -7.58
N PRO A 8 -8.44 -0.91 -7.59
CA PRO A 8 -7.46 -0.11 -6.88
C PRO A 8 -7.71 -0.03 -5.38
N TYR A 9 -6.89 -0.69 -4.65
CA TYR A 9 -6.87 -0.61 -3.21
C TYR A 9 -5.81 0.41 -2.83
N GLN A 10 -6.07 1.17 -1.82
CA GLN A 10 -5.12 2.18 -1.38
C GLN A 10 -4.57 1.71 -0.07
N VAL A 11 -3.31 1.43 -0.04
CA VAL A 11 -2.68 0.95 1.15
C VAL A 11 -1.83 2.06 1.70
N ARG A 12 -2.29 2.68 2.75
CA ARG A 12 -1.56 3.77 3.34
C ARG A 12 -0.81 3.33 4.59
N VAL A 13 0.48 3.33 4.47
CA VAL A 13 1.38 2.94 5.54
C VAL A 13 2.15 4.17 6.02
N ILE A 14 2.12 4.38 7.30
CA ILE A 14 2.84 5.46 7.91
C ILE A 14 4.10 4.88 8.56
N CYS A 15 5.26 5.40 8.23
CA CYS A 15 6.49 4.87 8.75
C CYS A 15 7.49 5.98 8.91
N ARG A 16 8.65 5.61 9.38
CA ARG A 16 9.79 6.53 9.46
C ARG A 16 10.21 6.92 8.03
N PRO A 17 10.71 8.15 7.83
CA PRO A 17 11.15 8.64 6.51
C PRO A 17 12.19 7.75 5.82
N LYS A 18 13.22 7.35 6.55
CA LYS A 18 14.27 6.48 5.99
C LYS A 18 13.72 5.09 5.72
N ALA A 19 12.55 4.80 6.26
CA ALA A 19 11.96 3.50 6.12
C ALA A 19 11.22 3.39 4.83
N GLU A 20 10.64 4.52 4.42
CA GLU A 20 9.85 4.68 3.20
C GLU A 20 10.52 4.03 2.04
N THR A 21 11.75 4.36 1.85
CA THR A 21 12.46 3.92 0.68
C THR A 21 12.65 2.37 0.65
N TYR A 22 12.84 1.73 1.80
CA TYR A 22 12.95 0.29 1.80
C TYR A 22 11.60 -0.40 1.90
N VAL A 23 10.62 0.26 2.51
CA VAL A 23 9.29 -0.31 2.62
C VAL A 23 8.65 -0.33 1.24
N ARG A 24 8.89 0.74 0.51
CA ARG A 24 8.41 0.92 -0.85
C ARG A 24 8.93 -0.20 -1.75
N ALA A 25 10.21 -0.48 -1.63
CA ALA A 25 10.84 -1.53 -2.43
C ALA A 25 10.22 -2.88 -2.08
N HIS A 26 9.98 -3.10 -0.80
CA HIS A 26 9.39 -4.34 -0.31
C HIS A 26 7.97 -4.50 -0.86
N ILE A 27 7.24 -3.39 -0.89
CA ILE A 27 5.89 -3.39 -1.43
C ILE A 27 5.91 -3.80 -2.88
N VAL A 28 6.81 -3.21 -3.65
CA VAL A 28 6.89 -3.50 -5.09
C VAL A 28 7.23 -4.97 -5.33
N GLN A 29 8.15 -5.49 -4.57
CA GLN A 29 8.57 -6.85 -4.73
C GLN A 29 7.49 -7.82 -4.33
N ARG A 30 6.82 -7.53 -3.25
CA ARG A 30 5.88 -8.48 -2.75
C ARG A 30 4.53 -8.35 -3.46
N THR A 31 4.29 -7.24 -4.11
CA THR A 31 3.09 -7.13 -4.90
C THR A 31 3.31 -7.83 -6.23
N SER A 32 4.54 -7.71 -6.75
CA SER A 32 4.91 -8.34 -8.00
C SER A 32 4.72 -9.85 -7.90
N SER A 33 5.18 -10.44 -6.80
CA SER A 33 5.06 -11.86 -6.59
C SER A 33 3.60 -12.29 -6.37
N ASN A 34 2.81 -11.43 -5.76
CA ASN A 34 1.46 -11.77 -5.33
C ASN A 34 0.38 -11.35 -6.32
N ASP A 35 0.76 -11.08 -7.58
CA ASP A 35 -0.20 -10.73 -8.70
C ASP A 35 -0.81 -9.35 -8.56
N ILE A 36 -0.27 -8.56 -7.70
CA ILE A 36 -0.81 -7.25 -7.47
C ILE A 36 -0.01 -6.25 -8.30
N THR A 37 -0.70 -5.46 -9.06
CA THR A 37 -0.06 -4.49 -9.91
C THR A 37 -0.11 -3.14 -9.19
N LEU A 38 0.86 -2.30 -9.37
CA LEU A 38 0.86 -1.03 -8.69
C LEU A 38 0.35 0.06 -9.59
N ARG A 39 -0.51 0.88 -9.04
CA ARG A 39 -1.03 2.05 -9.73
C ARG A 39 0.04 3.12 -9.59
N GLY A 40 0.54 3.19 -8.39
CA GLY A 40 1.59 4.10 -8.03
C GLY A 40 1.69 4.17 -6.55
N ILE A 41 2.74 4.78 -6.06
CA ILE A 41 2.93 4.93 -4.65
C ILE A 41 3.07 6.40 -4.35
N ARG A 42 2.12 6.91 -3.61
CA ARG A 42 2.08 8.29 -3.28
C ARG A 42 2.71 8.46 -1.92
N THR A 43 3.84 9.11 -1.88
CA THR A 43 4.53 9.31 -0.64
C THR A 43 4.43 10.78 -0.21
N GLY A 44 4.04 10.99 1.03
CA GLY A 44 3.93 12.31 1.57
C GLY A 44 4.27 12.34 3.04
N PRO A 45 4.78 13.48 3.57
CA PRO A 45 5.07 13.62 5.01
C PRO A 45 3.78 13.50 5.83
N ALA A 46 3.90 13.05 7.05
CA ALA A 46 2.72 12.86 7.86
C ALA A 46 2.72 13.71 9.13
N GLY A 47 3.82 14.37 9.41
CA GLY A 47 3.91 15.13 10.61
C GLY A 47 5.29 15.61 10.92
N ASP A 48 6.10 14.75 11.44
CA ASP A 48 7.44 15.15 11.87
C ASP A 48 8.47 14.17 11.42
N ASP A 49 8.41 12.98 11.99
CA ASP A 49 9.38 11.95 11.70
C ASP A 49 8.65 10.78 11.13
N ASN A 50 7.66 11.12 10.38
CA ASN A 50 6.83 10.17 9.71
C ASN A 50 6.48 10.59 8.34
N ILE A 51 6.23 9.62 7.56
CA ILE A 51 5.87 9.74 6.18
C ILE A 51 4.85 8.64 5.88
N THR A 52 3.88 8.94 5.06
CA THR A 52 2.89 7.98 4.70
C THR A 52 2.99 7.63 3.23
N LEU A 53 3.13 6.38 2.97
CA LEU A 53 3.17 5.88 1.63
C LEU A 53 1.83 5.31 1.33
N THR A 54 1.19 5.86 0.37
CA THR A 54 -0.04 5.29 -0.06
C THR A 54 0.24 4.53 -1.33
N ALA A 55 0.25 3.26 -1.22
CA ALA A 55 0.50 2.43 -2.32
C ALA A 55 -0.82 2.05 -2.90
N HIS A 56 -1.08 2.55 -4.06
CA HIS A 56 -2.29 2.28 -4.73
C HIS A 56 -2.07 1.03 -5.52
N LEU A 57 -2.68 -0.01 -5.11
CA LEU A 57 -2.45 -1.30 -5.68
C LEU A 57 -3.68 -1.74 -6.46
N LEU A 58 -3.45 -2.38 -7.55
CA LEU A 58 -4.49 -2.82 -8.41
C LEU A 58 -4.49 -4.34 -8.39
N MET A 59 -5.53 -4.93 -7.87
CA MET A 59 -5.62 -6.38 -7.81
C MET A 59 -6.85 -6.86 -8.53
N VAL A 60 -6.68 -7.93 -9.28
CA VAL A 60 -7.76 -8.53 -10.05
C VAL A 60 -8.68 -9.27 -9.10
N GLY A 61 -9.96 -9.02 -9.22
CA GLY A 61 -10.94 -9.71 -8.42
C GLY A 61 -11.06 -9.12 -7.05
N HIS A 62 -10.61 -9.89 -6.07
CA HIS A 62 -10.62 -9.53 -4.66
C HIS A 62 -10.10 -10.72 -3.86
N THR A 63 -8.85 -10.68 -3.55
CA THR A 63 -8.25 -11.69 -2.73
C THR A 63 -7.79 -11.05 -1.41
N PRO A 64 -8.70 -10.86 -0.44
CA PRO A 64 -8.39 -10.16 0.82
C PRO A 64 -7.41 -10.91 1.70
N ALA A 65 -7.30 -12.20 1.52
CA ALA A 65 -6.45 -13.04 2.36
C ALA A 65 -4.98 -12.64 2.25
N LYS A 66 -4.48 -12.59 1.04
CA LYS A 66 -3.09 -12.25 0.83
C LYS A 66 -2.84 -10.79 1.11
N LEU A 67 -3.87 -9.98 0.97
CA LEU A 67 -3.78 -8.57 1.23
C LEU A 67 -3.67 -8.32 2.73
N GLU A 68 -4.48 -9.03 3.51
CA GLU A 68 -4.47 -8.92 4.97
C GLU A 68 -3.14 -9.35 5.54
N ARG A 69 -2.58 -10.41 4.99
CA ARG A 69 -1.29 -10.87 5.45
C ARG A 69 -0.20 -9.89 5.05
N LEU A 70 -0.31 -9.39 3.84
CA LEU A 70 0.65 -8.44 3.30
C LEU A 70 0.73 -7.22 4.16
N VAL A 71 -0.41 -6.65 4.51
CA VAL A 71 -0.40 -5.43 5.28
C VAL A 71 0.06 -5.67 6.71
N ALA A 72 -0.22 -6.85 7.21
CA ALA A 72 0.19 -7.21 8.55
C ALA A 72 1.69 -7.35 8.62
N GLU A 73 2.30 -8.00 7.64
CA GLU A 73 3.73 -8.17 7.68
C GLU A 73 4.46 -6.93 7.21
N LEU A 74 3.76 -6.11 6.46
CA LEU A 74 4.29 -4.85 6.01
C LEU A 74 4.38 -3.91 7.20
N SER A 75 3.37 -3.90 8.04
CA SER A 75 3.41 -3.06 9.20
C SER A 75 4.31 -3.65 10.28
N LEU A 76 4.50 -4.97 10.23
CA LEU A 76 5.36 -5.68 11.17
C LEU A 76 6.83 -5.40 10.87
N GLN A 77 7.10 -4.86 9.67
CA GLN A 77 8.43 -4.42 9.29
C GLN A 77 8.85 -3.29 10.24
N PRO A 78 9.88 -3.50 11.09
CA PRO A 78 10.32 -2.52 12.08
C PRO A 78 10.73 -1.20 11.44
N GLY A 79 9.91 -0.22 11.68
CA GLY A 79 10.09 1.10 11.13
C GLY A 79 8.77 1.70 10.73
N VAL A 80 7.82 0.82 10.52
CA VAL A 80 6.47 1.19 10.21
C VAL A 80 5.68 1.45 11.49
N TYR A 81 4.94 2.53 11.50
CA TYR A 81 4.11 2.89 12.63
C TYR A 81 2.84 2.07 12.56
N ALA A 82 2.22 2.10 11.39
CA ALA A 82 0.95 1.41 11.15
C ALA A 82 0.62 1.41 9.67
N VAL A 83 -0.35 0.64 9.29
CA VAL A 83 -0.81 0.57 7.92
C VAL A 83 -2.32 0.37 7.91
N HIS A 84 -2.97 0.81 6.88
CA HIS A 84 -4.37 0.56 6.69
C HIS A 84 -4.67 0.59 5.20
N TRP A 85 -5.40 -0.38 4.71
CA TRP A 85 -5.79 -0.38 3.33
C TRP A 85 -7.24 -0.06 3.20
N TYR A 86 -7.57 0.48 2.10
CA TYR A 86 -8.90 0.84 1.80
C TYR A 86 -9.14 0.46 0.34
N ALA A 87 -10.34 0.08 0.02
CA ALA A 87 -10.67 -0.30 -1.34
C ALA A 87 -10.83 0.92 -2.24
N GLY A 88 -11.12 0.65 -3.51
CA GLY A 88 -11.39 1.68 -4.52
C GLY A 88 -12.17 2.87 -4.01
N GLU A 89 -11.49 3.98 -3.98
CA GLU A 89 -12.02 5.24 -3.50
C GLU A 89 -13.13 5.73 -4.42
N HIS A 90 -12.82 5.77 -5.69
CA HIS A 90 -13.79 6.11 -6.74
C HIS A 90 -14.29 4.86 -7.42
N ALA A 91 -13.71 3.74 -7.06
CA ALA A 91 -14.06 2.50 -7.66
C ALA A 91 -14.70 1.60 -6.64
N GLN A 92 -15.98 1.79 -6.46
CA GLN A 92 -16.78 0.98 -5.54
C GLN A 92 -16.76 -0.47 -5.98
N ALA A 93 -16.07 -1.29 -5.22
CA ALA A 93 -15.94 -2.68 -5.53
C ALA A 93 -17.24 -3.40 -5.27
N GLU A 94 -17.48 -4.38 -6.05
CA GLU A 94 -18.67 -5.17 -5.93
C GLU A 94 -18.37 -6.38 -5.10
N VAL A 1 -7.62 6.24 -15.75
CA VAL A 1 -7.35 4.84 -15.43
C VAL A 1 -8.63 4.07 -15.64
N GLU A 2 -8.62 3.17 -16.58
CA GLU A 2 -9.83 2.42 -16.97
C GLU A 2 -9.50 0.96 -16.97
N ASP A 3 -8.77 0.62 -16.00
CA ASP A 3 -8.24 -0.72 -15.84
C ASP A 3 -9.12 -1.43 -14.82
N GLU A 4 -10.39 -1.51 -15.17
CA GLU A 4 -11.45 -1.98 -14.26
C GLU A 4 -11.57 -3.48 -14.26
N GLY A 5 -10.48 -4.09 -14.40
CA GLY A 5 -10.37 -5.51 -14.36
C GLY A 5 -9.75 -5.90 -13.05
N LEU A 6 -9.31 -4.89 -12.32
CA LEU A 6 -8.75 -5.03 -11.04
C LEU A 6 -9.35 -3.90 -10.23
N GLN A 7 -9.43 -4.06 -8.94
CA GLN A 7 -9.99 -3.05 -8.09
C GLN A 7 -8.88 -2.27 -7.48
N PRO A 8 -8.99 -0.94 -7.51
CA PRO A 8 -8.02 -0.10 -6.85
C PRO A 8 -8.15 -0.22 -5.34
N TYR A 9 -7.10 -0.67 -4.74
CA TYR A 9 -7.00 -0.75 -3.31
C TYR A 9 -5.85 0.09 -2.91
N GLN A 10 -5.98 0.84 -1.89
CA GLN A 10 -4.88 1.63 -1.44
C GLN A 10 -4.50 1.25 -0.06
N VAL A 11 -3.26 0.90 0.08
CA VAL A 11 -2.72 0.50 1.33
C VAL A 11 -1.82 1.62 1.79
N ARG A 12 -2.19 2.25 2.85
CA ARG A 12 -1.50 3.39 3.34
C ARG A 12 -0.78 3.06 4.62
N VAL A 13 0.53 3.13 4.57
CA VAL A 13 1.38 2.79 5.69
C VAL A 13 2.20 4.01 6.14
N ILE A 14 2.10 4.31 7.40
CA ILE A 14 2.83 5.38 8.02
C ILE A 14 4.07 4.80 8.69
N CYS A 15 5.22 5.26 8.30
CA CYS A 15 6.45 4.72 8.79
C CYS A 15 7.42 5.83 9.08
N ARG A 16 8.56 5.49 9.64
CA ARG A 16 9.66 6.44 9.88
C ARG A 16 10.13 6.99 8.50
N PRO A 17 10.78 8.18 8.42
CA PRO A 17 11.14 8.75 7.13
C PRO A 17 12.21 7.94 6.41
N LYS A 18 13.04 7.27 7.18
CA LYS A 18 14.09 6.44 6.64
C LYS A 18 13.55 5.06 6.26
N ALA A 19 12.29 4.82 6.61
CA ALA A 19 11.68 3.55 6.36
C ALA A 19 11.09 3.49 4.99
N GLU A 20 10.61 4.64 4.51
CA GLU A 20 9.96 4.81 3.21
C GLU A 20 10.73 4.13 2.11
N THR A 21 12.02 4.33 2.13
CA THR A 21 12.86 3.84 1.09
C THR A 21 12.90 2.30 1.02
N TYR A 22 12.90 1.63 2.16
CA TYR A 22 12.87 0.19 2.14
C TYR A 22 11.45 -0.36 2.09
N VAL A 23 10.50 0.41 2.60
CA VAL A 23 9.09 0.02 2.56
C VAL A 23 8.59 0.06 1.12
N ARG A 24 9.01 1.05 0.38
CA ARG A 24 8.65 1.21 -1.03
C ARG A 24 9.09 -0.01 -1.84
N ALA A 25 10.31 -0.47 -1.55
CA ALA A 25 10.87 -1.64 -2.20
C ALA A 25 10.08 -2.87 -1.79
N HIS A 26 9.75 -2.93 -0.53
CA HIS A 26 9.02 -4.04 0.02
C HIS A 26 7.60 -4.10 -0.56
N ILE A 27 6.99 -2.94 -0.76
CA ILE A 27 5.68 -2.86 -1.36
C ILE A 27 5.72 -3.40 -2.78
N VAL A 28 6.69 -2.98 -3.57
CA VAL A 28 6.74 -3.42 -4.96
C VAL A 28 7.03 -4.93 -5.05
N GLN A 29 7.85 -5.42 -4.16
CA GLN A 29 8.17 -6.83 -4.13
C GLN A 29 6.97 -7.66 -3.69
N ARG A 30 6.33 -7.22 -2.61
CA ARG A 30 5.23 -7.99 -2.08
C ARG A 30 4.01 -7.93 -2.97
N THR A 31 3.83 -6.84 -3.66
CA THR A 31 2.72 -6.75 -4.57
C THR A 31 2.95 -7.64 -5.79
N SER A 32 4.17 -7.62 -6.33
CA SER A 32 4.49 -8.39 -7.51
C SER A 32 4.39 -9.89 -7.23
N SER A 33 4.78 -10.27 -6.02
CA SER A 33 4.74 -11.65 -5.63
C SER A 33 3.30 -12.07 -5.24
N ASN A 34 2.48 -11.12 -4.84
CA ASN A 34 1.11 -11.42 -4.40
C ASN A 34 0.06 -11.15 -5.47
N ASP A 35 0.52 -10.99 -6.72
CA ASP A 35 -0.36 -10.77 -7.92
C ASP A 35 -1.08 -9.43 -7.86
N ILE A 36 -0.51 -8.51 -7.14
CA ILE A 36 -1.09 -7.20 -6.96
C ILE A 36 -0.31 -6.23 -7.86
N THR A 37 -1.00 -5.48 -8.65
CA THR A 37 -0.36 -4.54 -9.54
C THR A 37 -0.34 -3.16 -8.87
N LEU A 38 0.69 -2.39 -9.11
CA LEU A 38 0.75 -1.05 -8.56
C LEU A 38 0.05 -0.10 -9.49
N ARG A 39 -0.63 0.86 -8.92
CA ARG A 39 -1.24 1.91 -9.68
C ARG A 39 -0.29 3.09 -9.50
N GLY A 40 -0.03 3.40 -8.27
CA GLY A 40 0.91 4.45 -7.93
C GLY A 40 1.05 4.56 -6.45
N ILE A 41 2.12 5.13 -6.01
CA ILE A 41 2.39 5.26 -4.59
C ILE A 41 2.63 6.73 -4.25
N ARG A 42 1.79 7.29 -3.44
CA ARG A 42 1.94 8.67 -3.05
C ARG A 42 2.54 8.69 -1.66
N THR A 43 3.71 9.25 -1.56
CA THR A 43 4.41 9.30 -0.32
C THR A 43 4.50 10.73 0.19
N GLY A 44 4.18 10.94 1.45
CA GLY A 44 4.24 12.25 1.99
C GLY A 44 4.67 12.26 3.45
N PRO A 45 5.53 13.21 3.85
CA PRO A 45 5.96 13.37 5.24
C PRO A 45 4.80 13.85 6.12
N ALA A 46 4.82 13.50 7.38
CA ALA A 46 3.75 13.88 8.28
C ALA A 46 4.21 14.90 9.33
N GLY A 47 5.45 15.30 9.24
CA GLY A 47 5.96 16.32 10.11
C GLY A 47 7.08 15.84 11.00
N ASP A 48 6.69 15.19 12.09
CA ASP A 48 7.57 14.71 13.18
C ASP A 48 8.78 13.96 12.65
N ASP A 49 8.57 12.73 12.32
CA ASP A 49 9.54 11.86 11.69
C ASP A 49 8.83 10.64 11.25
N ASN A 50 7.99 10.89 10.33
CA ASN A 50 7.14 9.93 9.71
C ASN A 50 6.77 10.32 8.35
N ILE A 51 6.59 9.34 7.58
CA ILE A 51 6.25 9.47 6.20
C ILE A 51 5.20 8.41 5.90
N THR A 52 4.14 8.80 5.29
CA THR A 52 3.08 7.89 5.00
C THR A 52 3.05 7.63 3.50
N LEU A 53 3.06 6.38 3.13
CA LEU A 53 2.97 5.98 1.76
C LEU A 53 1.61 5.40 1.50
N THR A 54 0.88 5.99 0.61
CA THR A 54 -0.37 5.43 0.22
C THR A 54 -0.16 4.74 -1.13
N ALA A 55 -0.16 3.44 -1.09
CA ALA A 55 0.09 2.68 -2.25
C ALA A 55 -1.20 2.28 -2.89
N HIS A 56 -1.48 2.88 -4.01
CA HIS A 56 -2.65 2.59 -4.76
C HIS A 56 -2.32 1.42 -5.61
N LEU A 57 -3.03 0.38 -5.42
CA LEU A 57 -2.80 -0.87 -6.05
C LEU A 57 -4.00 -1.25 -6.86
N LEU A 58 -3.80 -2.13 -7.77
CA LEU A 58 -4.85 -2.73 -8.54
C LEU A 58 -4.73 -4.22 -8.28
N MET A 59 -5.71 -4.80 -7.69
CA MET A 59 -5.64 -6.19 -7.32
C MET A 59 -6.71 -6.96 -8.10
N VAL A 60 -6.38 -8.18 -8.51
CA VAL A 60 -7.23 -9.00 -9.36
C VAL A 60 -8.48 -9.46 -8.60
N GLY A 61 -9.63 -8.97 -9.04
CA GLY A 61 -10.88 -9.20 -8.35
C GLY A 61 -10.78 -8.78 -6.90
N HIS A 62 -10.91 -9.73 -6.02
CA HIS A 62 -10.79 -9.50 -4.63
C HIS A 62 -10.34 -10.76 -3.94
N THR A 63 -9.08 -10.86 -3.76
CA THR A 63 -8.49 -11.91 -3.03
C THR A 63 -7.78 -11.30 -1.81
N PRO A 64 -8.55 -11.07 -0.72
CA PRO A 64 -8.08 -10.35 0.47
C PRO A 64 -6.89 -10.99 1.14
N ALA A 65 -6.76 -12.29 1.02
CA ALA A 65 -5.67 -13.00 1.68
C ALA A 65 -4.31 -12.46 1.26
N LYS A 66 -4.11 -12.32 -0.02
CA LYS A 66 -2.83 -11.86 -0.53
C LYS A 66 -2.63 -10.37 -0.28
N LEU A 67 -3.72 -9.66 -0.11
CA LEU A 67 -3.68 -8.24 0.15
C LEU A 67 -3.42 -7.99 1.62
N GLU A 68 -4.08 -8.74 2.46
CA GLU A 68 -3.96 -8.57 3.88
C GLU A 68 -2.63 -9.13 4.40
N ARG A 69 -2.08 -10.10 3.67
CA ARG A 69 -0.75 -10.60 3.99
C ARG A 69 0.30 -9.57 3.62
N LEU A 70 0.01 -8.79 2.56
CA LEU A 70 0.85 -7.64 2.20
C LEU A 70 0.82 -6.66 3.36
N VAL A 71 -0.38 -6.35 3.81
CA VAL A 71 -0.60 -5.45 4.94
C VAL A 71 0.11 -5.98 6.20
N ALA A 72 0.08 -7.29 6.40
CA ALA A 72 0.75 -7.93 7.53
C ALA A 72 2.27 -7.79 7.45
N GLU A 73 2.80 -7.84 6.25
CA GLU A 73 4.23 -7.65 6.07
C GLU A 73 4.60 -6.21 6.27
N LEU A 74 3.77 -5.32 5.79
CA LEU A 74 4.01 -3.90 5.93
C LEU A 74 3.92 -3.47 7.37
N SER A 75 2.93 -3.96 8.08
CA SER A 75 2.73 -3.56 9.45
C SER A 75 3.83 -4.12 10.38
N LEU A 76 4.32 -5.31 10.06
CA LEU A 76 5.35 -5.94 10.83
C LEU A 76 6.76 -5.60 10.35
N GLN A 77 6.84 -4.81 9.30
CA GLN A 77 8.09 -4.31 8.80
C GLN A 77 8.68 -3.33 9.81
N PRO A 78 9.87 -3.63 10.34
CA PRO A 78 10.60 -2.75 11.26
C PRO A 78 10.74 -1.33 10.71
N GLY A 79 10.06 -0.41 11.36
CA GLY A 79 10.14 0.99 10.98
C GLY A 79 8.78 1.62 10.77
N VAL A 80 7.76 0.78 10.76
CA VAL A 80 6.39 1.19 10.54
C VAL A 80 5.63 1.51 11.85
N TYR A 81 4.84 2.57 11.81
CA TYR A 81 3.96 2.97 12.90
C TYR A 81 2.67 2.18 12.79
N ALA A 82 2.06 2.25 11.61
CA ALA A 82 0.76 1.64 11.36
C ALA A 82 0.49 1.57 9.87
N VAL A 83 -0.52 0.83 9.50
CA VAL A 83 -0.93 0.70 8.11
C VAL A 83 -2.43 0.43 8.04
N HIS A 84 -3.07 0.93 7.01
CA HIS A 84 -4.48 0.71 6.79
C HIS A 84 -4.72 0.57 5.29
N TRP A 85 -5.74 -0.15 4.89
CA TRP A 85 -6.07 -0.26 3.48
C TRP A 85 -7.49 0.10 3.25
N TYR A 86 -7.71 0.65 2.12
CA TYR A 86 -9.02 1.11 1.73
C TYR A 86 -9.28 0.69 0.28
N ALA A 87 -10.49 0.25 0.01
CA ALA A 87 -10.89 -0.12 -1.32
C ALA A 87 -11.40 1.12 -2.01
N GLY A 88 -10.91 1.37 -3.19
CA GLY A 88 -11.21 2.59 -3.86
C GLY A 88 -9.96 3.43 -4.01
N GLU A 89 -9.98 4.37 -4.91
CA GLU A 89 -8.80 5.17 -5.20
C GLU A 89 -8.88 6.56 -4.59
N HIS A 90 -10.04 6.93 -4.11
CA HIS A 90 -10.20 8.22 -3.47
C HIS A 90 -9.65 8.15 -2.07
N ALA A 91 -8.56 8.84 -1.83
CA ALA A 91 -7.87 8.80 -0.53
C ALA A 91 -8.46 9.81 0.43
N GLN A 92 -9.74 9.90 0.36
CA GLN A 92 -10.57 10.81 1.13
C GLN A 92 -11.96 10.26 1.20
N ALA A 93 -12.38 9.91 2.39
CA ALA A 93 -13.70 9.35 2.64
C ALA A 93 -13.97 9.35 4.09
N GLU A 94 -13.03 8.89 4.72
CA GLU A 94 -13.01 8.73 6.14
C GLU A 94 -11.55 8.70 6.56
N VAL A 1 -6.11 2.52 -21.21
CA VAL A 1 -6.75 1.26 -20.84
C VAL A 1 -7.53 1.48 -19.57
N GLU A 2 -8.46 0.62 -19.29
CA GLU A 2 -9.22 0.69 -18.08
C GLU A 2 -8.75 -0.41 -17.17
N ASP A 3 -8.46 -0.08 -15.95
CA ASP A 3 -7.91 -1.07 -15.03
C ASP A 3 -8.94 -1.52 -14.07
N GLU A 4 -10.12 -1.52 -14.55
CA GLU A 4 -11.29 -1.86 -13.75
C GLU A 4 -11.62 -3.33 -13.86
N GLY A 5 -10.57 -4.07 -13.87
CA GLY A 5 -10.62 -5.49 -13.86
C GLY A 5 -9.84 -5.99 -12.68
N LEU A 6 -9.22 -5.06 -12.00
CA LEU A 6 -8.47 -5.31 -10.84
C LEU A 6 -9.06 -4.42 -9.78
N GLN A 7 -8.99 -4.81 -8.54
CA GLN A 7 -9.53 -3.98 -7.49
C GLN A 7 -8.52 -2.99 -6.97
N PRO A 8 -8.81 -1.69 -7.13
CA PRO A 8 -7.98 -0.63 -6.62
C PRO A 8 -8.04 -0.56 -5.12
N TYR A 9 -6.93 -0.74 -4.54
CA TYR A 9 -6.77 -0.61 -3.12
C TYR A 9 -5.83 0.49 -2.82
N GLN A 10 -6.04 1.18 -1.74
CA GLN A 10 -5.12 2.20 -1.35
C GLN A 10 -4.72 1.88 0.05
N VAL A 11 -3.49 1.58 0.22
CA VAL A 11 -2.99 1.26 1.52
C VAL A 11 -2.11 2.38 2.01
N ARG A 12 -2.46 2.91 3.14
CA ARG A 12 -1.71 3.99 3.70
C ARG A 12 -0.96 3.48 4.90
N VAL A 13 0.32 3.47 4.76
CA VAL A 13 1.19 3.03 5.80
C VAL A 13 2.07 4.18 6.26
N ILE A 14 2.01 4.49 7.51
CA ILE A 14 2.81 5.53 8.07
C ILE A 14 4.01 4.92 8.78
N CYS A 15 5.17 5.20 8.28
CA CYS A 15 6.38 4.64 8.82
C CYS A 15 7.42 5.71 8.92
N ARG A 16 8.47 5.41 9.62
CA ARG A 16 9.60 6.33 9.70
C ARG A 16 10.23 6.49 8.31
N PRO A 17 10.74 7.70 7.97
CA PRO A 17 11.25 7.99 6.61
C PRO A 17 12.45 7.14 6.25
N LYS A 18 13.14 6.66 7.26
CA LYS A 18 14.30 5.84 7.07
C LYS A 18 13.90 4.39 6.80
N ALA A 19 12.63 4.11 6.90
CA ALA A 19 12.10 2.81 6.60
C ALA A 19 11.49 2.84 5.22
N GLU A 20 10.88 4.00 4.86
CA GLU A 20 10.24 4.26 3.55
C GLU A 20 11.11 3.80 2.42
N THR A 21 12.40 3.98 2.58
CA THR A 21 13.35 3.64 1.58
C THR A 21 13.29 2.16 1.19
N TYR A 22 13.39 1.28 2.17
CA TYR A 22 13.36 -0.12 1.87
C TYR A 22 11.94 -0.66 1.84
N VAL A 23 11.04 0.02 2.52
CA VAL A 23 9.66 -0.38 2.57
C VAL A 23 9.00 -0.16 1.22
N ARG A 24 9.33 0.95 0.55
CA ARG A 24 8.77 1.25 -0.76
C ARG A 24 9.17 0.17 -1.76
N ALA A 25 10.44 -0.21 -1.72
CA ALA A 25 10.97 -1.24 -2.59
C ALA A 25 10.31 -2.58 -2.28
N HIS A 26 10.11 -2.83 -1.00
CA HIS A 26 9.45 -4.04 -0.56
C HIS A 26 8.02 -4.07 -1.08
N ILE A 27 7.32 -2.95 -0.97
CA ILE A 27 5.93 -2.84 -1.42
C ILE A 27 5.84 -3.20 -2.88
N VAL A 28 6.71 -2.63 -3.68
CA VAL A 28 6.66 -2.86 -5.12
C VAL A 28 6.91 -4.32 -5.46
N GLN A 29 7.83 -4.92 -4.78
CA GLN A 29 8.16 -6.30 -5.07
C GLN A 29 7.11 -7.23 -4.50
N ARG A 30 6.61 -6.90 -3.33
CA ARG A 30 5.69 -7.75 -2.65
C ARG A 30 4.33 -7.69 -3.30
N THR A 31 3.96 -6.55 -3.83
CA THR A 31 2.69 -6.46 -4.46
C THR A 31 2.71 -7.14 -5.82
N SER A 32 3.79 -6.95 -6.56
CA SER A 32 3.87 -7.50 -7.91
C SER A 32 3.90 -9.03 -7.88
N SER A 33 4.50 -9.58 -6.83
CA SER A 33 4.60 -11.00 -6.68
C SER A 33 3.24 -11.61 -6.26
N ASN A 34 2.44 -10.85 -5.53
CA ASN A 34 1.19 -11.34 -4.98
C ASN A 34 -0.03 -10.93 -5.77
N ASP A 35 0.11 -10.90 -7.10
CA ASP A 35 -1.03 -10.65 -8.07
C ASP A 35 -1.48 -9.22 -8.04
N ILE A 36 -0.69 -8.36 -7.48
CA ILE A 36 -1.05 -6.99 -7.39
C ILE A 36 -0.21 -6.16 -8.35
N THR A 37 -0.84 -5.30 -9.04
CA THR A 37 -0.22 -4.38 -9.93
C THR A 37 -0.28 -3.01 -9.25
N LEU A 38 0.70 -2.18 -9.46
CA LEU A 38 0.69 -0.90 -8.78
C LEU A 38 0.05 0.16 -9.62
N ARG A 39 -0.66 1.04 -8.97
CA ARG A 39 -1.32 2.14 -9.62
C ARG A 39 -0.48 3.39 -9.40
N GLY A 40 0.12 3.49 -8.24
CA GLY A 40 0.99 4.58 -7.92
C GLY A 40 1.25 4.63 -6.45
N ILE A 41 2.23 5.40 -6.05
CA ILE A 41 2.58 5.51 -4.64
C ILE A 41 2.72 6.97 -4.26
N ARG A 42 1.82 7.44 -3.45
CA ARG A 42 1.85 8.80 -2.97
C ARG A 42 2.55 8.81 -1.61
N THR A 43 3.69 9.42 -1.57
CA THR A 43 4.50 9.46 -0.39
C THR A 43 4.42 10.85 0.26
N GLY A 44 4.01 10.92 1.51
CA GLY A 44 3.90 12.20 2.17
C GLY A 44 4.44 12.20 3.60
N PRO A 45 5.43 13.05 3.91
CA PRO A 45 5.96 13.19 5.27
C PRO A 45 4.96 13.94 6.16
N ALA A 46 4.79 13.46 7.38
CA ALA A 46 3.82 14.09 8.27
C ALA A 46 4.45 15.15 9.17
N GLY A 47 5.76 15.27 9.12
CA GLY A 47 6.43 16.27 9.88
C GLY A 47 7.48 15.74 10.85
N ASP A 48 7.04 14.99 11.85
CA ASP A 48 7.95 14.51 12.92
C ASP A 48 9.08 13.61 12.43
N ASP A 49 8.77 12.38 12.21
CA ASP A 49 9.72 11.37 11.75
C ASP A 49 8.91 10.25 11.18
N ASN A 50 8.10 10.61 10.24
CA ASN A 50 7.16 9.72 9.63
C ASN A 50 6.66 10.17 8.32
N ILE A 51 6.45 9.21 7.50
CA ILE A 51 6.02 9.38 6.16
C ILE A 51 4.91 8.37 5.91
N THR A 52 3.82 8.83 5.37
CA THR A 52 2.73 8.00 5.03
C THR A 52 2.78 7.68 3.55
N LEU A 53 2.94 6.43 3.24
CA LEU A 53 2.94 5.99 1.88
C LEU A 53 1.56 5.52 1.55
N THR A 54 0.94 6.16 0.63
CA THR A 54 -0.32 5.73 0.14
C THR A 54 -0.05 4.98 -1.15
N ALA A 55 -0.15 3.69 -1.08
CA ALA A 55 0.10 2.89 -2.22
C ALA A 55 -1.19 2.51 -2.85
N HIS A 56 -1.37 2.95 -4.05
CA HIS A 56 -2.52 2.66 -4.83
C HIS A 56 -2.19 1.38 -5.57
N LEU A 57 -2.91 0.37 -5.31
CA LEU A 57 -2.65 -0.94 -5.83
C LEU A 57 -3.86 -1.46 -6.57
N LEU A 58 -3.65 -2.40 -7.42
CA LEU A 58 -4.71 -3.04 -8.18
C LEU A 58 -4.45 -4.55 -8.11
N MET A 59 -5.34 -5.33 -7.55
CA MET A 59 -5.08 -6.78 -7.56
C MET A 59 -6.00 -7.45 -8.53
N VAL A 60 -5.56 -8.57 -9.06
CA VAL A 60 -6.36 -9.30 -10.02
C VAL A 60 -7.55 -9.91 -9.31
N GLY A 61 -8.72 -9.59 -9.79
CA GLY A 61 -9.92 -10.08 -9.19
C GLY A 61 -10.24 -9.33 -7.94
N HIS A 62 -10.30 -10.06 -6.85
CA HIS A 62 -10.67 -9.54 -5.53
C HIS A 62 -10.49 -10.63 -4.50
N THR A 63 -9.34 -10.67 -3.92
CA THR A 63 -9.06 -11.61 -2.88
C THR A 63 -8.23 -10.91 -1.79
N PRO A 64 -8.92 -10.25 -0.83
CA PRO A 64 -8.25 -9.48 0.21
C PRO A 64 -7.40 -10.32 1.17
N ALA A 65 -7.52 -11.64 1.10
CA ALA A 65 -6.74 -12.55 1.96
C ALA A 65 -5.24 -12.37 1.74
N LYS A 66 -4.82 -12.33 0.48
CA LYS A 66 -3.41 -12.14 0.16
C LYS A 66 -2.97 -10.73 0.51
N LEU A 67 -3.87 -9.79 0.37
CA LEU A 67 -3.61 -8.41 0.69
C LEU A 67 -3.38 -8.28 2.18
N GLU A 68 -4.27 -8.89 2.95
CA GLU A 68 -4.25 -8.87 4.41
C GLU A 68 -2.89 -9.37 4.91
N ARG A 69 -2.46 -10.47 4.35
CA ARG A 69 -1.23 -11.11 4.74
C ARG A 69 -0.03 -10.24 4.43
N LEU A 70 -0.07 -9.56 3.30
CA LEU A 70 1.05 -8.73 2.95
C LEU A 70 1.00 -7.41 3.69
N VAL A 71 -0.19 -6.93 4.02
CA VAL A 71 -0.33 -5.71 4.79
C VAL A 71 0.18 -5.93 6.22
N ALA A 72 -0.03 -7.12 6.75
CA ALA A 72 0.45 -7.45 8.08
C ALA A 72 1.97 -7.51 8.09
N GLU A 73 2.53 -8.12 7.07
CA GLU A 73 3.97 -8.22 6.92
C GLU A 73 4.59 -6.85 6.63
N LEU A 74 3.90 -6.04 5.86
CA LEU A 74 4.36 -4.71 5.53
C LEU A 74 4.37 -3.83 6.79
N SER A 75 3.37 -3.99 7.63
CA SER A 75 3.32 -3.21 8.84
C SER A 75 4.25 -3.78 9.93
N LEU A 76 4.61 -5.04 9.77
CA LEU A 76 5.54 -5.73 10.64
C LEU A 76 6.98 -5.27 10.36
N GLN A 77 7.19 -4.74 9.16
CA GLN A 77 8.48 -4.17 8.78
C GLN A 77 8.91 -3.08 9.76
N PRO A 78 10.18 -3.09 10.17
CA PRO A 78 10.69 -2.20 11.20
C PRO A 78 10.63 -0.73 10.84
N GLY A 79 9.76 -0.05 11.51
CA GLY A 79 9.66 1.38 11.34
C GLY A 79 8.26 1.86 11.12
N VAL A 80 7.36 0.93 10.89
CA VAL A 80 5.97 1.26 10.68
C VAL A 80 5.29 1.63 11.99
N TYR A 81 4.58 2.74 11.98
CA TYR A 81 3.79 3.17 13.12
C TYR A 81 2.45 2.48 13.06
N ALA A 82 1.79 2.63 11.93
CA ALA A 82 0.45 2.10 11.73
C ALA A 82 0.18 1.95 10.25
N VAL A 83 -0.88 1.25 9.93
CA VAL A 83 -1.27 1.03 8.56
C VAL A 83 -2.80 0.95 8.49
N HIS A 84 -3.37 1.48 7.43
CA HIS A 84 -4.79 1.41 7.21
C HIS A 84 -5.05 1.38 5.71
N TRP A 85 -5.98 0.59 5.24
CA TRP A 85 -6.23 0.50 3.82
C TRP A 85 -7.68 0.70 3.47
N TYR A 86 -7.88 1.08 2.25
CA TYR A 86 -9.19 1.32 1.68
C TYR A 86 -9.32 0.63 0.34
N ALA A 87 -10.52 0.32 -0.02
CA ALA A 87 -10.81 -0.26 -1.29
C ALA A 87 -11.58 0.72 -2.14
N GLY A 88 -11.21 0.81 -3.37
CA GLY A 88 -11.88 1.69 -4.29
C GLY A 88 -10.92 2.67 -4.93
N GLU A 89 -11.32 3.17 -6.09
CA GLU A 89 -10.51 4.12 -6.87
C GLU A 89 -10.38 5.40 -6.07
N HIS A 90 -11.48 5.82 -5.53
CA HIS A 90 -11.56 7.03 -4.74
C HIS A 90 -11.93 6.65 -3.29
N ALA A 91 -11.82 5.36 -3.02
CA ALA A 91 -12.17 4.77 -1.72
C ALA A 91 -13.62 5.06 -1.37
N GLN A 92 -14.50 4.55 -2.20
CA GLN A 92 -15.91 4.69 -2.00
C GLN A 92 -16.42 3.66 -1.03
N ALA A 93 -16.88 4.12 0.09
CA ALA A 93 -17.46 3.30 1.13
C ALA A 93 -18.35 4.20 1.93
N GLU A 94 -19.48 3.73 2.33
CA GLU A 94 -20.41 4.55 3.04
C GLU A 94 -21.19 3.68 4.00
#